data_1L1Q
# 
_entry.id   1L1Q 
# 
_audit_conform.dict_name       mmcif_pdbx.dic 
_audit_conform.dict_version    5.376 
_audit_conform.dict_location   http://mmcif.pdb.org/dictionaries/ascii/mmcif_pdbx.dic 
# 
loop_
_database_2.database_id 
_database_2.database_code 
_database_2.pdbx_database_accession 
_database_2.pdbx_DOI 
PDB   1L1Q         pdb_00001l1q 10.2210/pdb1l1q/pdb 
RCSB  RCSB015564   ?            ?                   
WWPDB D_1000015564 ?            ?                   
# 
_pdbx_database_related.db_name        PDB 
_pdbx_database_related.db_id          1L1R 
_pdbx_database_related.details        'APRTase from Giardia lamblia complexed with 9-deazaadenine, Mg2+ and PRPP' 
_pdbx_database_related.content_type   unspecified 
# 
_pdbx_database_status.status_code                     REL 
_pdbx_database_status.entry_id                        1L1Q 
_pdbx_database_status.recvd_initial_deposition_date   2002-02-19 
_pdbx_database_status.deposit_site                    RCSB 
_pdbx_database_status.process_site                    RCSB 
_pdbx_database_status.SG_entry                        . 
_pdbx_database_status.pdb_format_compatible           Y 
_pdbx_database_status.status_code_mr                  ? 
_pdbx_database_status.status_code_sf                  ? 
_pdbx_database_status.status_code_cs                  ? 
_pdbx_database_status.status_code_nmr_data            ? 
_pdbx_database_status.methods_development_category    ? 
# 
loop_
_audit_author.name 
_audit_author.pdbx_ordinal 
'Shi, W.'       1 
'Sarver, A.E.'  2 
'Wang, C.C.'    3 
'Tanaka, K.S.'  4 
'Almo, S.C.'    5 
'Schramm, V.L.' 6 
# 
_citation.id                        primary 
_citation.title                     
;Closed Site Complexes of Adenine Phosphoribosyltransferase from Giardia lamblia  
Reveal a Mechanism of Ribosyl Migration.
;
_citation.journal_abbrev            J.Biol.Chem. 
_citation.journal_volume            277 
_citation.page_first                39981 
_citation.page_last                 39988 
_citation.year                      2002 
_citation.journal_id_ASTM           JBCHA3 
_citation.country                   US 
_citation.journal_id_ISSN           0021-9258 
_citation.journal_id_CSD            0071 
_citation.book_publisher            ? 
_citation.pdbx_database_id_PubMed   12171925 
_citation.pdbx_database_id_DOI      10.1074/jbc.M205596200 
# 
loop_
_citation_author.citation_id 
_citation_author.name 
_citation_author.ordinal 
_citation_author.identifier_ORCID 
primary 'Shi, W.'       1 ? 
primary 'Sarver, A.E.'  2 ? 
primary 'Wang, C.C.'    3 ? 
primary 'Tanaka, K.S.'  4 ? 
primary 'Almo, S.C.'    5 ? 
primary 'Schramm, V.L.' 6 ? 
# 
_cell.entry_id           1L1Q 
_cell.length_a           54.329 
_cell.length_b           54.329 
_cell.length_c           108.851 
_cell.angle_alpha        90 
_cell.angle_beta         90 
_cell.angle_gamma        120 
_cell.Z_PDB              6 
_cell.pdbx_unique_axis   ? 
# 
_symmetry.entry_id                         1L1Q 
_symmetry.space_group_name_H-M             'P 31 2 1' 
_symmetry.pdbx_full_space_group_name_H-M   ? 
_symmetry.cell_setting                     ? 
_symmetry.Int_Tables_number                152 
# 
loop_
_entity.id 
_entity.type 
_entity.src_method 
_entity.pdbx_description 
_entity.formula_weight 
_entity.pdbx_number_of_molecules 
_entity.pdbx_ec 
_entity.pdbx_mutation 
_entity.pdbx_fragment 
_entity.details 
1 polymer     man 'Adenine phosphoribosyltransferase' 20290.617 1  2.4.2.7 ? ? ? 
2 non-polymer syn 'SULFATE ION'                       96.063    3  ?       ? ? ? 
3 non-polymer syn 9-DEAZAADENINE                      134.139   1  ?       ? ? ? 
4 water       nat water                               18.015    89 ?       ? ? ? 
# 
_entity_poly.entity_id                      1 
_entity_poly.type                           'polypeptide(L)' 
_entity_poly.nstd_linkage                   no 
_entity_poly.nstd_monomer                   no 
_entity_poly.pdbx_seq_one_letter_code       
;MTMSVADAHALIKTIPDFPTKGIAFKDLSDILSTPAALDAVRKEVTAHYKDVPITKVVGIESRGFILGGIVANSLGVGFV
ALRKAGKLPGDVCKCTFDMEYQKGVTIEVQKRQLGPHDVVLLHDDVLATGGTLLAAIELCETAGVKPENIYINVLYEIEA
LKGREKVGQKCTRLFSVIREHHHHHH
;
_entity_poly.pdbx_seq_one_letter_code_can   
;MTMSVADAHALIKTIPDFPTKGIAFKDLSDILSTPAALDAVRKEVTAHYKDVPITKVVGIESRGFILGGIVANSLGVGFV
ALRKAGKLPGDVCKCTFDMEYQKGVTIEVQKRQLGPHDVVLLHDDVLATGGTLLAAIELCETAGVKPENIYINVLYEIEA
LKGREKVGQKCTRLFSVIREHHHHHH
;
_entity_poly.pdbx_strand_id                 A 
_entity_poly.pdbx_target_identifier         ? 
# 
loop_
_entity_poly_seq.entity_id 
_entity_poly_seq.num 
_entity_poly_seq.mon_id 
_entity_poly_seq.hetero 
1 1   MET n 
1 2   THR n 
1 3   MET n 
1 4   SER n 
1 5   VAL n 
1 6   ALA n 
1 7   ASP n 
1 8   ALA n 
1 9   HIS n 
1 10  ALA n 
1 11  LEU n 
1 12  ILE n 
1 13  LYS n 
1 14  THR n 
1 15  ILE n 
1 16  PRO n 
1 17  ASP n 
1 18  PHE n 
1 19  PRO n 
1 20  THR n 
1 21  LYS n 
1 22  GLY n 
1 23  ILE n 
1 24  ALA n 
1 25  PHE n 
1 26  LYS n 
1 27  ASP n 
1 28  LEU n 
1 29  SER n 
1 30  ASP n 
1 31  ILE n 
1 32  LEU n 
1 33  SER n 
1 34  THR n 
1 35  PRO n 
1 36  ALA n 
1 37  ALA n 
1 38  LEU n 
1 39  ASP n 
1 40  ALA n 
1 41  VAL n 
1 42  ARG n 
1 43  LYS n 
1 44  GLU n 
1 45  VAL n 
1 46  THR n 
1 47  ALA n 
1 48  HIS n 
1 49  TYR n 
1 50  LYS n 
1 51  ASP n 
1 52  VAL n 
1 53  PRO n 
1 54  ILE n 
1 55  THR n 
1 56  LYS n 
1 57  VAL n 
1 58  VAL n 
1 59  GLY n 
1 60  ILE n 
1 61  GLU n 
1 62  SER n 
1 63  ARG n 
1 64  GLY n 
1 65  PHE n 
1 66  ILE n 
1 67  LEU n 
1 68  GLY n 
1 69  GLY n 
1 70  ILE n 
1 71  VAL n 
1 72  ALA n 
1 73  ASN n 
1 74  SER n 
1 75  LEU n 
1 76  GLY n 
1 77  VAL n 
1 78  GLY n 
1 79  PHE n 
1 80  VAL n 
1 81  ALA n 
1 82  LEU n 
1 83  ARG n 
1 84  LYS n 
1 85  ALA n 
1 86  GLY n 
1 87  LYS n 
1 88  LEU n 
1 89  PRO n 
1 90  GLY n 
1 91  ASP n 
1 92  VAL n 
1 93  CYS n 
1 94  LYS n 
1 95  CYS n 
1 96  THR n 
1 97  PHE n 
1 98  ASP n 
1 99  MET n 
1 100 GLU n 
1 101 TYR n 
1 102 GLN n 
1 103 LYS n 
1 104 GLY n 
1 105 VAL n 
1 106 THR n 
1 107 ILE n 
1 108 GLU n 
1 109 VAL n 
1 110 GLN n 
1 111 LYS n 
1 112 ARG n 
1 113 GLN n 
1 114 LEU n 
1 115 GLY n 
1 116 PRO n 
1 117 HIS n 
1 118 ASP n 
1 119 VAL n 
1 120 VAL n 
1 121 LEU n 
1 122 LEU n 
1 123 HIS n 
1 124 ASP n 
1 125 ASP n 
1 126 VAL n 
1 127 LEU n 
1 128 ALA n 
1 129 THR n 
1 130 GLY n 
1 131 GLY n 
1 132 THR n 
1 133 LEU n 
1 134 LEU n 
1 135 ALA n 
1 136 ALA n 
1 137 ILE n 
1 138 GLU n 
1 139 LEU n 
1 140 CYS n 
1 141 GLU n 
1 142 THR n 
1 143 ALA n 
1 144 GLY n 
1 145 VAL n 
1 146 LYS n 
1 147 PRO n 
1 148 GLU n 
1 149 ASN n 
1 150 ILE n 
1 151 TYR n 
1 152 ILE n 
1 153 ASN n 
1 154 VAL n 
1 155 LEU n 
1 156 TYR n 
1 157 GLU n 
1 158 ILE n 
1 159 GLU n 
1 160 ALA n 
1 161 LEU n 
1 162 LYS n 
1 163 GLY n 
1 164 ARG n 
1 165 GLU n 
1 166 LYS n 
1 167 VAL n 
1 168 GLY n 
1 169 GLN n 
1 170 LYS n 
1 171 CYS n 
1 172 THR n 
1 173 ARG n 
1 174 LEU n 
1 175 PHE n 
1 176 SER n 
1 177 VAL n 
1 178 ILE n 
1 179 ARG n 
1 180 GLU n 
1 181 HIS n 
1 182 HIS n 
1 183 HIS n 
1 184 HIS n 
1 185 HIS n 
1 186 HIS n 
# 
_entity_src_gen.entity_id                          1 
_entity_src_gen.pdbx_src_id                        1 
_entity_src_gen.pdbx_alt_source_flag               sample 
_entity_src_gen.pdbx_seq_type                      ? 
_entity_src_gen.pdbx_beg_seq_num                   ? 
_entity_src_gen.pdbx_end_seq_num                   ? 
_entity_src_gen.gene_src_common_name               ? 
_entity_src_gen.gene_src_genus                     Giardia 
_entity_src_gen.pdbx_gene_src_gene                 ? 
_entity_src_gen.gene_src_species                   ? 
_entity_src_gen.gene_src_strain                    ? 
_entity_src_gen.gene_src_tissue                    ? 
_entity_src_gen.gene_src_tissue_fraction           ? 
_entity_src_gen.gene_src_details                   ? 
_entity_src_gen.pdbx_gene_src_fragment             ? 
_entity_src_gen.pdbx_gene_src_scientific_name      'Giardia intestinalis' 
_entity_src_gen.pdbx_gene_src_ncbi_taxonomy_id     5741 
_entity_src_gen.pdbx_gene_src_variant              ? 
_entity_src_gen.pdbx_gene_src_cell_line            ? 
_entity_src_gen.pdbx_gene_src_atcc                 ? 
_entity_src_gen.pdbx_gene_src_organ                ? 
_entity_src_gen.pdbx_gene_src_organelle            ? 
_entity_src_gen.pdbx_gene_src_cell                 ? 
_entity_src_gen.pdbx_gene_src_cellular_location    ? 
_entity_src_gen.host_org_common_name               ? 
_entity_src_gen.pdbx_host_org_scientific_name      'Escherichia coli' 
_entity_src_gen.pdbx_host_org_ncbi_taxonomy_id     562 
_entity_src_gen.host_org_genus                     Escherichia 
_entity_src_gen.pdbx_host_org_gene                 ? 
_entity_src_gen.pdbx_host_org_organ                ? 
_entity_src_gen.host_org_species                   ? 
_entity_src_gen.pdbx_host_org_tissue               ? 
_entity_src_gen.pdbx_host_org_tissue_fraction      ? 
_entity_src_gen.pdbx_host_org_strain               ? 
_entity_src_gen.pdbx_host_org_variant              ? 
_entity_src_gen.pdbx_host_org_cell_line            ? 
_entity_src_gen.pdbx_host_org_atcc                 ? 
_entity_src_gen.pdbx_host_org_culture_collection   ? 
_entity_src_gen.pdbx_host_org_cell                 ? 
_entity_src_gen.pdbx_host_org_organelle            ? 
_entity_src_gen.pdbx_host_org_cellular_location    ? 
_entity_src_gen.pdbx_host_org_vector_type          ? 
_entity_src_gen.pdbx_host_org_vector               ? 
_entity_src_gen.host_org_details                   ? 
_entity_src_gen.expression_system_id               ? 
_entity_src_gen.plasmid_name                       ? 
_entity_src_gen.plasmid_details                    ? 
_entity_src_gen.pdbx_description                   ? 
# 
_struct_ref.id                         1 
_struct_ref.db_name                    UNP 
_struct_ref.db_code                    Q967M2_GIALA 
_struct_ref.entity_id                  1 
_struct_ref.pdbx_seq_one_letter_code   
;MTMSVADAHALIKTIPDFPTKGIAFKDLSDILSTPAALDAVRKEVTAHYKDVPITKVVGIESRGFILGGIVANSLGVGFV
ALRKAGKLPGDVCKCTFDMEYQKGVTIEVQKRQLGPHDVVLLHDDVLATGGTLLAAIELCETAGVKPENIYINVLYEIEA
LKGREKVGQKCTRLFSVIRE
;
_struct_ref.pdbx_align_begin           1 
_struct_ref.pdbx_db_accession          Q967M2 
_struct_ref.pdbx_db_isoform            ? 
# 
_struct_ref_seq.align_id                      1 
_struct_ref_seq.ref_id                        1 
_struct_ref_seq.pdbx_PDB_id_code              1L1Q 
_struct_ref_seq.pdbx_strand_id                A 
_struct_ref_seq.seq_align_beg                 1 
_struct_ref_seq.pdbx_seq_align_beg_ins_code   ? 
_struct_ref_seq.seq_align_end                 180 
_struct_ref_seq.pdbx_seq_align_end_ins_code   ? 
_struct_ref_seq.pdbx_db_accession             Q967M2 
_struct_ref_seq.db_align_beg                  1 
_struct_ref_seq.pdbx_db_align_beg_ins_code    ? 
_struct_ref_seq.db_align_end                  180 
_struct_ref_seq.pdbx_db_align_end_ins_code    ? 
_struct_ref_seq.pdbx_auth_seq_align_beg       1 
_struct_ref_seq.pdbx_auth_seq_align_end       180 
# 
loop_
_struct_ref_seq_dif.align_id 
_struct_ref_seq_dif.pdbx_pdb_id_code 
_struct_ref_seq_dif.mon_id 
_struct_ref_seq_dif.pdbx_pdb_strand_id 
_struct_ref_seq_dif.seq_num 
_struct_ref_seq_dif.pdbx_pdb_ins_code 
_struct_ref_seq_dif.pdbx_seq_db_name 
_struct_ref_seq_dif.pdbx_seq_db_accession_code 
_struct_ref_seq_dif.db_mon_id 
_struct_ref_seq_dif.pdbx_seq_db_seq_num 
_struct_ref_seq_dif.details 
_struct_ref_seq_dif.pdbx_auth_seq_num 
_struct_ref_seq_dif.pdbx_ordinal 
1 1L1Q HIS A 181 ? UNP Q967M2 ? ? 'expression tag' 181 1 
1 1L1Q HIS A 182 ? UNP Q967M2 ? ? 'expression tag' 182 2 
# 
loop_
_chem_comp.id 
_chem_comp.type 
_chem_comp.mon_nstd_flag 
_chem_comp.name 
_chem_comp.pdbx_synonyms 
_chem_comp.formula 
_chem_comp.formula_weight 
9DA non-polymer         . 9-DEAZAADENINE  ? 'C6 H6 N4'       134.139 
ALA 'L-peptide linking' y ALANINE         ? 'C3 H7 N O2'     89.093  
ARG 'L-peptide linking' y ARGININE        ? 'C6 H15 N4 O2 1' 175.209 
ASN 'L-peptide linking' y ASPARAGINE      ? 'C4 H8 N2 O3'    132.118 
ASP 'L-peptide linking' y 'ASPARTIC ACID' ? 'C4 H7 N O4'     133.103 
CYS 'L-peptide linking' y CYSTEINE        ? 'C3 H7 N O2 S'   121.158 
GLN 'L-peptide linking' y GLUTAMINE       ? 'C5 H10 N2 O3'   146.144 
GLU 'L-peptide linking' y 'GLUTAMIC ACID' ? 'C5 H9 N O4'     147.129 
GLY 'peptide linking'   y GLYCINE         ? 'C2 H5 N O2'     75.067  
HIS 'L-peptide linking' y HISTIDINE       ? 'C6 H10 N3 O2 1' 156.162 
HOH non-polymer         . WATER           ? 'H2 O'           18.015  
ILE 'L-peptide linking' y ISOLEUCINE      ? 'C6 H13 N O2'    131.173 
LEU 'L-peptide linking' y LEUCINE         ? 'C6 H13 N O2'    131.173 
LYS 'L-peptide linking' y LYSINE          ? 'C6 H15 N2 O2 1' 147.195 
MET 'L-peptide linking' y METHIONINE      ? 'C5 H11 N O2 S'  149.211 
PHE 'L-peptide linking' y PHENYLALANINE   ? 'C9 H11 N O2'    165.189 
PRO 'L-peptide linking' y PROLINE         ? 'C5 H9 N O2'     115.130 
SER 'L-peptide linking' y SERINE          ? 'C3 H7 N O3'     105.093 
SO4 non-polymer         . 'SULFATE ION'   ? 'O4 S -2'        96.063  
THR 'L-peptide linking' y THREONINE       ? 'C4 H9 N O3'     119.119 
TYR 'L-peptide linking' y TYROSINE        ? 'C9 H11 N O3'    181.189 
VAL 'L-peptide linking' y VALINE          ? 'C5 H11 N O2'    117.146 
# 
_exptl.entry_id          1L1Q 
_exptl.method            'X-RAY DIFFRACTION' 
_exptl.crystals_number   1 
# 
_exptl_crystal.id                    1 
_exptl_crystal.density_meas          ? 
_exptl_crystal.density_percent_sol   44 
_exptl_crystal.density_Matthews      2.2 
_exptl_crystal.description           ? 
# 
_exptl_crystal_grow.crystal_id      1 
_exptl_crystal_grow.method          'VAPOR DIFFUSION, HANGING DROP' 
_exptl_crystal_grow.temp            291 
_exptl_crystal_grow.temp_details    ? 
_exptl_crystal_grow.pH              4.6 
_exptl_crystal_grow.pdbx_details    
'PEG 4000, ammonium sulfate, urea, sodium acetate, pH 4.6, VAPOR DIFFUSION, HANGING DROP, temperature 291K' 
_exptl_crystal_grow.pdbx_pH_range   . 
# 
_diffrn.id                     1 
_diffrn.ambient_temp           100 
_diffrn.ambient_temp_details   ? 
_diffrn.crystal_id             1 
# 
_diffrn_detector.diffrn_id              1 
_diffrn_detector.detector               CCD 
_diffrn_detector.type                   'ADSC QUANTUM 4' 
_diffrn_detector.pdbx_collection_date   2001-04-29 
_diffrn_detector.details                ? 
# 
_diffrn_radiation.diffrn_id                        1 
_diffrn_radiation.wavelength_id                    1 
_diffrn_radiation.pdbx_monochromatic_or_laue_m_l   M 
_diffrn_radiation.monochromator                    ? 
_diffrn_radiation.pdbx_diffrn_protocol             'SINGLE WAVELENGTH' 
_diffrn_radiation.pdbx_scattering_type             x-ray 
# 
_diffrn_radiation_wavelength.id           1 
_diffrn_radiation_wavelength.wavelength   0.98 
_diffrn_radiation_wavelength.wt           1.0 
# 
_diffrn_source.diffrn_id                   1 
_diffrn_source.source                      SYNCHROTRON 
_diffrn_source.type                        'NSLS BEAMLINE X9B' 
_diffrn_source.pdbx_synchrotron_site       NSLS 
_diffrn_source.pdbx_synchrotron_beamline   X9B 
_diffrn_source.pdbx_wavelength             ? 
_diffrn_source.pdbx_wavelength_list        0.98 
# 
_reflns.entry_id                     1L1Q 
_reflns.observed_criterion_sigma_I   0.0 
_reflns.observed_criterion_sigma_F   0.0 
_reflns.d_resolution_low             25.00 
_reflns.d_resolution_high            1.85 
_reflns.number_obs                   16337 
_reflns.number_all                   16337 
_reflns.percent_possible_obs         99.1 
_reflns.pdbx_Rmerge_I_obs            ? 
_reflns.pdbx_Rsym_value              0.027 
_reflns.pdbx_netI_over_sigmaI        28.8 
_reflns.B_iso_Wilson_estimate        15.4 
_reflns.pdbx_redundancy              4.5 
_reflns.R_free_details               ? 
_reflns.limit_h_max                  ? 
_reflns.limit_h_min                  ? 
_reflns.limit_k_max                  ? 
_reflns.limit_k_min                  ? 
_reflns.limit_l_max                  ? 
_reflns.limit_l_min                  ? 
_reflns.observed_criterion_F_max     ? 
_reflns.observed_criterion_F_min     ? 
_reflns.pdbx_ordinal                 1 
_reflns.pdbx_diffrn_id               1 
# 
_reflns_shell.d_res_high             1.85 
_reflns_shell.d_res_low              1.92 
_reflns_shell.percent_possible_all   98.8 
_reflns_shell.Rmerge_I_obs           ? 
_reflns_shell.pdbx_Rsym_value        0.352 
_reflns_shell.meanI_over_sigI_obs    2.9 
_reflns_shell.pdbx_redundancy        4.2 
_reflns_shell.percent_possible_obs   ? 
_reflns_shell.number_unique_all      1602 
_reflns_shell.pdbx_ordinal           1 
_reflns_shell.pdbx_diffrn_id         1 
# 
_refine.entry_id                                 1L1Q 
_refine.ls_number_reflns_obs                     14886 
_refine.ls_number_reflns_all                     15703 
_refine.pdbx_ls_sigma_I                          ? 
_refine.pdbx_ls_sigma_F                          2.0 
_refine.pdbx_data_cutoff_high_absF               ? 
_refine.pdbx_data_cutoff_low_absF                ? 
_refine.ls_d_res_low                             25.0 
_refine.ls_d_res_high                            1.85 
_refine.ls_percent_reflns_obs                    90.2 
_refine.ls_R_factor_obs                          0.222 
_refine.ls_R_factor_all                          ? 
_refine.ls_R_factor_R_work                       0.219 
_refine.ls_R_factor_R_free                       0.251 
_refine.ls_R_factor_R_free_error                 0.006 
_refine.ls_R_factor_R_free_error_details         ? 
_refine.ls_percent_reflns_R_free                 10.1 
_refine.ls_number_reflns_R_free                  1498 
_refine.ls_number_parameters                     ? 
_refine.ls_number_restraints                     ? 
_refine.occupancy_min                            ? 
_refine.occupancy_max                            ? 
_refine.B_iso_mean                               30.7 
_refine.aniso_B[1][1]                            4.45 
_refine.aniso_B[2][2]                            4.45 
_refine.aniso_B[3][3]                            -8.90 
_refine.aniso_B[1][2]                            4.94 
_refine.aniso_B[1][3]                            0.00 
_refine.aniso_B[2][3]                            0.00 
_refine.solvent_model_details                    'flat model' 
_refine.solvent_model_param_ksol                 0.369266 
_refine.solvent_model_param_bsol                 47.1677 
_refine.pdbx_ls_cross_valid_method               THROUGHOUT 
_refine.details                                  ? 
_refine.pdbx_starting_model                      'PDB ENTRY 1G2P' 
_refine.pdbx_method_to_determine_struct          'MOLECULAR REPLACEMENT' 
_refine.pdbx_isotropic_thermal_model             RESTRAINED 
_refine.pdbx_stereochemistry_target_values       'Engh & Huber' 
_refine.pdbx_stereochem_target_val_spec_case     ? 
_refine.pdbx_R_Free_selection_details            random 
_refine.pdbx_overall_ESU_R_Free                  ? 
_refine.overall_SU_B                             ? 
_refine.ls_redundancy_reflns_obs                 ? 
_refine.B_iso_min                                ? 
_refine.B_iso_max                                ? 
_refine.correlation_coeff_Fo_to_Fc               ? 
_refine.overall_SU_R_Cruickshank_DPI             ? 
_refine.overall_SU_R_free                        ? 
_refine.overall_SU_ML                            ? 
_refine.pdbx_overall_ESU_R                       ? 
_refine.pdbx_data_cutoff_high_rms_absF           ? 
_refine.correlation_coeff_Fo_to_Fc_free          ? 
_refine.pdbx_solvent_vdw_probe_radii             ? 
_refine.pdbx_solvent_ion_probe_radii             ? 
_refine.pdbx_solvent_shrinkage_radii             ? 
_refine.pdbx_refine_id                           'X-RAY DIFFRACTION' 
_refine.pdbx_diffrn_id                           1 
_refine.pdbx_TLS_residual_ADP_flag               ? 
_refine.pdbx_overall_phase_error                 ? 
_refine.pdbx_overall_SU_R_free_Cruickshank_DPI   ? 
_refine.pdbx_overall_SU_R_Blow_DPI               ? 
_refine.pdbx_overall_SU_R_free_Blow_DPI          ? 
# 
_refine_analyze.entry_id                        1L1Q 
_refine_analyze.Luzzati_coordinate_error_obs    0.23 
_refine_analyze.Luzzati_sigma_a_obs             0.19 
_refine_analyze.Luzzati_d_res_low_obs           5.00 
_refine_analyze.Luzzati_coordinate_error_free   0.28 
_refine_analyze.Luzzati_sigma_a_free            0.27 
_refine_analyze.Luzzati_d_res_low_free          ? 
_refine_analyze.number_disordered_residues      ? 
_refine_analyze.occupancy_sum_hydrogen          ? 
_refine_analyze.occupancy_sum_non_hydrogen      ? 
_refine_analyze.pdbx_Luzzati_d_res_high_obs     ? 
_refine_analyze.pdbx_refine_id                  'X-RAY DIFFRACTION' 
# 
_refine_hist.pdbx_refine_id                   'X-RAY DIFFRACTION' 
_refine_hist.cycle_id                         LAST 
_refine_hist.pdbx_number_atoms_protein        1365 
_refine_hist.pdbx_number_atoms_nucleic_acid   0 
_refine_hist.pdbx_number_atoms_ligand         25 
_refine_hist.number_atoms_solvent             89 
_refine_hist.number_atoms_total               1479 
_refine_hist.d_res_high                       1.85 
_refine_hist.d_res_low                        25.0 
# 
loop_
_refine_ls_restr.type 
_refine_ls_restr.dev_ideal 
_refine_ls_restr.dev_ideal_target 
_refine_ls_restr.weight 
_refine_ls_restr.number 
_refine_ls_restr.pdbx_refine_id 
_refine_ls_restr.pdbx_restraint_function 
c_bond_d           0.007 ? ? ? 'X-RAY DIFFRACTION' ? 
c_angle_deg        1.3   ? ? ? 'X-RAY DIFFRACTION' ? 
c_dihedral_angle_d 23.9  ? ? ? 'X-RAY DIFFRACTION' ? 
c_improper_angle_d 0.79  ? ? ? 'X-RAY DIFFRACTION' ? 
# 
_refine_ls_shell.pdbx_total_number_of_bins_used   6 
_refine_ls_shell.d_res_high                       1.85 
_refine_ls_shell.d_res_low                        1.97 
_refine_ls_shell.number_reflns_R_work             1854 
_refine_ls_shell.R_factor_R_work                  0.269 
_refine_ls_shell.percent_reflns_obs               76.7 
_refine_ls_shell.R_factor_R_free                  0.337 
_refine_ls_shell.R_factor_R_free_error            0.023 
_refine_ls_shell.percent_reflns_R_free            10.2 
_refine_ls_shell.number_reflns_R_free             211 
_refine_ls_shell.number_reflns_obs                2065 
_refine_ls_shell.redundancy_reflns_obs            ? 
_refine_ls_shell.number_reflns_all                ? 
_refine_ls_shell.pdbx_refine_id                   'X-RAY DIFFRACTION' 
_refine_ls_shell.R_factor_all                     ? 
# 
_struct.entry_id                  1L1Q 
_struct.title                     'Crystal Structure of APRTase from Giardia lamblia Complexed with 9-deazaadenine' 
_struct.pdbx_model_details        ? 
_struct.pdbx_CASP_flag            ? 
_struct.pdbx_model_type_details   ? 
# 
_struct_keywords.entry_id        1L1Q 
_struct_keywords.pdbx_keywords   TRANSFERASE 
_struct_keywords.text            'adenine, APRTase, Giardia lamblia, purine metabolism, catalytic loop, TRANSFERASE' 
# 
loop_
_struct_asym.id 
_struct_asym.pdbx_blank_PDB_chainid_flag 
_struct_asym.pdbx_modified 
_struct_asym.entity_id 
_struct_asym.details 
A N N 1 ? 
B N N 2 ? 
C N N 2 ? 
D N N 2 ? 
E N N 3 ? 
F N N 4 ? 
# 
_struct_biol.id                    1 
_struct_biol.details               
'The biological assembly is a dimer generated from the monomer in the asymmetric unit by applying the crystallographic 2-fold.' 
_struct_biol.pdbx_parent_biol_id   ? 
# 
loop_
_struct_conf.conf_type_id 
_struct_conf.id 
_struct_conf.pdbx_PDB_helix_id 
_struct_conf.beg_label_comp_id 
_struct_conf.beg_label_asym_id 
_struct_conf.beg_label_seq_id 
_struct_conf.pdbx_beg_PDB_ins_code 
_struct_conf.end_label_comp_id 
_struct_conf.end_label_asym_id 
_struct_conf.end_label_seq_id 
_struct_conf.pdbx_end_PDB_ins_code 
_struct_conf.beg_auth_comp_id 
_struct_conf.beg_auth_asym_id 
_struct_conf.beg_auth_seq_id 
_struct_conf.end_auth_comp_id 
_struct_conf.end_auth_asym_id 
_struct_conf.end_auth_seq_id 
_struct_conf.pdbx_PDB_helix_class 
_struct_conf.details 
_struct_conf.pdbx_PDB_helix_length 
HELX_P HELX_P1 1 SER A 4   ? LEU A 11  ? SER A 4   LEU A 11  1 ? 8  
HELX_P HELX_P2 2 LEU A 28  ? SER A 33  ? LEU A 28  SER A 33  1 ? 6  
HELX_P HELX_P3 3 THR A 34  ? TYR A 49  ? THR A 34  TYR A 49  1 ? 16 
HELX_P HELX_P4 4 GLY A 64  ? GLY A 76  ? GLY A 64  GLY A 76  1 ? 13 
HELX_P HELX_P5 5 ARG A 112 ? LEU A 114 ? ARG A 112 LEU A 114 5 ? 3  
HELX_P HELX_P6 6 GLY A 130 ? ALA A 143 ? GLY A 130 ALA A 143 1 ? 14 
HELX_P HELX_P7 7 LYS A 146 ? GLU A 148 ? LYS A 146 GLU A 148 5 ? 3  
HELX_P HELX_P8 8 GLU A 159 ? LEU A 161 ? GLU A 159 LEU A 161 5 ? 3  
HELX_P HELX_P9 9 LYS A 162 ? GLY A 168 ? LYS A 162 GLY A 168 1 ? 7  
# 
_struct_conf_type.id          HELX_P 
_struct_conf_type.criteria    ? 
_struct_conf_type.reference   ? 
# 
_struct_mon_prot_cis.pdbx_id                1 
_struct_mon_prot_cis.label_comp_id          PHE 
_struct_mon_prot_cis.label_seq_id           18 
_struct_mon_prot_cis.label_asym_id          A 
_struct_mon_prot_cis.label_alt_id           . 
_struct_mon_prot_cis.pdbx_PDB_ins_code      ? 
_struct_mon_prot_cis.auth_comp_id           PHE 
_struct_mon_prot_cis.auth_seq_id            18 
_struct_mon_prot_cis.auth_asym_id           A 
_struct_mon_prot_cis.pdbx_label_comp_id_2   PRO 
_struct_mon_prot_cis.pdbx_label_seq_id_2    19 
_struct_mon_prot_cis.pdbx_label_asym_id_2   A 
_struct_mon_prot_cis.pdbx_PDB_ins_code_2    ? 
_struct_mon_prot_cis.pdbx_auth_comp_id_2    PRO 
_struct_mon_prot_cis.pdbx_auth_seq_id_2     19 
_struct_mon_prot_cis.pdbx_auth_asym_id_2    A 
_struct_mon_prot_cis.pdbx_PDB_model_num     1 
_struct_mon_prot_cis.pdbx_omega_angle       0.26 
# 
loop_
_struct_sheet.id 
_struct_sheet.type 
_struct_sheet.number_strands 
_struct_sheet.details 
A ? 2 ? 
B ? 7 ? 
# 
loop_
_struct_sheet_order.sheet_id 
_struct_sheet_order.range_id_1 
_struct_sheet_order.range_id_2 
_struct_sheet_order.offset 
_struct_sheet_order.sense 
A 1 2 ? anti-parallel 
B 1 2 ? anti-parallel 
B 2 3 ? anti-parallel 
B 3 4 ? parallel      
B 4 5 ? parallel      
B 5 6 ? parallel      
B 6 7 ? parallel      
# 
loop_
_struct_sheet_range.sheet_id 
_struct_sheet_range.id 
_struct_sheet_range.beg_label_comp_id 
_struct_sheet_range.beg_label_asym_id 
_struct_sheet_range.beg_label_seq_id 
_struct_sheet_range.pdbx_beg_PDB_ins_code 
_struct_sheet_range.end_label_comp_id 
_struct_sheet_range.end_label_asym_id 
_struct_sheet_range.end_label_seq_id 
_struct_sheet_range.pdbx_end_PDB_ins_code 
_struct_sheet_range.beg_auth_comp_id 
_struct_sheet_range.beg_auth_asym_id 
_struct_sheet_range.beg_auth_seq_id 
_struct_sheet_range.end_auth_comp_id 
_struct_sheet_range.end_auth_asym_id 
_struct_sheet_range.end_auth_seq_id 
A 1 LYS A 13  ? ILE A 15  ? LYS A 13  ILE A 15  
A 2 PHE A 25  ? ASP A 27  ? PHE A 25  ASP A 27  
B 1 VAL A 92  ? MET A 99  ? VAL A 92  MET A 99  
B 2 GLN A 102 ? GLN A 110 ? GLN A 102 GLN A 110 
B 3 GLY A 78  ? LYS A 84  ? GLY A 78  LYS A 84  
B 4 LYS A 56  ? ILE A 60  ? LYS A 56  ILE A 60  
B 5 VAL A 120 ? LEU A 127 ? VAL A 120 LEU A 127 
B 6 ILE A 150 ? GLU A 157 ? ILE A 150 GLU A 157 
B 7 LEU A 174 ? ARG A 179 ? LEU A 174 ARG A 179 
# 
loop_
_pdbx_struct_sheet_hbond.sheet_id 
_pdbx_struct_sheet_hbond.range_id_1 
_pdbx_struct_sheet_hbond.range_id_2 
_pdbx_struct_sheet_hbond.range_1_label_atom_id 
_pdbx_struct_sheet_hbond.range_1_label_comp_id 
_pdbx_struct_sheet_hbond.range_1_label_asym_id 
_pdbx_struct_sheet_hbond.range_1_label_seq_id 
_pdbx_struct_sheet_hbond.range_1_PDB_ins_code 
_pdbx_struct_sheet_hbond.range_1_auth_atom_id 
_pdbx_struct_sheet_hbond.range_1_auth_comp_id 
_pdbx_struct_sheet_hbond.range_1_auth_asym_id 
_pdbx_struct_sheet_hbond.range_1_auth_seq_id 
_pdbx_struct_sheet_hbond.range_2_label_atom_id 
_pdbx_struct_sheet_hbond.range_2_label_comp_id 
_pdbx_struct_sheet_hbond.range_2_label_asym_id 
_pdbx_struct_sheet_hbond.range_2_label_seq_id 
_pdbx_struct_sheet_hbond.range_2_PDB_ins_code 
_pdbx_struct_sheet_hbond.range_2_auth_atom_id 
_pdbx_struct_sheet_hbond.range_2_auth_comp_id 
_pdbx_struct_sheet_hbond.range_2_auth_asym_id 
_pdbx_struct_sheet_hbond.range_2_auth_seq_id 
A 1 2 N LYS A 13  ? N LYS A 13  O ASP A 27  ? O ASP A 27  
B 1 2 N MET A 99  ? N MET A 99  O GLN A 102 ? O GLN A 102 
B 2 3 O GLU A 108 ? O GLU A 108 N ARG A 83  ? N ARG A 83  
B 3 4 O VAL A 80  ? O VAL A 80  N VAL A 57  ? N VAL A 57  
B 4 5 N VAL A 58  ? N VAL A 58  O LEU A 121 ? O LEU A 121 
B 5 6 N LEU A 122 ? N LEU A 122 O TYR A 151 ? O TYR A 151 
B 6 7 N ILE A 152 ? N ILE A 152 O PHE A 175 ? O PHE A 175 
# 
loop_
_struct_site.id 
_struct_site.pdbx_evidence_code 
_struct_site.pdbx_auth_asym_id 
_struct_site.pdbx_auth_comp_id 
_struct_site.pdbx_auth_seq_id 
_struct_site.pdbx_auth_ins_code 
_struct_site.pdbx_num_residues 
_struct_site.details 
AC1 Software A SO4 301 ? 10 'BINDING SITE FOR RESIDUE SO4 A 301' 
AC2 Software A SO4 302 ? 5  'BINDING SITE FOR RESIDUE SO4 A 302' 
AC3 Software A SO4 303 ? 7  'BINDING SITE FOR RESIDUE SO4 A 303' 
AC4 Software A 9DA 201 ? 5  'BINDING SITE FOR RESIDUE 9DA A 201' 
# 
loop_
_struct_site_gen.id 
_struct_site_gen.site_id 
_struct_site_gen.pdbx_num_res 
_struct_site_gen.label_comp_id 
_struct_site_gen.label_asym_id 
_struct_site_gen.label_seq_id 
_struct_site_gen.pdbx_auth_ins_code 
_struct_site_gen.auth_comp_id 
_struct_site_gen.auth_asym_id 
_struct_site_gen.auth_seq_id 
_struct_site_gen.label_atom_id 
_struct_site_gen.label_alt_id 
_struct_site_gen.symmetry 
_struct_site_gen.details 
1  AC1 10 ARG A 63  ? ARG A 63  . ? 1_555 ? 
2  AC1 10 MET A 99  ? MET A 99  . ? 1_555 ? 
3  AC1 10 GLU A 100 ? GLU A 100 . ? 1_555 ? 
4  AC1 10 ALA A 128 ? ALA A 128 . ? 1_555 ? 
5  AC1 10 THR A 129 ? THR A 129 . ? 1_555 ? 
6  AC1 10 GLY A 130 ? GLY A 130 . ? 1_555 ? 
7  AC1 10 GLY A 131 ? GLY A 131 . ? 1_555 ? 
8  AC1 10 THR A 132 ? THR A 132 . ? 1_555 ? 
9  AC1 10 9DA E .   ? 9DA A 201 . ? 1_555 ? 
10 AC1 10 HOH F .   ? HOH A 424 . ? 1_555 ? 
11 AC2 5  GLU A 61  ? GLU A 61  . ? 1_555 ? 
12 AC2 5  SER A 62  ? SER A 62  . ? 1_555 ? 
13 AC2 5  ARG A 83  ? ARG A 83  . ? 1_555 ? 
14 AC2 5  LYS A 84  ? LYS A 84  . ? 1_555 ? 
15 AC2 5  LYS A 87  ? LYS A 87  . ? 1_555 ? 
16 AC3 7  HIS A 9   ? HIS A 9   . ? 1_555 ? 
17 AC3 7  THR A 14  ? THR A 14  . ? 1_555 ? 
18 AC3 7  LYS A 26  ? LYS A 26  . ? 1_555 ? 
19 AC3 7  TYR A 156 ? TYR A 156 . ? 1_555 ? 
20 AC3 7  GLU A 180 ? GLU A 180 . ? 1_555 ? 
21 AC3 7  HIS A 181 ? HIS A 181 . ? 1_555 ? 
22 AC3 7  HOH F .   ? HOH A 484 . ? 1_555 ? 
23 AC4 5  ALA A 24  ? ALA A 24  . ? 1_555 ? 
24 AC4 5  PHE A 25  ? PHE A 25  . ? 1_555 ? 
25 AC4 5  LYS A 26  ? LYS A 26  . ? 1_555 ? 
26 AC4 5  GLU A 100 ? GLU A 100 . ? 1_555 ? 
27 AC4 5  SO4 B .   ? SO4 A 301 . ? 1_555 ? 
# 
_atom_sites.entry_id                    1L1Q 
_atom_sites.fract_transf_matrix[1][1]   0.00507750 
_atom_sites.fract_transf_matrix[1][2]   -0.01602695 
_atom_sites.fract_transf_matrix[1][3]   -0.01300269 
_atom_sites.fract_transf_matrix[2][1]   0.02007044 
_atom_sites.fract_transf_matrix[2][2]   -0.00692140 
_atom_sites.fract_transf_matrix[2][3]   -0.00100209 
_atom_sites.fract_transf_matrix[3][1]   -0.00173633 
_atom_sites.fract_transf_matrix[3][2]   -0.00600914 
_atom_sites.fract_transf_matrix[3][3]   0.00672877 
_atom_sites.fract_transf_vector[1]      0.668220 
_atom_sites.fract_transf_vector[2]      0.777135 
_atom_sites.fract_transf_vector[3]      0.291938 
# 
loop_
_atom_type.symbol 
C 
N 
O 
S 
# 
loop_
_atom_site.group_PDB 
_atom_site.id 
_atom_site.type_symbol 
_atom_site.label_atom_id 
_atom_site.label_alt_id 
_atom_site.label_comp_id 
_atom_site.label_asym_id 
_atom_site.label_entity_id 
_atom_site.label_seq_id 
_atom_site.pdbx_PDB_ins_code 
_atom_site.Cartn_x 
_atom_site.Cartn_y 
_atom_site.Cartn_z 
_atom_site.occupancy 
_atom_site.B_iso_or_equiv 
_atom_site.pdbx_formal_charge 
_atom_site.auth_seq_id 
_atom_site.auth_comp_id 
_atom_site.auth_asym_id 
_atom_site.auth_atom_id 
_atom_site.pdbx_PDB_model_num 
ATOM   1    N N   . THR A 1 2   ? -9.520  -25.136 0.204   1.00 27.73 ? 2   THR A N   1 
ATOM   2    C CA  . THR A 1 2   ? -8.739  -23.908 -0.101  1.00 27.38 ? 2   THR A CA  1 
ATOM   3    C C   . THR A 1 2   ? -9.378  -22.732 0.635   1.00 25.43 ? 2   THR A C   1 
ATOM   4    O O   . THR A 1 2   ? -10.596 -22.595 0.633   1.00 25.36 ? 2   THR A O   1 
ATOM   5    C CB  . THR A 1 2   ? -8.761  -23.646 -1.623  1.00 28.52 ? 2   THR A CB  1 
ATOM   6    O OG1 . THR A 1 2   ? -8.110  -24.733 -2.294  1.00 33.88 ? 2   THR A OG1 1 
ATOM   7    C CG2 . THR A 1 2   ? -8.068  -22.356 -1.970  1.00 29.10 ? 2   THR A CG2 1 
ATOM   8    N N   . MET A 1 3   ? -8.563  -21.902 1.278   1.00 23.93 ? 3   MET A N   1 
ATOM   9    C CA  . MET A 1 3   ? -9.068  -20.733 2.000   1.00 24.12 ? 3   MET A CA  1 
ATOM   10   C C   . MET A 1 3   ? -9.532  -19.652 1.053   1.00 21.44 ? 3   MET A C   1 
ATOM   11   O O   . MET A 1 3   ? -9.022  -19.540 -0.047  1.00 23.72 ? 3   MET A O   1 
ATOM   12   C CB  . MET A 1 3   ? -7.985  -20.121 2.892   1.00 22.84 ? 3   MET A CB  1 
ATOM   13   C CG  . MET A 1 3   ? -7.930  -20.684 4.276   1.00 22.28 ? 3   MET A CG  1 
ATOM   14   S SD  . MET A 1 3   ? -6.806  -19.703 5.320   1.00 23.87 ? 3   MET A SD  1 
ATOM   15   C CE  . MET A 1 3   ? -6.876  -20.612 6.827   1.00 23.27 ? 3   MET A CE  1 
ATOM   16   N N   . SER A 1 4   ? -10.492 -18.845 1.498   1.00 24.02 ? 4   SER A N   1 
ATOM   17   C CA  . SER A 1 4   ? -11.013 -17.738 0.694   1.00 23.57 ? 4   SER A CA  1 
ATOM   18   C C   . SER A 1 4   ? -10.555 -16.429 1.327   1.00 24.02 ? 4   SER A C   1 
ATOM   19   O O   . SER A 1 4   ? -9.934  -16.440 2.383   1.00 23.57 ? 4   SER A O   1 
ATOM   20   C CB  . SER A 1 4   ? -12.541 -17.744 0.690   1.00 22.66 ? 4   SER A CB  1 
ATOM   21   O OG  . SER A 1 4   ? -13.036 -17.438 1.984   1.00 24.39 ? 4   SER A OG  1 
ATOM   22   N N   . VAL A 1 5   ? -10.865 -15.309 0.681   1.00 22.20 ? 5   VAL A N   1 
ATOM   23   C CA  . VAL A 1 5   ? -10.504 -14.001 1.213   1.00 21.69 ? 5   VAL A CA  1 
ATOM   24   C C   . VAL A 1 5   ? -11.197 -13.796 2.567   1.00 21.43 ? 5   VAL A C   1 
ATOM   25   O O   . VAL A 1 5   ? -10.616 -13.233 3.495   1.00 21.10 ? 5   VAL A O   1 
ATOM   26   C CB  . VAL A 1 5   ? -10.920 -12.869 0.235   1.00 22.54 ? 5   VAL A CB  1 
ATOM   27   C CG1 . VAL A 1 5   ? -10.719 -11.493 0.891   1.00 23.95 ? 5   VAL A CG1 1 
ATOM   28   C CG2 . VAL A 1 5   ? -10.095 -12.964 -1.042  1.00 23.70 ? 5   VAL A CG2 1 
ATOM   29   N N   . ALA A 1 6   ? -12.439 -14.262 2.685   1.00 22.01 ? 6   ALA A N   1 
ATOM   30   C CA  . ALA A 1 6   ? -13.172 -14.130 3.940   1.00 21.37 ? 6   ALA A CA  1 
ATOM   31   C C   . ALA A 1 6   ? -12.451 -14.893 5.056   1.00 20.83 ? 6   ALA A C   1 
ATOM   32   O O   . ALA A 1 6   ? -12.406 -14.440 6.198   1.00 19.51 ? 6   ALA A O   1 
ATOM   33   C CB  . ALA A 1 6   ? -14.602 -14.660 3.777   1.00 24.96 ? 6   ALA A CB  1 
ATOM   34   N N   . ASP A 1 7   ? -11.878 -16.050 4.724   1.00 20.81 ? 7   ASP A N   1 
ATOM   35   C CA  . ASP A 1 7   ? -11.152 -16.831 5.717   1.00 20.64 ? 7   ASP A CA  1 
ATOM   36   C C   . ASP A 1 7   ? -9.919  -16.020 6.135   1.00 19.43 ? 7   ASP A C   1 
ATOM   37   O O   . ASP A 1 7   ? -9.568  -15.977 7.311   1.00 22.88 ? 7   ASP A O   1 
ATOM   38   C CB  . ASP A 1 7   ? -10.713 -18.195 5.149   1.00 20.76 ? 7   ASP A CB  1 
ATOM   39   C CG  . ASP A 1 7   ? -11.894 -19.130 4.862   1.00 21.48 ? 7   ASP A CG  1 
ATOM   40   O OD1 . ASP A 1 7   ? -12.824 -19.202 5.690   1.00 23.14 ? 7   ASP A OD1 1 
ATOM   41   O OD2 . ASP A 1 7   ? -11.885 -19.814 3.819   1.00 20.53 ? 7   ASP A OD2 1 
ATOM   42   N N   . ALA A 1 8   ? -9.262  -15.387 5.170   1.00 20.09 ? 8   ALA A N   1 
ATOM   43   C CA  . ALA A 1 8   ? -8.093  -14.562 5.466   1.00 19.90 ? 8   ALA A CA  1 
ATOM   44   C C   . ALA A 1 8   ? -8.513  -13.452 6.427   1.00 21.51 ? 8   ALA A C   1 
ATOM   45   O O   . ALA A 1 8   ? -7.830  -13.154 7.410   1.00 20.94 ? 8   ALA A O   1 
ATOM   46   C CB  . ALA A 1 8   ? -7.546  -13.957 4.184   1.00 21.10 ? 8   ALA A CB  1 
ATOM   47   N N   . HIS A 1 9   ? -9.648  -12.834 6.120   1.00 21.83 ? 9   HIS A N   1 
ATOM   48   C CA  . HIS A 1 9   ? -10.196 -11.758 6.939   1.00 19.49 ? 9   HIS A CA  1 
ATOM   49   C C   . HIS A 1 9   ? -10.362 -12.220 8.391   1.00 19.12 ? 9   HIS A C   1 
ATOM   50   O O   . HIS A 1 9   ? -10.021 -11.497 9.339   1.00 21.08 ? 9   HIS A O   1 
ATOM   51   C CB  . HIS A 1 9   ? -11.551 -11.331 6.352   1.00 21.18 ? 9   HIS A CB  1 
ATOM   52   C CG  . HIS A 1 9   ? -12.117 -10.085 6.963   1.00 21.75 ? 9   HIS A CG  1 
ATOM   53   N ND1 . HIS A 1 9   ? -13.218 -9.437  6.438   1.00 23.61 ? 9   HIS A ND1 1 
ATOM   54   C CD2 . HIS A 1 9   ? -11.760 -9.385  8.066   1.00 21.41 ? 9   HIS A CD2 1 
ATOM   55   C CE1 . HIS A 1 9   ? -13.513 -8.395  7.193   1.00 21.10 ? 9   HIS A CE1 1 
ATOM   56   N NE2 . HIS A 1 9   ? -12.645 -8.340  8.188   1.00 22.62 ? 9   HIS A NE2 1 
ATOM   57   N N   . ALA A 1 10  ? -10.861 -13.437 8.571   1.00 19.35 ? 10  ALA A N   1 
ATOM   58   C CA  . ALA A 1 10  ? -11.077 -13.967 9.914   1.00 20.25 ? 10  ALA A CA  1 
ATOM   59   C C   . ALA A 1 10  ? -9.788  -14.150 10.712  1.00 20.08 ? 10  ALA A C   1 
ATOM   60   O O   . ALA A 1 10  ? -9.829  -14.331 11.928  1.00 22.89 ? 10  ALA A O   1 
ATOM   61   C CB  . ALA A 1 10  ? -11.833 -15.281 9.834   1.00 19.77 ? 10  ALA A CB  1 
ATOM   62   N N   . LEU A 1 11  ? -8.646  -14.103 10.037  1.00 18.24 ? 11  LEU A N   1 
ATOM   63   C CA  . LEU A 1 11  ? -7.352  -14.264 10.716  1.00 18.53 ? 11  LEU A CA  1 
ATOM   64   C C   . LEU A 1 11  ? -6.807  -12.957 11.291  1.00 20.19 ? 11  LEU A C   1 
ATOM   65   O O   . LEU A 1 11  ? -5.823  -12.963 12.039  1.00 18.75 ? 11  LEU A O   1 
ATOM   66   C CB  . LEU A 1 11  ? -6.316  -14.842 9.748   1.00 18.39 ? 11  LEU A CB  1 
ATOM   67   C CG  . LEU A 1 11  ? -6.497  -16.315 9.336   1.00 19.47 ? 11  LEU A CG  1 
ATOM   68   C CD1 . LEU A 1 11  ? -5.640  -16.616 8.135   1.00 17.49 ? 11  LEU A CD1 1 
ATOM   69   C CD2 . LEU A 1 11  ? -6.136  -17.236 10.493  1.00 21.48 ? 11  LEU A CD2 1 
ATOM   70   N N   . ILE A 1 12  ? -7.434  -11.839 10.931  1.00 21.43 ? 12  ILE A N   1 
ATOM   71   C CA  . ILE A 1 12  ? -6.985  -10.539 11.416  1.00 22.23 ? 12  ILE A CA  1 
ATOM   72   C C   . ILE A 1 12  ? -7.354  -10.337 12.882  1.00 24.97 ? 12  ILE A C   1 
ATOM   73   O O   . ILE A 1 12  ? -8.447  -10.710 13.321  1.00 24.05 ? 12  ILE A O   1 
ATOM   74   C CB  . ILE A 1 12  ? -7.585  -9.392  10.558  1.00 23.53 ? 12  ILE A CB  1 
ATOM   75   C CG1 . ILE A 1 12  ? -7.149  -9.568  9.101   1.00 20.84 ? 12  ILE A CG1 1 
ATOM   76   C CG2 . ILE A 1 12  ? -7.131  -8.028  11.100  1.00 22.29 ? 12  ILE A CG2 1 
ATOM   77   C CD1 . ILE A 1 12  ? -7.748  -8.568  8.114   1.00 22.84 ? 12  ILE A CD1 1 
ATOM   78   N N   . LYS A 1 13  ? -6.419  -9.774  13.643  1.00 25.82 ? 13  LYS A N   1 
ATOM   79   C CA  . LYS A 1 13  ? -6.631  -9.504  15.059  1.00 27.28 ? 13  LYS A CA  1 
ATOM   80   C C   . LYS A 1 13  ? -6.599  -8.007  15.269  1.00 28.46 ? 13  LYS A C   1 
ATOM   81   O O   . LYS A 1 13  ? -5.795  -7.306  14.658  1.00 28.60 ? 13  LYS A O   1 
ATOM   82   C CB  . LYS A 1 13  ? -5.532  -10.127 15.923  1.00 28.35 ? 13  LYS A CB  1 
ATOM   83   C CG  . LYS A 1 13  ? -5.718  -11.587 16.268  1.00 31.06 ? 13  LYS A CG  1 
ATOM   84   C CD  . LYS A 1 13  ? -5.596  -12.458 15.051  1.00 33.36 ? 13  LYS A CD  1 
ATOM   85   C CE  . LYS A 1 13  ? -5.553  -13.929 15.426  1.00 33.02 ? 13  LYS A CE  1 
ATOM   86   N NZ  . LYS A 1 13  ? -5.525  -14.751 14.191  1.00 33.10 ? 13  LYS A NZ  1 
ATOM   87   N N   . THR A 1 14  ? -7.474  -7.519  16.140  1.00 30.09 ? 14  THR A N   1 
ATOM   88   C CA  . THR A 1 14  ? -7.520  -6.099  16.446  1.00 32.77 ? 14  THR A CA  1 
ATOM   89   C C   . THR A 1 14  ? -6.918  -5.952  17.845  1.00 33.91 ? 14  THR A C   1 
ATOM   90   O O   . THR A 1 14  ? -7.438  -6.503  18.814  1.00 32.47 ? 14  THR A O   1 
ATOM   91   C CB  . THR A 1 14  ? -8.984  -5.564  16.391  1.00 34.34 ? 14  THR A CB  1 
ATOM   92   O OG1 . THR A 1 14  ? -9.521  -5.777  15.077  1.00 34.35 ? 14  THR A OG1 1 
ATOM   93   C CG2 . THR A 1 14  ? -9.023  -4.071  16.678  1.00 35.01 ? 14  THR A CG2 1 
ATOM   94   N N   . ILE A 1 15  ? -5.802  -5.233  17.931  1.00 35.75 ? 15  ILE A N   1 
ATOM   95   C CA  . ILE A 1 15  ? -5.091  -5.022  19.189  1.00 38.34 ? 15  ILE A CA  1 
ATOM   96   C C   . ILE A 1 15  ? -5.369  -3.618  19.728  1.00 40.22 ? 15  ILE A C   1 
ATOM   97   O O   . ILE A 1 15  ? -5.021  -2.623  19.089  1.00 39.98 ? 15  ILE A O   1 
ATOM   98   C CB  . ILE A 1 15  ? -3.567  -5.160  18.984  1.00 39.74 ? 15  ILE A CB  1 
ATOM   99   C CG1 . ILE A 1 15  ? -3.252  -6.455  18.228  1.00 38.42 ? 15  ILE A CG1 1 
ATOM   100  C CG2 . ILE A 1 15  ? -2.852  -5.127  20.330  1.00 40.43 ? 15  ILE A CG2 1 
ATOM   101  C CD1 . ILE A 1 15  ? -3.621  -7.710  18.973  1.00 41.43 ? 15  ILE A CD1 1 
ATOM   102  N N   . PRO A 1 16  ? -5.989  -3.519  20.917  1.00 40.74 ? 16  PRO A N   1 
ATOM   103  C CA  . PRO A 1 16  ? -6.294  -2.208  21.501  1.00 42.87 ? 16  PRO A CA  1 
ATOM   104  C C   . PRO A 1 16  ? -5.086  -1.444  22.046  1.00 43.94 ? 16  PRO A C   1 
ATOM   105  O O   . PRO A 1 16  ? -4.115  -2.039  22.506  1.00 44.13 ? 16  PRO A O   1 
ATOM   106  C CB  . PRO A 1 16  ? -7.294  -2.551  22.598  1.00 43.17 ? 16  PRO A CB  1 
ATOM   107  C CG  . PRO A 1 16  ? -6.800  -3.881  23.074  1.00 42.21 ? 16  PRO A CG  1 
ATOM   108  C CD  . PRO A 1 16  ? -6.504  -4.603  21.771  1.00 40.95 ? 16  PRO A CD  1 
ATOM   109  N N   . ASP A 1 17  ? -5.161  -0.118  21.974  1.00 46.16 ? 17  ASP A N   1 
ATOM   110  C CA  . ASP A 1 17  ? -4.109  0.762   22.476  1.00 47.40 ? 17  ASP A CA  1 
ATOM   111  C C   . ASP A 1 17  ? -2.700  0.394   22.024  1.00 46.79 ? 17  ASP A C   1 
ATOM   112  O O   . ASP A 1 17  ? -1.795  0.238   22.848  1.00 46.56 ? 17  ASP A O   1 
ATOM   113  C CB  . ASP A 1 17  ? -4.156  0.801   24.008  1.00 49.61 ? 17  ASP A CB  1 
ATOM   114  C CG  . ASP A 1 17  ? -5.514  1.225   24.541  1.00 50.82 ? 17  ASP A CG  1 
ATOM   115  O OD1 . ASP A 1 17  ? -5.975  2.328   24.175  1.00 52.33 ? 17  ASP A OD1 1 
ATOM   116  O OD2 . ASP A 1 17  ? -6.119  0.457   25.324  1.00 49.33 ? 17  ASP A OD2 1 
ATOM   117  N N   . PHE A 1 18  ? -2.514  0.259   20.715  1.00 46.41 ? 18  PHE A N   1 
ATOM   118  C CA  . PHE A 1 18  ? -1.206  -0.080  20.166  1.00 44.88 ? 18  PHE A CA  1 
ATOM   119  C C   . PHE A 1 18  ? -0.977  0.651   18.850  1.00 44.72 ? 18  PHE A C   1 
ATOM   120  O O   . PHE A 1 18  ? -1.853  0.667   17.987  1.00 43.35 ? 18  PHE A O   1 
ATOM   121  C CB  . PHE A 1 18  ? -1.097  -1.583  19.914  1.00 44.48 ? 18  PHE A CB  1 
ATOM   122  C CG  . PHE A 1 18  ? 0.265   -2.007  19.459  1.00 43.77 ? 18  PHE A CG  1 
ATOM   123  C CD1 . PHE A 1 18  ? 1.264   -2.270  20.385  1.00 43.99 ? 18  PHE A CD1 1 
ATOM   124  C CD2 . PHE A 1 18  ? 0.572   -2.084  18.104  1.00 44.41 ? 18  PHE A CD2 1 
ATOM   125  C CE1 . PHE A 1 18  ? 2.555   -2.601  19.976  1.00 43.54 ? 18  PHE A CE1 1 
ATOM   126  C CE2 . PHE A 1 18  ? 1.861   -2.413  17.680  1.00 45.34 ? 18  PHE A CE2 1 
ATOM   127  C CZ  . PHE A 1 18  ? 2.854   -2.671  18.623  1.00 45.04 ? 18  PHE A CZ  1 
ATOM   128  N N   . PRO A 1 19  ? 0.208   1.264   18.674  1.00 44.79 ? 19  PRO A N   1 
ATOM   129  C CA  . PRO A 1 19  ? 1.334   1.310   19.615  1.00 46.45 ? 19  PRO A CA  1 
ATOM   130  C C   . PRO A 1 19  ? 1.075   2.237   20.810  1.00 47.86 ? 19  PRO A C   1 
ATOM   131  O O   . PRO A 1 19  ? 1.603   2.023   21.900  1.00 47.20 ? 19  PRO A O   1 
ATOM   132  C CB  . PRO A 1 19  ? 2.488   1.796   18.740  1.00 44.94 ? 19  PRO A CB  1 
ATOM   133  C CG  . PRO A 1 19  ? 1.796   2.731   17.793  1.00 44.21 ? 19  PRO A CG  1 
ATOM   134  C CD  . PRO A 1 19  ? 0.551   1.959   17.419  1.00 44.55 ? 19  PRO A CD  1 
ATOM   135  N N   . THR A 1 20  ? 0.261   3.265   20.590  1.00 49.81 ? 20  THR A N   1 
ATOM   136  C CA  . THR A 1 20  ? -0.084  4.219   21.637  1.00 51.47 ? 20  THR A CA  1 
ATOM   137  C C   . THR A 1 20  ? -1.565  4.056   21.967  1.00 52.26 ? 20  THR A C   1 
ATOM   138  O O   . THR A 1 20  ? -2.356  3.656   21.110  1.00 53.01 ? 20  THR A O   1 
ATOM   139  C CB  . THR A 1 20  ? 0.184   5.672   21.178  1.00 51.78 ? 20  THR A CB  1 
ATOM   140  O OG1 . THR A 1 20  ? -0.483  5.916   19.934  1.00 53.54 ? 20  THR A OG1 1 
ATOM   141  C CG2 . THR A 1 20  ? 1.672   5.906   20.997  1.00 52.31 ? 20  THR A CG2 1 
ATOM   142  N N   . LYS A 1 21  ? -1.938  4.358   23.208  1.00 53.15 ? 21  LYS A N   1 
ATOM   143  C CA  . LYS A 1 21  ? -3.327  4.228   23.637  1.00 53.12 ? 21  LYS A CA  1 
ATOM   144  C C   . LYS A 1 21  ? -4.291  5.045   22.787  1.00 52.89 ? 21  LYS A C   1 
ATOM   145  O O   . LYS A 1 21  ? -3.994  6.174   22.403  1.00 53.42 ? 21  LYS A O   1 
ATOM   146  C CB  . LYS A 1 21  ? -3.472  4.612   25.116  1.00 53.64 ? 21  LYS A CB  1 
ATOM   147  C CG  . LYS A 1 21  ? -2.703  5.853   25.544  1.00 54.44 ? 21  LYS A CG  1 
ATOM   148  C CD  . LYS A 1 21  ? -2.924  6.121   27.031  1.00 54.83 ? 21  LYS A CD  1 
ATOM   149  C CE  . LYS A 1 21  ? -1.977  7.184   27.577  1.00 54.77 ? 21  LYS A CE  1 
ATOM   150  N NZ  . LYS A 1 21  ? -0.565  6.697   27.652  1.00 54.85 ? 21  LYS A NZ  1 
ATOM   151  N N   . GLY A 1 22  ? -5.446  4.457   22.490  1.00 52.52 ? 22  GLY A N   1 
ATOM   152  C CA  . GLY A 1 22  ? -6.440  5.134   21.680  1.00 51.76 ? 22  GLY A CA  1 
ATOM   153  C C   . GLY A 1 22  ? -6.388  4.693   20.230  1.00 51.83 ? 22  GLY A C   1 
ATOM   154  O O   . GLY A 1 22  ? -7.231  5.083   19.421  1.00 52.57 ? 22  GLY A O   1 
ATOM   155  N N   . ILE A 1 23  ? -5.393  3.875   19.897  1.00 50.47 ? 23  ILE A N   1 
ATOM   156  C CA  . ILE A 1 23  ? -5.235  3.379   18.533  1.00 49.13 ? 23  ILE A CA  1 
ATOM   157  C C   . ILE A 1 23  ? -5.602  1.895   18.428  1.00 46.54 ? 23  ILE A C   1 
ATOM   158  O O   . ILE A 1 23  ? -5.019  1.060   19.116  1.00 46.10 ? 23  ILE A O   1 
ATOM   159  C CB  . ILE A 1 23  ? -3.768  3.564   18.029  1.00 50.52 ? 23  ILE A CB  1 
ATOM   160  C CG1 . ILE A 1 23  ? -3.432  5.053   17.884  1.00 51.21 ? 23  ILE A CG1 1 
ATOM   161  C CG2 . ILE A 1 23  ? -3.581  2.859   16.684  1.00 50.40 ? 23  ILE A CG2 1 
ATOM   162  C CD1 . ILE A 1 23  ? -3.381  5.824   19.197  1.00 53.12 ? 23  ILE A CD1 1 
ATOM   163  N N   . ALA A 1 24  ? -6.578  1.581   17.577  1.00 43.89 ? 24  ALA A N   1 
ATOM   164  C CA  . ALA A 1 24  ? -7.006  0.200   17.358  1.00 41.73 ? 24  ALA A CA  1 
ATOM   165  C C   . ALA A 1 24  ? -6.154  -0.376  16.223  1.00 39.62 ? 24  ALA A C   1 
ATOM   166  O O   . ALA A 1 24  ? -6.438  -0.140  15.046  1.00 39.07 ? 24  ALA A O   1 
ATOM   167  C CB  . ALA A 1 24  ? -8.481  0.165   16.979  1.00 42.01 ? 24  ALA A CB  1 
ATOM   168  N N   . PHE A 1 25  ? -5.119  -1.133  16.584  1.00 36.71 ? 25  PHE A N   1 
ATOM   169  C CA  . PHE A 1 25  ? -4.191  -1.711  15.605  1.00 33.87 ? 25  PHE A CA  1 
ATOM   170  C C   . PHE A 1 25  ? -4.675  -2.989  14.918  1.00 31.83 ? 25  PHE A C   1 
ATOM   171  O O   . PHE A 1 25  ? -5.084  -3.943  15.574  1.00 31.51 ? 25  PHE A O   1 
ATOM   172  C CB  . PHE A 1 25  ? -2.841  -1.986  16.283  1.00 31.91 ? 25  PHE A CB  1 
ATOM   173  C CG  . PHE A 1 25  ? -1.716  -2.261  15.317  1.00 30.66 ? 25  PHE A CG  1 
ATOM   174  C CD1 . PHE A 1 25  ? -0.963  -1.218  14.784  1.00 31.34 ? 25  PHE A CD1 1 
ATOM   175  C CD2 . PHE A 1 25  ? -1.405  -3.565  14.942  1.00 28.86 ? 25  PHE A CD2 1 
ATOM   176  C CE1 . PHE A 1 25  ? 0.093   -1.474  13.889  1.00 30.30 ? 25  PHE A CE1 1 
ATOM   177  C CE2 . PHE A 1 25  ? -0.356  -3.830  14.050  1.00 26.84 ? 25  PHE A CE2 1 
ATOM   178  C CZ  . PHE A 1 25  ? 0.391   -2.786  13.527  1.00 28.22 ? 25  PHE A CZ  1 
ATOM   179  N N   . LYS A 1 26  ? -4.598  -3.007  13.590  1.00 31.61 ? 26  LYS A N   1 
ATOM   180  C CA  . LYS A 1 26  ? -5.015  -4.173  12.818  1.00 29.30 ? 26  LYS A CA  1 
ATOM   181  C C   . LYS A 1 26  ? -3.797  -5.038  12.524  1.00 27.46 ? 26  LYS A C   1 
ATOM   182  O O   . LYS A 1 26  ? -2.946  -4.675  11.703  1.00 27.74 ? 26  LYS A O   1 
ATOM   183  C CB  . LYS A 1 26  ? -5.681  -3.736  11.511  1.00 29.53 ? 26  LYS A CB  1 
ATOM   184  C CG  . LYS A 1 26  ? -6.961  -2.945  11.720  1.00 29.65 ? 26  LYS A CG  1 
ATOM   185  C CD  . LYS A 1 26  ? -8.029  -3.771  12.409  1.00 28.99 ? 26  LYS A CD  1 
ATOM   186  C CE  . LYS A 1 26  ? -9.289  -2.945  12.666  1.00 31.66 ? 26  LYS A CE  1 
ATOM   187  N NZ  . LYS A 1 26  ? -10.357 -3.762  13.309  1.00 29.47 ? 26  LYS A NZ  1 
ATOM   188  N N   . ASP A 1 27  ? -3.720  -6.174  13.210  1.00 26.95 ? 27  ASP A N   1 
ATOM   189  C CA  . ASP A 1 27  ? -2.606  -7.109  13.053  1.00 23.54 ? 27  ASP A CA  1 
ATOM   190  C C   . ASP A 1 27  ? -2.893  -8.097  11.919  1.00 21.82 ? 27  ASP A C   1 
ATOM   191  O O   . ASP A 1 27  ? -3.716  -9.003  12.070  1.00 21.74 ? 27  ASP A O   1 
ATOM   192  C CB  . ASP A 1 27  ? -2.376  -7.857  14.372  1.00 24.24 ? 27  ASP A CB  1 
ATOM   193  C CG  . ASP A 1 27  ? -1.134  -8.728  14.335  1.00 22.54 ? 27  ASP A CG  1 
ATOM   194  O OD1 . ASP A 1 27  ? -0.396  -8.630  13.342  1.00 25.42 ? 27  ASP A OD1 1 
ATOM   195  O OD2 . ASP A 1 27  ? -0.889  -9.491  15.294  1.00 22.01 ? 27  ASP A OD2 1 
ATOM   196  N N   . LEU A 1 28  ? -2.205  -7.922  10.791  1.00 18.29 ? 28  LEU A N   1 
ATOM   197  C CA  . LEU A 1 28  ? -2.393  -8.772  9.612   1.00 18.83 ? 28  LEU A CA  1 
ATOM   198  C C   . LEU A 1 28  ? -1.432  -9.950  9.549   1.00 18.56 ? 28  LEU A C   1 
ATOM   199  O O   . LEU A 1 28  ? -1.425  -10.714 8.579   1.00 16.88 ? 28  LEU A O   1 
ATOM   200  C CB  . LEU A 1 28  ? -2.212  -7.936  8.338   1.00 20.28 ? 28  LEU A CB  1 
ATOM   201  C CG  . LEU A 1 28  ? -3.095  -6.699  8.152   1.00 19.75 ? 28  LEU A CG  1 
ATOM   202  C CD1 . LEU A 1 28  ? -2.775  -6.045  6.826   1.00 19.75 ? 28  LEU A CD1 1 
ATOM   203  C CD2 . LEU A 1 28  ? -4.544  -7.099  8.202   1.00 23.12 ? 28  LEU A CD2 1 
ATOM   204  N N   . SER A 1 29  ? -0.622  -10.085 10.586  1.00 18.16 ? 29  SER A N   1 
ATOM   205  C CA  . SER A 1 29  ? 0.391   -11.121 10.668  1.00 20.47 ? 29  SER A CA  1 
ATOM   206  C C   . SER A 1 29  ? -0.032  -12.558 10.357  1.00 19.90 ? 29  SER A C   1 
ATOM   207  O O   . SER A 1 29  ? 0.694   -13.288 9.681   1.00 21.06 ? 29  SER A O   1 
ATOM   208  C CB  . SER A 1 29  ? 1.036   -11.074 12.058  1.00 25.00 ? 29  SER A CB  1 
ATOM   209  O OG  . SER A 1 29  ? 2.064   -12.040 12.163  1.00 36.54 ? 29  SER A OG  1 
ATOM   210  N N   . ASP A 1 30  ? -1.198  -12.972 10.829  1.00 18.77 ? 30  ASP A N   1 
ATOM   211  C CA  . ASP A 1 30  ? -1.618  -14.344 10.596  1.00 20.79 ? 30  ASP A CA  1 
ATOM   212  C C   . ASP A 1 30  ? -2.020  -14.644 9.142   1.00 20.07 ? 30  ASP A C   1 
ATOM   213  O O   . ASP A 1 30  ? -2.040  -15.795 8.731   1.00 20.00 ? 30  ASP A O   1 
ATOM   214  C CB  . ASP A 1 30  ? -2.707  -14.720 11.598  1.00 22.54 ? 30  ASP A CB  1 
ATOM   215  C CG  . ASP A 1 30  ? -2.241  -14.556 13.053  1.00 27.93 ? 30  ASP A CG  1 
ATOM   216  O OD1 . ASP A 1 30  ? -1.178  -15.096 13.414  1.00 27.47 ? 30  ASP A OD1 1 
ATOM   217  O OD2 . ASP A 1 30  ? -2.930  -13.879 13.849  1.00 32.70 ? 30  ASP A OD2 1 
ATOM   218  N N   . ILE A 1 31  ? -2.314  -13.617 8.353   1.00 19.61 ? 31  ILE A N   1 
ATOM   219  C CA  . ILE A 1 31  ? -2.631  -13.843 6.938   1.00 18.65 ? 31  ILE A CA  1 
ATOM   220  C C   . ILE A 1 31  ? -1.296  -14.164 6.253   1.00 18.41 ? 31  ILE A C   1 
ATOM   221  O O   . ILE A 1 31  ? -1.194  -15.075 5.431   1.00 18.01 ? 31  ILE A O   1 
ATOM   222  C CB  . ILE A 1 31  ? -3.220  -12.579 6.274   1.00 18.66 ? 31  ILE A CB  1 
ATOM   223  C CG1 . ILE A 1 31  ? -4.627  -12.320 6.808   1.00 19.10 ? 31  ILE A CG1 1 
ATOM   224  C CG2 . ILE A 1 31  ? -3.261  -12.740 4.752   1.00 19.37 ? 31  ILE A CG2 1 
ATOM   225  C CD1 . ILE A 1 31  ? -5.233  -11.012 6.318   1.00 19.98 ? 31  ILE A CD1 1 
ATOM   226  N N   . LEU A 1 32  ? -0.266  -13.414 6.624   1.00 18.25 ? 32  LEU A N   1 
ATOM   227  C CA  . LEU A 1 32  ? 1.054   -13.600 6.033   1.00 18.19 ? 32  LEU A CA  1 
ATOM   228  C C   . LEU A 1 32  ? 1.735   -14.919 6.403   1.00 17.52 ? 32  LEU A C   1 
ATOM   229  O O   . LEU A 1 32  ? 2.494   -15.464 5.597   1.00 15.46 ? 32  LEU A O   1 
ATOM   230  C CB  . LEU A 1 32  ? 1.972   -12.432 6.415   1.00 20.56 ? 32  LEU A CB  1 
ATOM   231  C CG  . LEU A 1 32  ? 1.436   -11.012 6.160   1.00 22.24 ? 32  LEU A CG  1 
ATOM   232  C CD1 . LEU A 1 32  ? 2.458   -9.994  6.658   1.00 24.98 ? 32  LEU A CD1 1 
ATOM   233  C CD2 . LEU A 1 32  ? 1.163   -10.810 4.683   1.00 23.89 ? 32  LEU A CD2 1 
ATOM   234  N N   . SER A 1 33  ? 1.472   -15.434 7.606   1.00 16.48 ? 33  SER A N   1 
ATOM   235  C CA  . SER A 1 33  ? 2.107   -16.674 8.056   1.00 16.91 ? 33  SER A CA  1 
ATOM   236  C C   . SER A 1 33  ? 1.302   -17.911 7.704   1.00 18.91 ? 33  SER A C   1 
ATOM   237  O O   . SER A 1 33  ? 1.721   -19.027 7.990   1.00 17.30 ? 33  SER A O   1 
ATOM   238  C CB  . SER A 1 33  ? 2.333   -16.652 9.571   1.00 15.96 ? 33  SER A CB  1 
ATOM   239  O OG  . SER A 1 33  ? 1.110   -16.611 10.294  1.00 16.01 ? 33  SER A OG  1 
ATOM   240  N N   . THR A 1 34  ? 0.140   -17.710 7.089   1.00 18.52 ? 34  THR A N   1 
ATOM   241  C CA  . THR A 1 34  ? -0.724  -18.825 6.700   1.00 18.12 ? 34  THR A CA  1 
ATOM   242  C C   . THR A 1 34  ? -0.769  -18.846 5.175   1.00 19.54 ? 34  THR A C   1 
ATOM   243  O O   . THR A 1 34  ? -1.515  -18.088 4.570   1.00 19.03 ? 34  THR A O   1 
ATOM   244  C CB  . THR A 1 34  ? -2.151  -18.625 7.270   1.00 18.59 ? 34  THR A CB  1 
ATOM   245  O OG1 . THR A 1 34  ? -2.068  -18.436 8.688   1.00 17.87 ? 34  THR A OG1 1 
ATOM   246  C CG2 . THR A 1 34  ? -3.026  -19.860 6.996   1.00 17.75 ? 34  THR A CG2 1 
ATOM   247  N N   . PRO A 1 35  ? 0.015   -19.735 4.535   1.00 19.86 ? 35  PRO A N   1 
ATOM   248  C CA  . PRO A 1 35  ? 0.039   -19.804 3.070   1.00 19.50 ? 35  PRO A CA  1 
ATOM   249  C C   . PRO A 1 35  ? -1.280  -19.784 2.300   1.00 20.38 ? 35  PRO A C   1 
ATOM   250  O O   . PRO A 1 35  ? -1.383  -19.080 1.281   1.00 21.36 ? 35  PRO A O   1 
ATOM   251  C CB  . PRO A 1 35  ? 0.879   -21.060 2.778   1.00 20.90 ? 35  PRO A CB  1 
ATOM   252  C CG  . PRO A 1 35  ? 0.782   -21.873 4.031   1.00 21.11 ? 35  PRO A CG  1 
ATOM   253  C CD  . PRO A 1 35  ? 0.802   -20.829 5.130   1.00 21.89 ? 35  PRO A CD  1 
ATOM   254  N N   . ALA A 1 36  ? -2.284  -20.530 2.756   1.00 19.27 ? 36  ALA A N   1 
ATOM   255  C CA  . ALA A 1 36  ? -3.559  -20.539 2.031   1.00 18.72 ? 36  ALA A CA  1 
ATOM   256  C C   . ALA A 1 36  ? -4.228  -19.162 2.085   1.00 18.23 ? 36  ALA A C   1 
ATOM   257  O O   . ALA A 1 36  ? -4.845  -18.738 1.119   1.00 17.69 ? 36  ALA A O   1 
ATOM   258  C CB  . ALA A 1 36  ? -4.489  -21.614 2.593   1.00 19.04 ? 36  ALA A CB  1 
ATOM   259  N N   . ALA A 1 37  ? -4.084  -18.453 3.200   1.00 17.67 ? 37  ALA A N   1 
ATOM   260  C CA  . ALA A 1 37  ? -4.674  -17.116 3.326   1.00 15.76 ? 37  ALA A CA  1 
ATOM   261  C C   . ALA A 1 37  ? -3.890  -16.109 2.475   1.00 16.37 ? 37  ALA A C   1 
ATOM   262  O O   . ALA A 1 37  ? -4.466  -15.234 1.830   1.00 15.37 ? 37  ALA A O   1 
ATOM   263  C CB  . ALA A 1 37  ? -4.679  -16.679 4.792   1.00 15.59 ? 37  ALA A CB  1 
ATOM   264  N N   . LEU A 1 38  ? -2.565  -16.226 2.487   1.00 18.15 ? 38  LEU A N   1 
ATOM   265  C CA  . LEU A 1 38  ? -1.736  -15.336 1.687   1.00 17.93 ? 38  LEU A CA  1 
ATOM   266  C C   . LEU A 1 38  ? -2.010  -15.580 0.191   1.00 19.51 ? 38  LEU A C   1 
ATOM   267  O O   . LEU A 1 38  ? -2.060  -14.634 -0.596  1.00 20.48 ? 38  LEU A O   1 
ATOM   268  C CB  . LEU A 1 38  ? -0.259  -15.565 2.022   1.00 20.85 ? 38  LEU A CB  1 
ATOM   269  C CG  . LEU A 1 38  ? 0.780   -14.626 1.387   1.00 26.04 ? 38  LEU A CG  1 
ATOM   270  C CD1 . LEU A 1 38  ? 0.407   -13.180 1.630   1.00 24.95 ? 38  LEU A CD1 1 
ATOM   271  C CD2 . LEU A 1 38  ? 2.160   -14.927 1.980   1.00 24.23 ? 38  LEU A CD2 1 
ATOM   272  N N   . ASP A 1 39  ? -2.185  -16.841 -0.210  1.00 20.69 ? 39  ASP A N   1 
ATOM   273  C CA  . ASP A 1 39  ? -2.480  -17.134 -1.619  1.00 21.34 ? 39  ASP A CA  1 
ATOM   274  C C   . ASP A 1 39  ? -3.826  -16.511 -2.011  1.00 22.11 ? 39  ASP A C   1 
ATOM   275  O O   . ASP A 1 39  ? -3.949  -15.907 -3.070  1.00 23.79 ? 39  ASP A O   1 
ATOM   276  C CB  . ASP A 1 39  ? -2.565  -18.645 -1.883  1.00 23.30 ? 39  ASP A CB  1 
ATOM   277  C CG  . ASP A 1 39  ? -1.204  -19.331 -1.883  1.00 23.10 ? 39  ASP A CG  1 
ATOM   278  O OD1 . ASP A 1 39  ? -0.172  -18.645 -1.974  1.00 26.31 ? 39  ASP A OD1 1 
ATOM   279  O OD2 . ASP A 1 39  ? -1.177  -20.575 -1.796  1.00 28.09 ? 39  ASP A OD2 1 
ATOM   280  N N   . ALA A 1 40  ? -4.832  -16.669 -1.155  1.00 21.04 ? 40  ALA A N   1 
ATOM   281  C CA  . ALA A 1 40  ? -6.156  -16.123 -1.430  1.00 23.26 ? 40  ALA A CA  1 
ATOM   282  C C   . ALA A 1 40  ? -6.105  -14.619 -1.705  1.00 23.31 ? 40  ALA A C   1 
ATOM   283  O O   . ALA A 1 40  ? -6.700  -14.128 -2.666  1.00 22.63 ? 40  ALA A O   1 
ATOM   284  C CB  . ALA A 1 40  ? -7.090  -16.405 -0.260  1.00 23.90 ? 40  ALA A CB  1 
ATOM   285  N N   . VAL A 1 41  ? -5.383  -13.886 -0.866  1.00 22.20 ? 41  VAL A N   1 
ATOM   286  C CA  . VAL A 1 41  ? -5.291  -12.445 -1.022  1.00 21.60 ? 41  VAL A CA  1 
ATOM   287  C C   . VAL A 1 41  ? -4.440  -12.056 -2.227  1.00 21.69 ? 41  VAL A C   1 
ATOM   288  O O   . VAL A 1 41  ? -4.749  -11.098 -2.949  1.00 21.27 ? 41  VAL A O   1 
ATOM   289  C CB  . VAL A 1 41  ? -4.729  -11.800 0.263   1.00 23.10 ? 41  VAL A CB  1 
ATOM   290  C CG1 . VAL A 1 41  ? -4.411  -10.340 0.018   1.00 28.70 ? 41  VAL A CG1 1 
ATOM   291  C CG2 . VAL A 1 41  ? -5.755  -11.931 1.384   1.00 23.54 ? 41  VAL A CG2 1 
ATOM   292  N N   . ARG A 1 42  ? -3.369  -12.802 -2.452  1.00 22.13 ? 42  ARG A N   1 
ATOM   293  C CA  . ARG A 1 42  ? -2.500  -12.524 -3.582  1.00 22.49 ? 42  ARG A CA  1 
ATOM   294  C C   . ARG A 1 42  ? -3.283  -12.713 -4.884  1.00 22.45 ? 42  ARG A C   1 
ATOM   295  O O   . ARG A 1 42  ? -3.196  -11.890 -5.791  1.00 23.06 ? 42  ARG A O   1 
ATOM   296  C CB  . ARG A 1 42  ? -1.303  -13.472 -3.573  1.00 22.23 ? 42  ARG A CB  1 
ATOM   297  C CG  . ARG A 1 42  ? -0.296  -13.218 -4.683  1.00 26.32 ? 42  ARG A CG  1 
ATOM   298  C CD  . ARG A 1 42  ? 0.494   -14.478 -5.000  1.00 27.17 ? 42  ARG A CD  1 
ATOM   299  N NE  . ARG A 1 42  ? -0.290  -15.400 -5.811  1.00 27.70 ? 42  ARG A NE  1 
ATOM   300  C CZ  . ARG A 1 42  ? -0.427  -16.699 -5.560  1.00 31.90 ? 42  ARG A CZ  1 
ATOM   301  N NH1 . ARG A 1 42  ? 0.170   -17.252 -4.512  1.00 32.08 ? 42  ARG A NH1 1 
ATOM   302  N NH2 . ARG A 1 42  ? -1.181  -17.446 -6.355  1.00 32.70 ? 42  ARG A NH2 1 
ATOM   303  N N   . LYS A 1 43  ? -4.046  -13.797 -4.965  1.00 23.80 ? 43  LYS A N   1 
ATOM   304  C CA  . LYS A 1 43  ? -4.821  -14.094 -6.168  1.00 25.82 ? 43  LYS A CA  1 
ATOM   305  C C   . LYS A 1 43  ? -5.863  -13.027 -6.472  1.00 25.60 ? 43  LYS A C   1 
ATOM   306  O O   . LYS A 1 43  ? -6.099  -12.688 -7.635  1.00 26.72 ? 43  LYS A O   1 
ATOM   307  C CB  . LYS A 1 43  ? -5.488  -15.468 -6.039  1.00 26.99 ? 43  LYS A CB  1 
ATOM   308  C CG  . LYS A 1 43  ? -4.495  -16.630 -6.060  1.00 30.19 ? 43  LYS A CG  1 
ATOM   309  C CD  . LYS A 1 43  ? -5.193  -17.979 -6.146  1.00 33.02 ? 43  LYS A CD  1 
ATOM   310  C CE  . LYS A 1 43  ? -5.966  -18.137 -7.457  1.00 38.16 ? 43  LYS A CE  1 
ATOM   311  N NZ  . LYS A 1 43  ? -5.066  -18.150 -8.658  1.00 41.02 ? 43  LYS A NZ  1 
ATOM   312  N N   . GLU A 1 44  ? -6.475  -12.495 -5.420  1.00 26.98 ? 44  GLU A N   1 
ATOM   313  C CA  . GLU A 1 44  ? -7.489  -11.455 -5.548  1.00 26.94 ? 44  GLU A CA  1 
ATOM   314  C C   . GLU A 1 44  ? -6.867  -10.215 -6.209  1.00 26.43 ? 44  GLU A C   1 
ATOM   315  O O   . GLU A 1 44  ? -7.443  -9.630  -7.127  1.00 24.25 ? 44  GLU A O   1 
ATOM   316  C CB  . GLU A 1 44  ? -8.036  -11.118 -4.154  1.00 30.81 ? 44  GLU A CB  1 
ATOM   317  C CG  . GLU A 1 44  ? -9.236  -10.184 -4.111  1.00 34.27 ? 44  GLU A CG  1 
ATOM   318  C CD  . GLU A 1 44  ? -10.458 -10.756 -4.807  1.00 38.61 ? 44  GLU A CD  1 
ATOM   319  O OE1 . GLU A 1 44  ? -10.734 -11.966 -4.646  1.00 38.56 ? 44  GLU A OE1 1 
ATOM   320  O OE2 . GLU A 1 44  ? -11.152 -9.987  -5.507  1.00 39.32 ? 44  GLU A OE2 1 
ATOM   321  N N   . VAL A 1 45  ? -5.683  -9.824  -5.741  1.00 24.05 ? 45  VAL A N   1 
ATOM   322  C CA  . VAL A 1 45  ? -4.984  -8.668  -6.290  1.00 22.58 ? 45  VAL A CA  1 
ATOM   323  C C   . VAL A 1 45  ? -4.551  -8.906  -7.736  1.00 23.12 ? 45  VAL A C   1 
ATOM   324  O O   . VAL A 1 45  ? -4.820  -8.089  -8.617  1.00 24.74 ? 45  VAL A O   1 
ATOM   325  C CB  . VAL A 1 45  ? -3.729  -8.322  -5.445  1.00 19.60 ? 45  VAL A CB  1 
ATOM   326  C CG1 . VAL A 1 45  ? -3.047  -7.079  -5.998  1.00 20.65 ? 45  VAL A CG1 1 
ATOM   327  C CG2 . VAL A 1 45  ? -4.118  -8.107  -4.002  1.00 19.19 ? 45  VAL A CG2 1 
ATOM   328  N N   . THR A 1 46  ? -3.899  -10.035 -7.998  1.00 24.12 ? 46  THR A N   1 
ATOM   329  C CA  . THR A 1 46  ? -3.436  -10.303 -9.350  1.00 24.65 ? 46  THR A CA  1 
ATOM   330  C C   . THR A 1 46  ? -4.561  -10.415 -10.374 1.00 26.30 ? 46  THR A C   1 
ATOM   331  O O   . THR A 1 46  ? -4.424  -9.928  -11.499 1.00 26.96 ? 46  THR A O   1 
ATOM   332  C CB  . THR A 1 46  ? -2.547  -11.562 -9.398  1.00 26.08 ? 46  THR A CB  1 
ATOM   333  O OG1 . THR A 1 46  ? -3.273  -12.687 -8.898  1.00 25.80 ? 46  THR A OG1 1 
ATOM   334  C CG2 . THR A 1 46  ? -1.296  -11.344 -8.553  1.00 22.02 ? 46  THR A CG2 1 
ATOM   335  N N   . ALA A 1 47  ? -5.674  -11.038 -9.999  1.00 26.76 ? 47  ALA A N   1 
ATOM   336  C CA  . ALA A 1 47  ? -6.790  -11.156 -10.923 1.00 26.22 ? 47  ALA A CA  1 
ATOM   337  C C   . ALA A 1 47  ? -7.304  -9.757  -11.240 1.00 26.74 ? 47  ALA A C   1 
ATOM   338  O O   . ALA A 1 47  ? -7.619  -9.442  -12.385 1.00 26.93 ? 47  ALA A O   1 
ATOM   339  C CB  . ALA A 1 47  ? -7.907  -11.998 -10.311 1.00 26.18 ? 47  ALA A CB  1 
ATOM   340  N N   . HIS A 1 48  ? -7.363  -8.911  -10.219 1.00 26.21 ? 48  HIS A N   1 
ATOM   341  C CA  . HIS A 1 48  ? -7.853  -7.548  -10.375 1.00 26.97 ? 48  HIS A CA  1 
ATOM   342  C C   . HIS A 1 48  ? -7.075  -6.675  -11.367 1.00 27.18 ? 48  HIS A C   1 
ATOM   343  O O   . HIS A 1 48  ? -7.659  -5.833  -12.044 1.00 25.02 ? 48  HIS A O   1 
ATOM   344  C CB  . HIS A 1 48  ? -7.892  -6.863  -9.007  1.00 27.70 ? 48  HIS A CB  1 
ATOM   345  C CG  . HIS A 1 48  ? -8.651  -5.575  -8.999  1.00 29.53 ? 48  HIS A CG  1 
ATOM   346  N ND1 . HIS A 1 48  ? -8.097  -4.381  -9.404  1.00 30.25 ? 48  HIS A ND1 1 
ATOM   347  C CD2 . HIS A 1 48  ? -9.927  -5.295  -8.644  1.00 29.76 ? 48  HIS A CD2 1 
ATOM   348  C CE1 . HIS A 1 48  ? -8.997  -3.420  -9.296  1.00 30.81 ? 48  HIS A CE1 1 
ATOM   349  N NE2 . HIS A 1 48  ? -10.117 -3.949  -8.837  1.00 33.07 ? 48  HIS A NE2 1 
ATOM   350  N N   . TYR A 1 49  ? -5.768  -6.885  -11.471 1.00 26.44 ? 49  TYR A N   1 
ATOM   351  C CA  . TYR A 1 49  ? -4.948  -6.082  -12.366 1.00 25.73 ? 49  TYR A CA  1 
ATOM   352  C C   . TYR A 1 49  ? -4.474  -6.827  -13.609 1.00 29.12 ? 49  TYR A C   1 
ATOM   353  O O   . TYR A 1 49  ? -3.588  -6.356  -14.325 1.00 27.24 ? 49  TYR A O   1 
ATOM   354  C CB  . TYR A 1 49  ? -3.737  -5.537  -11.600 1.00 22.92 ? 49  TYR A CB  1 
ATOM   355  C CG  . TYR A 1 49  ? -4.121  -4.623  -10.460 1.00 22.72 ? 49  TYR A CG  1 
ATOM   356  C CD1 . TYR A 1 49  ? -4.222  -5.097  -9.154  1.00 22.55 ? 49  TYR A CD1 1 
ATOM   357  C CD2 . TYR A 1 49  ? -4.404  -3.285  -10.690 1.00 22.92 ? 49  TYR A CD2 1 
ATOM   358  C CE1 . TYR A 1 49  ? -4.592  -4.245  -8.099  1.00 22.81 ? 49  TYR A CE1 1 
ATOM   359  C CE2 . TYR A 1 49  ? -4.776  -2.433  -9.652  1.00 23.23 ? 49  TYR A CE2 1 
ATOM   360  C CZ  . TYR A 1 49  ? -4.867  -2.915  -8.363  1.00 23.09 ? 49  TYR A CZ  1 
ATOM   361  O OH  . TYR A 1 49  ? -5.236  -2.060  -7.347  1.00 23.34 ? 49  TYR A OH  1 
ATOM   362  N N   . LYS A 1 50  ? -5.078  -7.982  -13.862 1.00 31.71 ? 50  LYS A N   1 
ATOM   363  C CA  . LYS A 1 50  ? -4.726  -8.824  -15.001 1.00 36.55 ? 50  LYS A CA  1 
ATOM   364  C C   . LYS A 1 50  ? -4.704  -8.077  -16.332 1.00 37.42 ? 50  LYS A C   1 
ATOM   365  O O   . LYS A 1 50  ? -3.862  -8.348  -17.187 1.00 38.64 ? 50  LYS A O   1 
ATOM   366  C CB  . LYS A 1 50  ? -5.707  -10.000 -15.070 1.00 39.18 ? 50  LYS A CB  1 
ATOM   367  C CG  . LYS A 1 50  ? -5.481  -10.982 -16.208 1.00 42.93 ? 50  LYS A CG  1 
ATOM   368  C CD  . LYS A 1 50  ? -6.292  -12.258 -15.969 1.00 46.11 ? 50  LYS A CD  1 
ATOM   369  C CE  . LYS A 1 50  ? -7.777  -11.964 -15.762 1.00 46.50 ? 50  LYS A CE  1 
ATOM   370  N NZ  . LYS A 1 50  ? -8.544  -13.188 -15.369 1.00 49.11 ? 50  LYS A NZ  1 
ATOM   371  N N   . ASP A 1 51  ? -5.626  -7.136  -16.510 1.00 37.24 ? 51  ASP A N   1 
ATOM   372  C CA  . ASP A 1 51  ? -5.684  -6.374  -17.750 1.00 37.85 ? 51  ASP A CA  1 
ATOM   373  C C   . ASP A 1 51  ? -5.128  -4.950  -17.650 1.00 35.85 ? 51  ASP A C   1 
ATOM   374  O O   . ASP A 1 51  ? -5.277  -4.161  -18.587 1.00 35.69 ? 51  ASP A O   1 
ATOM   375  C CB  . ASP A 1 51  ? -7.126  -6.340  -18.268 1.00 41.15 ? 51  ASP A CB  1 
ATOM   376  C CG  . ASP A 1 51  ? -7.552  -7.664  -18.891 1.00 43.97 ? 51  ASP A CG  1 
ATOM   377  O OD1 . ASP A 1 51  ? -7.367  -8.720  -18.251 1.00 46.74 ? 51  ASP A OD1 1 
ATOM   378  O OD2 . ASP A 1 51  ? -8.077  -7.650  -20.025 1.00 48.88 ? 51  ASP A OD2 1 
ATOM   379  N N   . VAL A 1 52  ? -4.493  -4.624  -16.524 1.00 32.20 ? 52  VAL A N   1 
ATOM   380  C CA  . VAL A 1 52  ? -3.901  -3.294  -16.325 1.00 29.40 ? 52  VAL A CA  1 
ATOM   381  C C   . VAL A 1 52  ? -2.397  -3.404  -16.609 1.00 28.18 ? 52  VAL A C   1 
ATOM   382  O O   . VAL A 1 52  ? -1.697  -4.224  -16.006 1.00 27.04 ? 52  VAL A O   1 
ATOM   383  C CB  . VAL A 1 52  ? -4.130  -2.795  -14.883 1.00 29.50 ? 52  VAL A CB  1 
ATOM   384  C CG1 . VAL A 1 52  ? -3.527  -1.410  -14.698 1.00 27.59 ? 52  VAL A CG1 1 
ATOM   385  C CG2 . VAL A 1 52  ? -5.626  -2.765  -14.583 1.00 31.62 ? 52  VAL A CG2 1 
ATOM   386  N N   . PRO A 1 53  ? -1.882  -2.577  -17.532 1.00 26.88 ? 53  PRO A N   1 
ATOM   387  C CA  . PRO A 1 53  ? -0.459  -2.610  -17.892 1.00 25.86 ? 53  PRO A CA  1 
ATOM   388  C C   . PRO A 1 53  ? 0.533   -2.069  -16.866 1.00 24.10 ? 53  PRO A C   1 
ATOM   389  O O   . PRO A 1 53  ? 1.371   -1.227  -17.186 1.00 22.81 ? 53  PRO A O   1 
ATOM   390  C CB  . PRO A 1 53  ? -0.427  -1.828  -19.203 1.00 25.92 ? 53  PRO A CB  1 
ATOM   391  C CG  . PRO A 1 53  ? -1.449  -0.757  -18.958 1.00 26.22 ? 53  PRO A CG  1 
ATOM   392  C CD  . PRO A 1 53  ? -2.591  -1.513  -18.273 1.00 27.11 ? 53  PRO A CD  1 
ATOM   393  N N   . ILE A 1 54  ? 0.431   -2.556  -15.635 1.00 23.19 ? 54  ILE A N   1 
ATOM   394  C CA  . ILE A 1 54  ? 1.325   -2.152  -14.549 1.00 21.71 ? 54  ILE A CA  1 
ATOM   395  C C   . ILE A 1 54  ? 2.776   -2.418  -14.966 1.00 21.25 ? 54  ILE A C   1 
ATOM   396  O O   . ILE A 1 54  ? 3.059   -3.449  -15.585 1.00 21.08 ? 54  ILE A O   1 
ATOM   397  C CB  . ILE A 1 54  ? 1.034   -2.988  -13.279 1.00 19.97 ? 54  ILE A CB  1 
ATOM   398  C CG1 . ILE A 1 54  ? -0.406  -2.753  -12.807 1.00 22.09 ? 54  ILE A CG1 1 
ATOM   399  C CG2 . ILE A 1 54  ? 2.055   -2.673  -12.185 1.00 19.04 ? 54  ILE A CG2 1 
ATOM   400  C CD1 . ILE A 1 54  ? -0.717  -1.318  -12.435 1.00 20.80 ? 54  ILE A CD1 1 
ATOM   401  N N   . THR A 1 55  ? 3.688   -1.501  -14.640 1.00 19.69 ? 55  THR A N   1 
ATOM   402  C CA  . THR A 1 55  ? 5.102   -1.701  -14.965 1.00 20.15 ? 55  THR A CA  1 
ATOM   403  C C   . THR A 1 55  ? 5.948   -1.819  -13.698 1.00 20.73 ? 55  THR A C   1 
ATOM   404  O O   . THR A 1 55  ? 7.076   -2.320  -13.734 1.00 20.61 ? 55  THR A O   1 
ATOM   405  C CB  . THR A 1 55  ? 5.713   -0.547  -15.807 1.00 20.19 ? 55  THR A CB  1 
ATOM   406  O OG1 . THR A 1 55  ? 5.717   0.664   -15.034 1.00 21.39 ? 55  THR A OG1 1 
ATOM   407  C CG2 . THR A 1 55  ? 4.947   -0.358  -17.125 1.00 21.30 ? 55  THR A CG2 1 
ATOM   408  N N   . LYS A 1 56  ? 5.399   -1.356  -12.578 1.00 19.72 ? 56  LYS A N   1 
ATOM   409  C CA  . LYS A 1 56  ? 6.101   -1.390  -11.295 1.00 20.69 ? 56  LYS A CA  1 
ATOM   410  C C   . LYS A 1 56  ? 5.118   -1.384  -10.139 1.00 19.73 ? 56  LYS A C   1 
ATOM   411  O O   . LYS A 1 56  ? 4.072   -0.738  -10.213 1.00 19.92 ? 56  LYS A O   1 
ATOM   412  C CB  . LYS A 1 56  ? 6.985   -0.148  -11.112 1.00 18.82 ? 56  LYS A CB  1 
ATOM   413  C CG  . LYS A 1 56  ? 8.063   0.068   -12.140 1.00 24.44 ? 56  LYS A CG  1 
ATOM   414  C CD  . LYS A 1 56  ? 9.322   -0.729  -11.809 1.00 23.18 ? 56  LYS A CD  1 
ATOM   415  C CE  . LYS A 1 56  ? 10.312  -0.682  -12.968 1.00 24.35 ? 56  LYS A CE  1 
ATOM   416  N NZ  . LYS A 1 56  ? 10.619  0.710   -13.378 1.00 30.74 ? 56  LYS A NZ  1 
ATOM   417  N N   . VAL A 1 57  ? 5.467   -2.103  -9.077  1.00 19.23 ? 57  VAL A N   1 
ATOM   418  C CA  . VAL A 1 57  ? 4.678   -2.121  -7.855  1.00 18.65 ? 57  VAL A CA  1 
ATOM   419  C C   . VAL A 1 57  ? 5.527   -1.297  -6.896  1.00 20.57 ? 57  VAL A C   1 
ATOM   420  O O   . VAL A 1 57  ? 6.730   -1.536  -6.773  1.00 19.03 ? 57  VAL A O   1 
ATOM   421  C CB  . VAL A 1 57  ? 4.526   -3.535  -7.284  1.00 17.04 ? 57  VAL A CB  1 
ATOM   422  C CG1 . VAL A 1 57  ? 3.950   -3.468  -5.877  1.00 17.63 ? 57  VAL A CG1 1 
ATOM   423  C CG2 . VAL A 1 57  ? 3.625   -4.353  -8.186  1.00 15.17 ? 57  VAL A CG2 1 
ATOM   424  N N   . VAL A 1 58  ? 4.915   -0.304  -6.257  1.00 19.04 ? 58  VAL A N   1 
ATOM   425  C CA  . VAL A 1 58  ? 5.625   0.543   -5.304  1.00 20.50 ? 58  VAL A CA  1 
ATOM   426  C C   . VAL A 1 58  ? 5.077   0.266   -3.903  1.00 20.52 ? 58  VAL A C   1 
ATOM   427  O O   . VAL A 1 58  ? 3.966   0.663   -3.588  1.00 20.82 ? 58  VAL A O   1 
ATOM   428  C CB  . VAL A 1 58  ? 5.450   2.042   -5.660  1.00 20.83 ? 58  VAL A CB  1 
ATOM   429  C CG1 . VAL A 1 58  ? 6.016   2.932   -4.547  1.00 21.60 ? 58  VAL A CG1 1 
ATOM   430  C CG2 . VAL A 1 58  ? 6.149   2.333   -6.980  1.00 22.32 ? 58  VAL A CG2 1 
ATOM   431  N N   . GLY A 1 59  ? 5.853   -0.442  -3.086  1.00 19.43 ? 59  GLY A N   1 
ATOM   432  C CA  . GLY A 1 59  ? 5.421   -0.765  -1.738  1.00 21.54 ? 59  GLY A CA  1 
ATOM   433  C C   . GLY A 1 59  ? 5.657   0.404   -0.804  1.00 23.09 ? 59  GLY A C   1 
ATOM   434  O O   . GLY A 1 59  ? 6.786   0.887   -0.699  1.00 23.80 ? 59  GLY A O   1 
ATOM   435  N N   . ILE A 1 60  ? 4.602   0.847   -0.124  1.00 25.29 ? 60  ILE A N   1 
ATOM   436  C CA  . ILE A 1 60  ? 4.685   1.991   0.790   1.00 28.48 ? 60  ILE A CA  1 
ATOM   437  C C   . ILE A 1 60  ? 5.236   1.621   2.159   1.00 28.43 ? 60  ILE A C   1 
ATOM   438  O O   . ILE A 1 60  ? 4.501   1.127   3.006   1.00 29.19 ? 60  ILE A O   1 
ATOM   439  C CB  . ILE A 1 60  ? 3.292   2.650   1.001   1.00 31.27 ? 60  ILE A CB  1 
ATOM   440  C CG1 . ILE A 1 60  ? 2.607   2.904   -0.348  1.00 31.77 ? 60  ILE A CG1 1 
ATOM   441  C CG2 . ILE A 1 60  ? 3.451   3.969   1.746   1.00 31.74 ? 60  ILE A CG2 1 
ATOM   442  C CD1 . ILE A 1 60  ? 3.421   3.732   -1.303  1.00 36.42 ? 60  ILE A CD1 1 
ATOM   443  N N   . GLU A 1 61  ? 6.532   1.860   2.361   1.00 30.02 ? 61  GLU A N   1 
ATOM   444  C CA  . GLU A 1 61  ? 7.213   1.574   3.620   1.00 29.12 ? 61  GLU A CA  1 
ATOM   445  C C   . GLU A 1 61  ? 7.258   0.083   3.947   1.00 28.92 ? 61  GLU A C   1 
ATOM   446  O O   . GLU A 1 61  ? 6.623   -0.728  3.271   1.00 27.62 ? 61  GLU A O   1 
ATOM   447  C CB  . GLU A 1 61  ? 6.562   2.366   4.768   1.00 32.48 ? 61  GLU A CB  1 
ATOM   448  C CG  . GLU A 1 61  ? 6.772   3.886   4.651   1.00 36.46 ? 61  GLU A CG  1 
ATOM   449  C CD  . GLU A 1 61  ? 5.974   4.687   5.674   1.00 39.44 ? 61  GLU A CD  1 
ATOM   450  O OE1 . GLU A 1 61  ? 4.729   4.605   5.653   1.00 41.26 ? 61  GLU A OE1 1 
ATOM   451  O OE2 . GLU A 1 61  ? 6.588   5.398   6.497   1.00 41.80 ? 61  GLU A OE2 1 
ATOM   452  N N   . SER A 1 62  ? 8.013   -0.274  4.985   1.00 26.97 ? 62  SER A N   1 
ATOM   453  C CA  . SER A 1 62  ? 8.166   -1.673  5.373   1.00 26.20 ? 62  SER A CA  1 
ATOM   454  C C   . SER A 1 62  ? 6.834   -2.402  5.479   1.00 24.76 ? 62  SER A C   1 
ATOM   455  O O   . SER A 1 62  ? 6.735   -3.576  5.141   1.00 21.25 ? 62  SER A O   1 
ATOM   456  C CB  . SER A 1 62  ? 8.915   -1.785  6.708   1.00 29.85 ? 62  SER A CB  1 
ATOM   457  O OG  . SER A 1 62  ? 8.167   -1.208  7.770   1.00 30.67 ? 62  SER A OG  1 
ATOM   458  N N   . ARG A 1 63  ? 5.815   -1.686  5.946   1.00 24.38 ? 63  ARG A N   1 
ATOM   459  C CA  . ARG A 1 63  ? 4.473   -2.236  6.124   1.00 25.62 ? 63  ARG A CA  1 
ATOM   460  C C   . ARG A 1 63  ? 3.891   -2.767  4.811   1.00 24.61 ? 63  ARG A C   1 
ATOM   461  O O   . ARG A 1 63  ? 3.020   -3.636  4.810   1.00 28.19 ? 63  ARG A O   1 
ATOM   462  C CB  . ARG A 1 63  ? 3.563   -1.146  6.709   1.00 27.95 ? 63  ARG A CB  1 
ATOM   463  C CG  . ARG A 1 63  ? 3.633   0.158   5.938   1.00 32.90 ? 63  ARG A CG  1 
ATOM   464  C CD  . ARG A 1 63  ? 2.945   1.319   6.656   1.00 36.77 ? 63  ARG A CD  1 
ATOM   465  N NE  . ARG A 1 63  ? 1.500   1.321   6.463   1.00 39.22 ? 63  ARG A NE  1 
ATOM   466  C CZ  . ARG A 1 63  ? 0.745   2.411   6.547   1.00 39.10 ? 63  ARG A CZ  1 
ATOM   467  N NH1 . ARG A 1 63  ? 1.304   3.583   6.821   1.00 40.09 ? 63  ARG A NH1 1 
ATOM   468  N NH2 . ARG A 1 63  ? -0.563  2.329   6.358   1.00 39.92 ? 63  ARG A NH2 1 
ATOM   469  N N   . GLY A 1 64  ? 4.377   -2.251  3.693   1.00 21.86 ? 64  GLY A N   1 
ATOM   470  C CA  . GLY A 1 64  ? 3.868   -2.702  2.411   1.00 21.21 ? 64  GLY A CA  1 
ATOM   471  C C   . GLY A 1 64  ? 4.840   -3.545  1.605   1.00 18.71 ? 64  GLY A C   1 
ATOM   472  O O   . GLY A 1 64  ? 4.562   -3.868  0.452   1.00 18.78 ? 64  GLY A O   1 
ATOM   473  N N   . PHE A 1 65  ? 5.966   -3.914  2.207   1.00 17.66 ? 65  PHE A N   1 
ATOM   474  C CA  . PHE A 1 65  ? 6.987   -4.713  1.511   1.00 18.32 ? 65  PHE A CA  1 
ATOM   475  C C   . PHE A 1 65  ? 6.673   -6.186  1.270   1.00 17.85 ? 65  PHE A C   1 
ATOM   476  O O   . PHE A 1 65  ? 7.004   -6.736  0.211   1.00 19.32 ? 65  PHE A O   1 
ATOM   477  C CB  . PHE A 1 65  ? 8.312   -4.685  2.286   1.00 17.77 ? 65  PHE A CB  1 
ATOM   478  C CG  . PHE A 1 65  ? 9.075   -3.396  2.170   1.00 18.64 ? 65  PHE A CG  1 
ATOM   479  C CD1 . PHE A 1 65  ? 8.520   -2.271  1.561   1.00 21.57 ? 65  PHE A CD1 1 
ATOM   480  C CD2 . PHE A 1 65  ? 10.365  -3.306  2.684   1.00 20.35 ? 65  PHE A CD2 1 
ATOM   481  C CE1 . PHE A 1 65  ? 9.248   -1.070  1.466   1.00 19.34 ? 65  PHE A CE1 1 
ATOM   482  C CE2 . PHE A 1 65  ? 11.094  -2.118  2.594   1.00 18.80 ? 65  PHE A CE2 1 
ATOM   483  C CZ  . PHE A 1 65  ? 10.524  -0.998  1.982   1.00 21.04 ? 65  PHE A CZ  1 
ATOM   484  N N   . ILE A 1 66  ? 6.065   -6.829  2.253   1.00 17.06 ? 66  ILE A N   1 
ATOM   485  C CA  . ILE A 1 66  ? 5.801   -8.252  2.165   1.00 17.23 ? 66  ILE A CA  1 
ATOM   486  C C   . ILE A 1 66  ? 4.852   -8.647  1.055   1.00 17.36 ? 66  ILE A C   1 
ATOM   487  O O   . ILE A 1 66  ? 5.231   -9.419  0.168   1.00 16.35 ? 66  ILE A O   1 
ATOM   488  C CB  . ILE A 1 66  ? 5.302   -8.804  3.505   1.00 17.12 ? 66  ILE A CB  1 
ATOM   489  C CG1 . ILE A 1 66  ? 6.299   -8.438  4.607   1.00 20.43 ? 66  ILE A CG1 1 
ATOM   490  C CG2 . ILE A 1 66  ? 5.185   -10.337 3.429   1.00 16.46 ? 66  ILE A CG2 1 
ATOM   491  C CD1 . ILE A 1 66  ? 5.762   -8.640  6.009   1.00 18.14 ? 66  ILE A CD1 1 
ATOM   492  N N   . LEU A 1 67  ? 3.621   -8.145  1.089   1.00 14.58 ? 67  LEU A N   1 
ATOM   493  C CA  . LEU A 1 67  ? 2.689   -8.493  0.012   1.00 15.69 ? 67  LEU A CA  1 
ATOM   494  C C   . LEU A 1 67  ? 3.048   -7.704  -1.245  1.00 15.68 ? 67  LEU A C   1 
ATOM   495  O O   . LEU A 1 67  ? 2.796   -8.153  -2.352  1.00 16.94 ? 67  LEU A O   1 
ATOM   496  C CB  . LEU A 1 67  ? 1.237   -8.204  0.413   1.00 16.26 ? 67  LEU A CB  1 
ATOM   497  C CG  . LEU A 1 67  ? 0.175   -8.535  -0.650  1.00 17.89 ? 67  LEU A CG  1 
ATOM   498  C CD1 . LEU A 1 67  ? 0.223   -10.013 -1.038  1.00 17.26 ? 67  LEU A CD1 1 
ATOM   499  C CD2 . LEU A 1 67  ? -1.177  -8.207  -0.087  1.00 18.18 ? 67  LEU A CD2 1 
ATOM   500  N N   . GLY A 1 68  ? 3.635   -6.522  -1.070  1.00 15.54 ? 68  GLY A N   1 
ATOM   501  C CA  . GLY A 1 68  ? 4.025   -5.724  -2.217  1.00 15.96 ? 68  GLY A CA  1 
ATOM   502  C C   . GLY A 1 68  ? 5.011   -6.467  -3.099  1.00 17.01 ? 68  GLY A C   1 
ATOM   503  O O   . GLY A 1 68  ? 4.884   -6.479  -4.323  1.00 17.57 ? 68  GLY A O   1 
ATOM   504  N N   . GLY A 1 69  ? 6.004   -7.088  -2.478  1.00 15.55 ? 69  GLY A N   1 
ATOM   505  C CA  . GLY A 1 69  ? 6.983   -7.838  -3.248  1.00 16.14 ? 69  GLY A CA  1 
ATOM   506  C C   . GLY A 1 69  ? 6.342   -9.053  -3.910  1.00 16.62 ? 69  GLY A C   1 
ATOM   507  O O   . GLY A 1 69  ? 6.622   -9.365  -5.074  1.00 16.83 ? 69  GLY A O   1 
ATOM   508  N N   . ILE A 1 70  ? 5.491   -9.748  -3.166  1.00 15.95 ? 70  ILE A N   1 
ATOM   509  C CA  . ILE A 1 70  ? 4.809   -10.934 -3.680  1.00 16.10 ? 70  ILE A CA  1 
ATOM   510  C C   . ILE A 1 70  ? 3.967   -10.596 -4.918  1.00 18.82 ? 70  ILE A C   1 
ATOM   511  O O   . ILE A 1 70  ? 3.987   -11.327 -5.928  1.00 16.99 ? 70  ILE A O   1 
ATOM   512  C CB  . ILE A 1 70  ? 3.934   -11.568 -2.568  1.00 17.69 ? 70  ILE A CB  1 
ATOM   513  C CG1 . ILE A 1 70  ? 4.842   -12.195 -1.499  1.00 14.48 ? 70  ILE A CG1 1 
ATOM   514  C CG2 . ILE A 1 70  ? 3.005   -12.634 -3.147  1.00 16.39 ? 70  ILE A CG2 1 
ATOM   515  C CD1 . ILE A 1 70  ? 4.116   -12.643 -0.228  1.00 15.17 ? 70  ILE A CD1 1 
ATOM   516  N N   . VAL A 1 71  ? 3.255   -9.476  -4.858  1.00 14.71 ? 71  VAL A N   1 
ATOM   517  C CA  . VAL A 1 71  ? 2.426   -9.055  -5.980  1.00 18.07 ? 71  VAL A CA  1 
ATOM   518  C C   . VAL A 1 71  ? 3.294   -8.670  -7.170  1.00 16.45 ? 71  VAL A C   1 
ATOM   519  O O   . VAL A 1 71  ? 3.005   -9.051  -8.299  1.00 16.22 ? 71  VAL A O   1 
ATOM   520  C CB  . VAL A 1 71  ? 1.510   -7.879  -5.571  1.00 17.71 ? 71  VAL A CB  1 
ATOM   521  C CG1 . VAL A 1 71  ? 0.761   -7.343  -6.783  1.00 18.11 ? 71  VAL A CG1 1 
ATOM   522  C CG2 . VAL A 1 71  ? 0.531   -8.353  -4.519  1.00 19.67 ? 71  VAL A CG2 1 
ATOM   523  N N   . ALA A 1 72  ? 4.378   -7.944  -6.918  1.00 15.56 ? 72  ALA A N   1 
ATOM   524  C CA  . ALA A 1 72  ? 5.268   -7.549  -8.003  1.00 17.37 ? 72  ALA A CA  1 
ATOM   525  C C   . ALA A 1 72  ? 5.766   -8.787  -8.753  1.00 18.03 ? 72  ALA A C   1 
ATOM   526  O O   . ALA A 1 72  ? 5.684   -8.858  -9.975  1.00 18.43 ? 72  ALA A O   1 
ATOM   527  C CB  . ALA A 1 72  ? 6.465   -6.775  -7.443  1.00 17.15 ? 72  ALA A CB  1 
ATOM   528  N N   . ASN A 1 73  ? 6.281   -9.765  -8.017  1.00 20.52 ? 73  ASN A N   1 
ATOM   529  C CA  . ASN A 1 73  ? 6.818   -10.960 -8.663  1.00 20.23 ? 73  ASN A CA  1 
ATOM   530  C C   . ASN A 1 73  ? 5.729   -11.774 -9.349  1.00 21.22 ? 73  ASN A C   1 
ATOM   531  O O   . ASN A 1 73  ? 5.961   -12.358 -10.396 1.00 21.25 ? 73  ASN A O   1 
ATOM   532  C CB  . ASN A 1 73  ? 7.574   -11.821 -7.655  1.00 22.23 ? 73  ASN A CB  1 
ATOM   533  C CG  . ASN A 1 73  ? 8.599   -12.733 -8.324  1.00 23.00 ? 73  ASN A CG  1 
ATOM   534  O OD1 . ASN A 1 73  ? 8.480   -13.947 -8.276  1.00 25.77 ? 73  ASN A OD1 1 
ATOM   535  N ND2 . ASN A 1 73  ? 9.603   -12.137 -8.958  1.00 25.62 ? 73  ASN A ND2 1 
ATOM   536  N N   . SER A 1 74  ? 4.538   -11.796 -8.763  1.00 21.40 ? 74  SER A N   1 
ATOM   537  C CA  . SER A 1 74  ? 3.426   -12.532 -9.343  1.00 23.35 ? 74  SER A CA  1 
ATOM   538  C C   . SER A 1 74  ? 3.009   -11.910 -10.678 1.00 23.00 ? 74  SER A C   1 
ATOM   539  O O   . SER A 1 74  ? 2.769   -12.625 -11.656 1.00 21.67 ? 74  SER A O   1 
ATOM   540  C CB  . SER A 1 74  ? 2.249   -12.534 -8.368  1.00 25.18 ? 74  SER A CB  1 
ATOM   541  O OG  . SER A 1 74  ? 1.198   -13.348 -8.858  1.00 30.16 ? 74  SER A OG  1 
ATOM   542  N N   . LEU A 1 75  ? 2.929   -10.579 -10.713 1.00 19.96 ? 75  LEU A N   1 
ATOM   543  C CA  . LEU A 1 75  ? 2.562   -9.849  -11.933 1.00 20.48 ? 75  LEU A CA  1 
ATOM   544  C C   . LEU A 1 75  ? 3.705   -9.870  -12.944 1.00 22.13 ? 75  LEU A C   1 
ATOM   545  O O   . LEU A 1 75  ? 3.503   -9.637  -14.132 1.00 24.49 ? 75  LEU A O   1 
ATOM   546  C CB  . LEU A 1 75  ? 2.233   -8.387  -11.606 1.00 19.61 ? 75  LEU A CB  1 
ATOM   547  C CG  . LEU A 1 75  ? 1.006   -8.134  -10.735 1.00 19.37 ? 75  LEU A CG  1 
ATOM   548  C CD1 . LEU A 1 75  ? 0.933   -6.654  -10.412 1.00 21.02 ? 75  LEU A CD1 1 
ATOM   549  C CD2 . LEU A 1 75  ? -0.259  -8.613  -11.452 1.00 20.10 ? 75  LEU A CD2 1 
ATOM   550  N N   . GLY A 1 76  ? 4.911   -10.136 -12.464 1.00 22.71 ? 76  GLY A N   1 
ATOM   551  C CA  . GLY A 1 76  ? 6.054   -10.169 -13.352 1.00 20.84 ? 76  GLY A CA  1 
ATOM   552  C C   . GLY A 1 76  ? 6.616   -8.787  -13.616 1.00 20.32 ? 76  GLY A C   1 
ATOM   553  O O   . GLY A 1 76  ? 7.118   -8.520  -14.709 1.00 21.56 ? 76  GLY A O   1 
ATOM   554  N N   . VAL A 1 77  ? 6.518   -7.893  -12.631 1.00 18.60 ? 77  VAL A N   1 
ATOM   555  C CA  . VAL A 1 77  ? 7.050   -6.544  -12.781 1.00 16.56 ? 77  VAL A CA  1 
ATOM   556  C C   . VAL A 1 77  ? 8.022   -6.285  -11.630 1.00 17.50 ? 77  VAL A C   1 
ATOM   557  O O   . VAL A 1 77  ? 8.035   -7.028  -10.652 1.00 18.03 ? 77  VAL A O   1 
ATOM   558  C CB  . VAL A 1 77  ? 5.922   -5.455  -12.744 1.00 18.73 ? 77  VAL A CB  1 
ATOM   559  C CG1 . VAL A 1 77  ? 4.905   -5.704  -13.863 1.00 19.11 ? 77  VAL A CG1 1 
ATOM   560  C CG2 . VAL A 1 77  ? 5.227   -5.454  -11.389 1.00 18.23 ? 77  VAL A CG2 1 
ATOM   561  N N   . GLY A 1 78  ? 8.820   -5.232  -11.746 1.00 16.08 ? 78  GLY A N   1 
ATOM   562  C CA  . GLY A 1 78  ? 9.768   -4.917  -10.690 1.00 17.40 ? 78  GLY A CA  1 
ATOM   563  C C   . GLY A 1 78  ? 9.117   -4.265  -9.486  1.00 19.00 ? 78  GLY A C   1 
ATOM   564  O O   . GLY A 1 78  ? 8.028   -3.699  -9.588  1.00 19.93 ? 78  GLY A O   1 
ATOM   565  N N   . PHE A 1 79  ? 9.796   -4.350  -8.344  1.00 17.43 ? 79  PHE A N   1 
ATOM   566  C CA  . PHE A 1 79  ? 9.313   -3.773  -7.095  1.00 16.76 ? 79  PHE A CA  1 
ATOM   567  C C   . PHE A 1 79  ? 10.201  -2.585  -6.731  1.00 17.94 ? 79  PHE A C   1 
ATOM   568  O O   . PHE A 1 79  ? 11.432  -2.671  -6.837  1.00 14.95 ? 79  PHE A O   1 
ATOM   569  C CB  . PHE A 1 79  ? 9.384   -4.799  -5.956  1.00 15.60 ? 79  PHE A CB  1 
ATOM   570  C CG  . PHE A 1 79  ? 8.969   -4.237  -4.615  1.00 18.70 ? 79  PHE A CG  1 
ATOM   571  C CD1 . PHE A 1 79  ? 7.630   -4.240  -4.227  1.00 18.08 ? 79  PHE A CD1 1 
ATOM   572  C CD2 . PHE A 1 79  ? 9.908   -3.653  -3.768  1.00 16.22 ? 79  PHE A CD2 1 
ATOM   573  C CE1 . PHE A 1 79  ? 7.229   -3.667  -3.014  1.00 20.38 ? 79  PHE A CE1 1 
ATOM   574  C CE2 . PHE A 1 79  ? 9.521   -3.074  -2.555  1.00 18.46 ? 79  PHE A CE2 1 
ATOM   575  C CZ  . PHE A 1 79  ? 8.182   -3.082  -2.180  1.00 17.39 ? 79  PHE A CZ  1 
ATOM   576  N N   . VAL A 1 80  ? 9.571   -1.499  -6.284  1.00 17.32 ? 80  VAL A N   1 
ATOM   577  C CA  . VAL A 1 80  ? 10.288  -0.286  -5.894  1.00 17.20 ? 80  VAL A CA  1 
ATOM   578  C C   . VAL A 1 80  ? 9.839   0.105   -4.496  1.00 20.05 ? 80  VAL A C   1 
ATOM   579  O O   . VAL A 1 80  ? 8.645   0.230   -4.228  1.00 18.41 ? 80  VAL A O   1 
ATOM   580  C CB  . VAL A 1 80  ? 9.990   0.887   -6.871  1.00 19.80 ? 80  VAL A CB  1 
ATOM   581  C CG1 . VAL A 1 80  ? 10.568  2.192   -6.334  1.00 18.54 ? 80  VAL A CG1 1 
ATOM   582  C CG2 . VAL A 1 80  ? 10.590  0.582   -8.249  1.00 18.98 ? 80  VAL A CG2 1 
ATOM   583  N N   . ALA A 1 81  ? 10.798  0.295   -3.600  1.00 18.30 ? 81  ALA A N   1 
ATOM   584  C CA  . ALA A 1 81  ? 10.471  0.649   -2.224  1.00 19.89 ? 81  ALA A CA  1 
ATOM   585  C C   . ALA A 1 81  ? 10.350  2.153   -2.023  1.00 20.29 ? 81  ALA A C   1 
ATOM   586  O O   . ALA A 1 81  ? 11.088  2.930   -2.615  1.00 21.41 ? 81  ALA A O   1 
ATOM   587  C CB  . ALA A 1 81  ? 11.544  0.091   -1.278  1.00 19.94 ? 81  ALA A CB  1 
ATOM   588  N N   . LEU A 1 82  ? 9.386   2.546   -1.201  1.00 23.68 ? 82  LEU A N   1 
ATOM   589  C CA  . LEU A 1 82  ? 9.174   3.934   -0.843  1.00 26.21 ? 82  LEU A CA  1 
ATOM   590  C C   . LEU A 1 82  ? 9.467   3.822   0.653   1.00 29.35 ? 82  LEU A C   1 
ATOM   591  O O   . LEU A 1 82  ? 8.837   3.024   1.344   1.00 28.27 ? 82  LEU A O   1 
ATOM   592  C CB  . LEU A 1 82  ? 7.722   4.329   -1.123  1.00 29.96 ? 82  LEU A CB  1 
ATOM   593  C CG  . LEU A 1 82  ? 7.285   5.782   -0.926  1.00 33.66 ? 82  LEU A CG  1 
ATOM   594  C CD1 . LEU A 1 82  ? 6.232   6.147   -1.971  1.00 31.89 ? 82  LEU A CD1 1 
ATOM   595  C CD2 . LEU A 1 82  ? 6.746   5.969   0.486   1.00 35.13 ? 82  LEU A CD2 1 
ATOM   596  N N   . ARG A 1 83  ? 10.445  4.583   1.142   1.00 31.30 ? 83  ARG A N   1 
ATOM   597  C CA  . ARG A 1 83  ? 10.828  4.491   2.547   1.00 34.59 ? 83  ARG A CA  1 
ATOM   598  C C   . ARG A 1 83  ? 10.975  5.817   3.271   1.00 36.44 ? 83  ARG A C   1 
ATOM   599  O O   . ARG A 1 83  ? 11.110  6.868   2.646   1.00 36.10 ? 83  ARG A O   1 
ATOM   600  C CB  . ARG A 1 83  ? 12.161  3.754   2.665   1.00 35.66 ? 83  ARG A CB  1 
ATOM   601  C CG  . ARG A 1 83  ? 12.323  2.575   1.725   1.00 36.02 ? 83  ARG A CG  1 
ATOM   602  C CD  . ARG A 1 83  ? 13.431  1.665   2.208   1.00 37.66 ? 83  ARG A CD  1 
ATOM   603  N NE  . ARG A 1 83  ? 13.137  1.206   3.560   1.00 41.09 ? 83  ARG A NE  1 
ATOM   604  C CZ  . ARG A 1 83  ? 13.856  0.310   4.226   1.00 40.84 ? 83  ARG A CZ  1 
ATOM   605  N NH1 . ARG A 1 83  ? 14.929  -0.235  3.670   1.00 41.96 ? 83  ARG A NH1 1 
ATOM   606  N NH2 . ARG A 1 83  ? 13.490  -0.040  5.451   1.00 40.59 ? 83  ARG A NH2 1 
ATOM   607  N N   . LYS A 1 84  ? 10.958  5.757   4.600   1.00 38.31 ? 84  LYS A N   1 
ATOM   608  C CA  . LYS A 1 84  ? 11.140  6.957   5.414   1.00 39.72 ? 84  LYS A CA  1 
ATOM   609  C C   . LYS A 1 84  ? 12.543  7.477   5.083   1.00 39.29 ? 84  LYS A C   1 
ATOM   610  O O   . LYS A 1 84  ? 13.436  6.698   4.750   1.00 38.26 ? 84  LYS A O   1 
ATOM   611  C CB  . LYS A 1 84  ? 11.043  6.619   6.908   1.00 41.87 ? 84  LYS A CB  1 
ATOM   612  C CG  . LYS A 1 84  ? 9.661   6.158   7.368   1.00 45.14 ? 84  LYS A CG  1 
ATOM   613  C CD  . LYS A 1 84  ? 9.633   5.884   8.873   1.00 47.90 ? 84  LYS A CD  1 
ATOM   614  C CE  . LYS A 1 84  ? 10.552  4.718   9.246   1.00 49.86 ? 84  LYS A CE  1 
ATOM   615  N NZ  . LYS A 1 84  ? 10.663  4.505   10.724  1.00 50.66 ? 84  LYS A NZ  1 
ATOM   616  N N   . ALA A 1 85  ? 12.733  8.787   5.176   1.00 39.71 ? 85  ALA A N   1 
ATOM   617  C CA  . ALA A 1 85  ? 14.019  9.403   4.858   1.00 39.69 ? 85  ALA A CA  1 
ATOM   618  C C   . ALA A 1 85  ? 15.230  8.778   5.547   1.00 38.82 ? 85  ALA A C   1 
ATOM   619  O O   . ALA A 1 85  ? 15.140  8.292   6.671   1.00 39.19 ? 85  ALA A O   1 
ATOM   620  C CB  . ALA A 1 85  ? 13.961  10.895  5.175   1.00 40.65 ? 85  ALA A CB  1 
ATOM   621  N N   . GLY A 1 86  ? 16.363  8.791   4.850   1.00 38.90 ? 86  GLY A N   1 
ATOM   622  C CA  . GLY A 1 86  ? 17.593  8.259   5.407   1.00 39.71 ? 86  GLY A CA  1 
ATOM   623  C C   . GLY A 1 86  ? 17.887  6.790   5.170   1.00 40.33 ? 86  GLY A C   1 
ATOM   624  O O   . GLY A 1 86  ? 19.008  6.340   5.405   1.00 41.11 ? 86  GLY A O   1 
ATOM   625  N N   . LYS A 1 87  ? 16.898  6.039   4.694   1.00 39.35 ? 87  LYS A N   1 
ATOM   626  C CA  . LYS A 1 87  ? 17.078  4.612   4.458   1.00 38.63 ? 87  LYS A CA  1 
ATOM   627  C C   . LYS A 1 87  ? 17.520  4.262   3.036   1.00 38.12 ? 87  LYS A C   1 
ATOM   628  O O   . LYS A 1 87  ? 18.235  3.277   2.834   1.00 37.21 ? 87  LYS A O   1 
ATOM   629  C CB  . LYS A 1 87  ? 15.788  3.877   4.818   1.00 40.28 ? 87  LYS A CB  1 
ATOM   630  C CG  . LYS A 1 87  ? 15.333  4.182   6.241   1.00 42.35 ? 87  LYS A CG  1 
ATOM   631  C CD  . LYS A 1 87  ? 14.127  3.365   6.649   1.00 45.12 ? 87  LYS A CD  1 
ATOM   632  C CE  . LYS A 1 87  ? 13.687  3.717   8.064   1.00 46.45 ? 87  LYS A CE  1 
ATOM   633  N NZ  . LYS A 1 87  ? 14.804  3.551   9.031   1.00 48.57 ? 87  LYS A NZ  1 
ATOM   634  N N   . LEU A 1 88  ? 17.112  5.070   2.059   1.00 35.11 ? 88  LEU A N   1 
ATOM   635  C CA  . LEU A 1 88  ? 17.486  4.836   0.663   1.00 34.33 ? 88  LEU A CA  1 
ATOM   636  C C   . LEU A 1 88  ? 18.707  5.655   0.257   1.00 34.28 ? 88  LEU A C   1 
ATOM   637  O O   . LEU A 1 88  ? 18.784  6.851   0.535   1.00 34.75 ? 88  LEU A O   1 
ATOM   638  C CB  . LEU A 1 88  ? 16.321  5.188   -0.272  1.00 33.60 ? 88  LEU A CB  1 
ATOM   639  C CG  . LEU A 1 88  ? 15.038  4.351   -0.214  1.00 32.86 ? 88  LEU A CG  1 
ATOM   640  C CD1 . LEU A 1 88  ? 13.922  5.081   -0.956  1.00 30.12 ? 88  LEU A CD1 1 
ATOM   641  C CD2 . LEU A 1 88  ? 15.284  2.968   -0.828  1.00 31.57 ? 88  LEU A CD2 1 
ATOM   642  N N   . PRO A 1 89  ? 19.682  5.017   -0.407  1.00 34.45 ? 89  PRO A N   1 
ATOM   643  C CA  . PRO A 1 89  ? 20.905  5.692   -0.859  1.00 34.03 ? 89  PRO A CA  1 
ATOM   644  C C   . PRO A 1 89  ? 20.745  6.228   -2.285  1.00 33.55 ? 89  PRO A C   1 
ATOM   645  O O   . PRO A 1 89  ? 19.797  5.872   -2.983  1.00 33.91 ? 89  PRO A O   1 
ATOM   646  C CB  . PRO A 1 89  ? 21.939  4.583   -0.791  1.00 33.73 ? 89  PRO A CB  1 
ATOM   647  C CG  . PRO A 1 89  ? 21.138  3.408   -1.298  1.00 34.83 ? 89  PRO A CG  1 
ATOM   648  C CD  . PRO A 1 89  ? 19.812  3.554   -0.556  1.00 33.24 ? 89  PRO A CD  1 
ATOM   649  N N   . GLY A 1 90  ? 21.676  7.073   -2.720  1.00 31.13 ? 90  GLY A N   1 
ATOM   650  C CA  . GLY A 1 90  ? 21.598  7.624   -4.062  1.00 29.69 ? 90  GLY A CA  1 
ATOM   651  C C   . GLY A 1 90  ? 20.635  8.788   -4.179  1.00 29.86 ? 90  GLY A C   1 
ATOM   652  O O   . GLY A 1 90  ? 20.094  9.245   -3.172  1.00 30.30 ? 90  GLY A O   1 
ATOM   653  N N   . ASP A 1 91  ? 20.414  9.267   -5.402  1.00 28.89 ? 91  ASP A N   1 
ATOM   654  C CA  . ASP A 1 91  ? 19.511  10.391  -5.635  1.00 31.33 ? 91  ASP A CA  1 
ATOM   655  C C   . ASP A 1 91  ? 18.081  10.005  -5.300  1.00 31.60 ? 91  ASP A C   1 
ATOM   656  O O   . ASP A 1 91  ? 17.591  8.964   -5.737  1.00 30.09 ? 91  ASP A O   1 
ATOM   657  C CB  . ASP A 1 91  ? 19.603  10.862  -7.088  1.00 33.89 ? 91  ASP A CB  1 
ATOM   658  C CG  . ASP A 1 91  ? 20.974  11.408  -7.432  1.00 36.57 ? 91  ASP A CG  1 
ATOM   659  O OD1 . ASP A 1 91  ? 21.558  12.114  -6.589  1.00 37.67 ? 91  ASP A OD1 1 
ATOM   660  O OD2 . ASP A 1 91  ? 21.468  11.139  -8.544  1.00 39.61 ? 91  ASP A OD2 1 
ATOM   661  N N   . VAL A 1 92  ? 17.406  10.865  -4.543  1.00 29.88 ? 92  VAL A N   1 
ATOM   662  C CA  . VAL A 1 92  ? 16.056  10.581  -4.104  1.00 31.31 ? 92  VAL A CA  1 
ATOM   663  C C   . VAL A 1 92  ? 15.090  11.765  -4.163  1.00 32.30 ? 92  VAL A C   1 
ATOM   664  O O   . VAL A 1 92  ? 15.505  12.923  -4.140  1.00 31.36 ? 92  VAL A O   1 
ATOM   665  C CB  . VAL A 1 92  ? 16.109  10.064  -2.649  1.00 31.61 ? 92  VAL A CB  1 
ATOM   666  C CG1 . VAL A 1 92  ? 14.732  9.982   -2.068  1.00 34.50 ? 92  VAL A CG1 1 
ATOM   667  C CG2 . VAL A 1 92  ? 16.794  8.711   -2.603  1.00 31.90 ? 92  VAL A CG2 1 
ATOM   668  N N   . CYS A 1 93  ? 13.799  11.456  -4.262  1.00 33.81 ? 93  CYS A N   1 
ATOM   669  C CA  . CYS A 1 93  ? 12.749  12.472  -4.257  1.00 35.97 ? 93  CYS A CA  1 
ATOM   670  C C   . CYS A 1 93  ? 12.135  12.334  -2.870  1.00 36.19 ? 93  CYS A C   1 
ATOM   671  O O   . CYS A 1 93  ? 11.977  11.221  -2.371  1.00 32.07 ? 93  CYS A O   1 
ATOM   672  C CB  . CYS A 1 93  ? 11.688  12.190  -5.326  1.00 38.68 ? 93  CYS A CB  1 
ATOM   673  S SG  . CYS A 1 93  ? 12.221  12.511  -7.029  1.00 47.30 ? 93  CYS A SG  1 
ATOM   674  N N   . LYS A 1 94  ? 11.792  13.453  -2.243  1.00 38.52 ? 94  LYS A N   1 
ATOM   675  C CA  . LYS A 1 94  ? 11.231  13.410  -0.896  1.00 41.76 ? 94  LYS A CA  1 
ATOM   676  C C   . LYS A 1 94  ? 9.910   14.150  -0.731  1.00 42.91 ? 94  LYS A C   1 
ATOM   677  O O   . LYS A 1 94  ? 9.537   14.972  -1.565  1.00 43.26 ? 94  LYS A O   1 
ATOM   678  C CB  . LYS A 1 94  ? 12.251  13.961  0.108   1.00 42.51 ? 94  LYS A CB  1 
ATOM   679  C CG  . LYS A 1 94  ? 12.922  15.254  -0.334  1.00 44.98 ? 94  LYS A CG  1 
ATOM   680  C CD  . LYS A 1 94  ? 14.091  14.994  -1.286  1.00 47.30 ? 94  LYS A CD  1 
ATOM   681  C CE  . LYS A 1 94  ? 14.620  16.284  -1.917  1.00 47.24 ? 94  LYS A CE  1 
ATOM   682  N NZ  . LYS A 1 94  ? 13.628  16.910  -2.845  1.00 47.17 ? 94  LYS A NZ  1 
ATOM   683  N N   . CYS A 1 95  ? 9.209   13.839  0.356   1.00 45.43 ? 95  CYS A N   1 
ATOM   684  C CA  . CYS A 1 95  ? 7.924   14.458  0.679   1.00 46.87 ? 95  CYS A CA  1 
ATOM   685  C C   . CYS A 1 95  ? 7.619   14.198  2.155   1.00 47.54 ? 95  CYS A C   1 
ATOM   686  O O   . CYS A 1 95  ? 7.934   13.129  2.676   1.00 48.34 ? 95  CYS A O   1 
ATOM   687  C CB  . CYS A 1 95  ? 6.821   13.870  -0.203  1.00 46.77 ? 95  CYS A CB  1 
ATOM   688  S SG  . CYS A 1 95  ? 5.174   14.586  0.044   1.00 49.45 ? 95  CYS A SG  1 
ATOM   689  N N   . THR A 1 96  ? 7.018   15.179  2.827   1.00 49.12 ? 96  THR A N   1 
ATOM   690  C CA  . THR A 1 96  ? 6.682   15.057  4.251   1.00 49.09 ? 96  THR A CA  1 
ATOM   691  C C   . THR A 1 96  ? 5.166   15.015  4.495   1.00 48.96 ? 96  THR A C   1 
ATOM   692  O O   . THR A 1 96  ? 4.422   15.836  3.953   1.00 48.63 ? 96  THR A O   1 
ATOM   693  C CB  . THR A 1 96  ? 7.300   16.222  5.046   1.00 49.20 ? 96  THR A CB  1 
ATOM   694  O OG1 . THR A 1 96  ? 7.922   17.142  4.139   1.00 48.62 ? 96  THR A OG1 1 
ATOM   695  C CG2 . THR A 1 96  ? 8.349   15.704  6.015   1.00 50.27 ? 96  THR A CG2 1 
ATOM   696  N N   . PHE A 1 97  ? 4.722   14.065  5.326   1.00 48.50 ? 97  PHE A N   1 
ATOM   697  C CA  . PHE A 1 97  ? 3.292   13.878  5.621   1.00 47.58 ? 97  PHE A CA  1 
ATOM   698  C C   . PHE A 1 97  ? 2.978   13.492  7.076   1.00 48.48 ? 97  PHE A C   1 
ATOM   699  O O   . PHE A 1 97  ? 3.829   13.585  7.961   1.00 49.54 ? 97  PHE A O   1 
ATOM   700  C CB  . PHE A 1 97  ? 2.737   12.783  4.719   1.00 45.09 ? 97  PHE A CB  1 
ATOM   701  C CG  . PHE A 1 97  ? 3.243   11.420  5.071   1.00 43.21 ? 97  PHE A CG  1 
ATOM   702  C CD1 . PHE A 1 97  ? 2.442   10.528  5.770   1.00 42.02 ? 97  PHE A CD1 1 
ATOM   703  C CD2 . PHE A 1 97  ? 4.549   11.050  4.760   1.00 42.69 ? 97  PHE A CD2 1 
ATOM   704  C CE1 . PHE A 1 97  ? 2.936   9.272   6.161   1.00 44.51 ? 97  PHE A CE1 1 
ATOM   705  C CE2 . PHE A 1 97  ? 5.054   9.802   5.145   1.00 44.00 ? 97  PHE A CE2 1 
ATOM   706  C CZ  . PHE A 1 97  ? 4.244   8.914   5.848   1.00 42.40 ? 97  PHE A CZ  1 
ATOM   707  N N   . ASP A 1 98  ? 1.747   13.024  7.293   1.00 47.72 ? 98  ASP A N   1 
ATOM   708  C CA  . ASP A 1 98  ? 1.270   12.609  8.616   1.00 48.21 ? 98  ASP A CA  1 
ATOM   709  C C   . ASP A 1 98  ? 0.355   11.389  8.497   1.00 47.38 ? 98  ASP A C   1 
ATOM   710  O O   . ASP A 1 98  ? -0.471  11.321  7.592   1.00 46.81 ? 98  ASP A O   1 
ATOM   711  C CB  . ASP A 1 98  ? 0.473   13.747  9.273   1.00 49.02 ? 98  ASP A CB  1 
ATOM   712  C CG  . ASP A 1 98  ? 1.259   15.041  9.353   1.00 49.83 ? 98  ASP A CG  1 
ATOM   713  O OD1 . ASP A 1 98  ? 2.175   15.127  10.200  1.00 49.71 ? 98  ASP A OD1 1 
ATOM   714  O OD2 . ASP A 1 98  ? 0.965   15.964  8.562   1.00 50.86 ? 98  ASP A OD2 1 
ATOM   715  N N   . MET A 1 99  ? 0.502   10.432  9.410   1.00 47.68 ? 99  MET A N   1 
ATOM   716  C CA  . MET A 1 99  ? -0.344  9.238   9.409   1.00 48.25 ? 99  MET A CA  1 
ATOM   717  C C   . MET A 1 99  ? -1.061  9.082   10.756  1.00 48.45 ? 99  MET A C   1 
ATOM   718  O O   . MET A 1 99  ? -0.756  9.806   11.707  1.00 47.62 ? 99  MET A O   1 
ATOM   719  C CB  . MET A 1 99  ? 0.485   7.990   9.060   1.00 48.98 ? 99  MET A CB  1 
ATOM   720  C CG  . MET A 1 99  ? 1.775   7.803   9.847   1.00 49.09 ? 99  MET A CG  1 
ATOM   721  S SD  . MET A 1 99  ? 1.593   6.723   11.281  1.00 49.86 ? 99  MET A SD  1 
ATOM   722  C CE  . MET A 1 99  ? 1.327   5.122   10.480  1.00 50.34 ? 99  MET A CE  1 
ATOM   723  N N   . GLU A 1 100 ? -2.008  8.146   10.833  1.00 48.39 ? 100 GLU A N   1 
ATOM   724  C CA  . GLU A 1 100 ? -2.808  7.934   12.045  1.00 48.37 ? 100 GLU A CA  1 
ATOM   725  C C   . GLU A 1 100 ? -2.129  8.078   13.411  1.00 48.62 ? 100 GLU A C   1 
ATOM   726  O O   . GLU A 1 100 ? -2.677  8.734   14.296  1.00 49.85 ? 100 GLU A O   1 
ATOM   727  C CB  . GLU A 1 100 ? -3.531  6.581   11.989  1.00 47.40 ? 100 GLU A CB  1 
ATOM   728  C CG  . GLU A 1 100 ? -4.414  6.314   13.220  1.00 47.24 ? 100 GLU A CG  1 
ATOM   729  C CD  . GLU A 1 100 ? -5.233  5.037   13.106  1.00 46.89 ? 100 GLU A CD  1 
ATOM   730  O OE1 . GLU A 1 100 ? -4.658  3.995   12.727  1.00 45.98 ? 100 GLU A OE1 1 
ATOM   731  O OE2 . GLU A 1 100 ? -6.448  5.071   13.407  1.00 45.05 ? 100 GLU A OE2 1 
ATOM   732  N N   . TYR A 1 101 ? -0.961  7.472   13.606  1.00 48.55 ? 101 TYR A N   1 
ATOM   733  C CA  . TYR A 1 101 ? -0.291  7.582   14.900  1.00 48.90 ? 101 TYR A CA  1 
ATOM   734  C C   . TYR A 1 101 ? 1.139   8.136   14.846  1.00 49.68 ? 101 TYR A C   1 
ATOM   735  O O   . TYR A 1 101 ? 1.993   7.781   15.659  1.00 49.32 ? 101 TYR A O   1 
ATOM   736  C CB  . TYR A 1 101 ? -0.318  6.228   15.627  1.00 48.84 ? 101 TYR A CB  1 
ATOM   737  C CG  . TYR A 1 101 ? 0.176   5.052   14.816  1.00 49.21 ? 101 TYR A CG  1 
ATOM   738  C CD1 . TYR A 1 101 ? 1.512   4.952   14.435  1.00 48.67 ? 101 TYR A CD1 1 
ATOM   739  C CD2 . TYR A 1 101 ? -0.695  4.026   14.440  1.00 49.41 ? 101 TYR A CD2 1 
ATOM   740  C CE1 . TYR A 1 101 ? 1.976   3.858   13.698  1.00 49.48 ? 101 TYR A CE1 1 
ATOM   741  C CE2 . TYR A 1 101 ? -0.243  2.924   13.699  1.00 49.23 ? 101 TYR A CE2 1 
ATOM   742  C CZ  . TYR A 1 101 ? 1.093   2.849   13.335  1.00 49.89 ? 101 TYR A CZ  1 
ATOM   743  O OH  . TYR A 1 101 ? 1.555   1.770   12.612  1.00 51.49 ? 101 TYR A OH  1 
ATOM   744  N N   . GLN A 1 102 ? 1.384   9.017   13.882  1.00 50.77 ? 102 GLN A N   1 
ATOM   745  C CA  . GLN A 1 102 ? 2.691   9.647   13.717  1.00 51.75 ? 102 GLN A CA  1 
ATOM   746  C C   . GLN A 1 102 ? 2.548   10.839  12.775  1.00 52.54 ? 102 GLN A C   1 
ATOM   747  O O   . GLN A 1 102 ? 2.099   10.693  11.635  1.00 51.89 ? 102 GLN A O   1 
ATOM   748  C CB  . GLN A 1 102 ? 3.702   8.648   13.155  1.00 51.74 ? 102 GLN A CB  1 
ATOM   749  N N   . LYS A 1 103 ? 2.924   12.017  13.261  1.00 53.11 ? 103 LYS A N   1 
ATOM   750  C CA  . LYS A 1 103 ? 2.834   13.231  12.463  1.00 53.71 ? 103 LYS A CA  1 
ATOM   751  C C   . LYS A 1 103 ? 4.221   13.810  12.216  1.00 53.80 ? 103 LYS A C   1 
ATOM   752  O O   . LYS A 1 103 ? 4.999   13.996  13.153  1.00 55.10 ? 103 LYS A O   1 
ATOM   753  C CB  . LYS A 1 103 ? 1.950   14.256  13.173  1.00 53.41 ? 103 LYS A CB  1 
ATOM   754  N N   . GLY A 1 104 ? 4.527   14.084  10.951  1.00 52.76 ? 104 GLY A N   1 
ATOM   755  C CA  . GLY A 1 104 ? 5.821   14.645  10.606  1.00 52.78 ? 104 GLY A CA  1 
ATOM   756  C C   . GLY A 1 104 ? 6.788   13.643  10.003  1.00 51.94 ? 104 GLY A C   1 
ATOM   757  O O   . GLY A 1 104 ? 7.993   13.709  10.255  1.00 52.83 ? 104 GLY A O   1 
ATOM   758  N N   . VAL A 1 105 ? 6.268   12.715  9.205   1.00 50.99 ? 105 VAL A N   1 
ATOM   759  C CA  . VAL A 1 105 ? 7.102   11.702  8.568   1.00 49.68 ? 105 VAL A CA  1 
ATOM   760  C C   . VAL A 1 105 ? 7.584   12.160  7.194   1.00 48.35 ? 105 VAL A C   1 
ATOM   761  O O   . VAL A 1 105 ? 6.901   12.916  6.503   1.00 48.29 ? 105 VAL A O   1 
ATOM   762  C CB  . VAL A 1 105 ? 6.329   10.393  8.440   1.00 50.17 ? 105 VAL A CB  1 
ATOM   763  N N   . THR A 1 106 ? 8.767   11.698  6.805   1.00 47.71 ? 106 THR A N   1 
ATOM   764  C CA  . THR A 1 106 ? 9.342   12.049  5.510   1.00 46.17 ? 106 THR A CA  1 
ATOM   765  C C   . THR A 1 106 ? 9.576   10.783  4.695   1.00 44.05 ? 106 THR A C   1 
ATOM   766  O O   . THR A 1 106 ? 10.310  9.895   5.121   1.00 44.13 ? 106 THR A O   1 
ATOM   767  C CB  . THR A 1 106 ? 10.693  12.762  5.669   1.00 47.26 ? 106 THR A CB  1 
ATOM   768  O OG1 . THR A 1 106 ? 10.578  13.794  6.656   1.00 49.42 ? 106 THR A OG1 1 
ATOM   769  C CG2 . THR A 1 106 ? 11.129  13.377  4.343   1.00 45.93 ? 106 THR A CG2 1 
ATOM   770  N N   . ILE A 1 107 ? 8.950   10.701  3.524   1.00 42.66 ? 107 ILE A N   1 
ATOM   771  C CA  . ILE A 1 107 ? 9.111   9.543   2.652   1.00 39.30 ? 107 ILE A CA  1 
ATOM   772  C C   . ILE A 1 107 ? 10.012  9.848   1.464   1.00 36.70 ? 107 ILE A C   1 
ATOM   773  O O   . ILE A 1 107 ? 10.095  10.987  1.004   1.00 36.05 ? 107 ILE A O   1 
ATOM   774  C CB  . ILE A 1 107 ? 7.764   9.049   2.108   1.00 40.07 ? 107 ILE A CB  1 
ATOM   775  C CG1 . ILE A 1 107 ? 6.883   10.244  1.740   1.00 41.46 ? 107 ILE A CG1 1 
ATOM   776  C CG2 . ILE A 1 107 ? 7.112   8.132   3.117   1.00 44.08 ? 107 ILE A CG2 1 
ATOM   777  C CD1 . ILE A 1 107 ? 5.653   9.872   0.936   1.00 42.35 ? 107 ILE A CD1 1 
ATOM   778  N N   . GLU A 1 108 ? 10.683  8.817   0.962   1.00 32.26 ? 108 GLU A N   1 
ATOM   779  C CA  . GLU A 1 108 ? 11.578  8.989   -0.164  1.00 29.12 ? 108 GLU A CA  1 
ATOM   780  C C   . GLU A 1 108 ? 11.507  7.838   -1.149  1.00 28.53 ? 108 GLU A C   1 
ATOM   781  O O   . GLU A 1 108 ? 11.086  6.737   -0.802  1.00 26.07 ? 108 GLU A O   1 
ATOM   782  C CB  . GLU A 1 108 ? 13.013  9.100   0.322   1.00 28.35 ? 108 GLU A CB  1 
ATOM   783  C CG  . GLU A 1 108 ? 13.257  10.180  1.352   1.00 30.42 ? 108 GLU A CG  1 
ATOM   784  C CD  . GLU A 1 108 ? 14.722  10.288  1.695   1.00 31.16 ? 108 GLU A CD  1 
ATOM   785  O OE1 . GLU A 1 108 ? 15.367  9.228   1.809   1.00 30.23 ? 108 GLU A OE1 1 
ATOM   786  O OE2 . GLU A 1 108 ? 15.227  11.421  1.853   1.00 32.12 ? 108 GLU A OE2 1 
ATOM   787  N N   . VAL A 1 109 ? 11.926  8.116   -2.380  1.00 26.43 ? 109 VAL A N   1 
ATOM   788  C CA  . VAL A 1 109 ? 11.967  7.115   -3.434  1.00 26.53 ? 109 VAL A CA  1 
ATOM   789  C C   . VAL A 1 109 ? 13.217  7.420   -4.252  1.00 24.40 ? 109 VAL A C   1 
ATOM   790  O O   . VAL A 1 109 ? 13.578  8.584   -4.409  1.00 25.73 ? 109 VAL A O   1 
ATOM   791  C CB  . VAL A 1 109 ? 10.718  7.197   -4.355  1.00 27.84 ? 109 VAL A CB  1 
ATOM   792  C CG1 . VAL A 1 109 ? 10.647  8.559   -5.040  1.00 29.68 ? 109 VAL A CG1 1 
ATOM   793  C CG2 . VAL A 1 109 ? 10.777  6.094   -5.399  1.00 30.66 ? 109 VAL A CG2 1 
ATOM   794  N N   . GLN A 1 110 ? 13.906  6.391   -4.737  1.00 24.10 ? 110 GLN A N   1 
ATOM   795  C CA  . GLN A 1 110 ? 15.093  6.623   -5.562  1.00 21.94 ? 110 GLN A CA  1 
ATOM   796  C C   . GLN A 1 110 ? 14.626  7.181   -6.907  1.00 23.02 ? 110 GLN A C   1 
ATOM   797  O O   . GLN A 1 110 ? 13.805  6.566   -7.586  1.00 21.52 ? 110 GLN A O   1 
ATOM   798  C CB  . GLN A 1 110 ? 15.879  5.318   -5.782  1.00 23.88 ? 110 GLN A CB  1 
ATOM   799  C CG  . GLN A 1 110 ? 16.762  4.906   -4.600  1.00 25.85 ? 110 GLN A CG  1 
ATOM   800  C CD  . GLN A 1 110 ? 17.591  3.646   -4.864  1.00 27.40 ? 110 GLN A CD  1 
ATOM   801  O OE1 . GLN A 1 110 ? 18.627  3.432   -4.232  1.00 30.12 ? 110 GLN A OE1 1 
ATOM   802  N NE2 . GLN A 1 110 ? 17.135  2.809   -5.787  1.00 22.82 ? 110 GLN A NE2 1 
ATOM   803  N N   . LYS A 1 111 ? 15.149  8.349   -7.283  1.00 21.65 ? 111 LYS A N   1 
ATOM   804  C CA  . LYS A 1 111 ? 14.791  9.015   -8.539  1.00 22.39 ? 111 LYS A CA  1 
ATOM   805  C C   . LYS A 1 111 ? 14.823  8.130   -9.790  1.00 19.99 ? 111 LYS A C   1 
ATOM   806  O O   . LYS A 1 111 ? 13.932  8.194   -10.644 1.00 18.61 ? 111 LYS A O   1 
ATOM   807  C CB  . LYS A 1 111 ? 15.724  10.205  -8.790  1.00 27.99 ? 111 LYS A CB  1 
ATOM   808  C CG  . LYS A 1 111 ? 15.350  11.492  -8.081  1.00 33.96 ? 111 LYS A CG  1 
ATOM   809  C CD  . LYS A 1 111 ? 16.249  12.634  -8.561  1.00 35.67 ? 111 LYS A CD  1 
ATOM   810  C CE  . LYS A 1 111 ? 15.897  13.946  -7.872  1.00 41.25 ? 111 LYS A CE  1 
ATOM   811  N NZ  . LYS A 1 111 ? 16.849  15.041  -8.241  1.00 41.83 ? 111 LYS A NZ  1 
ATOM   812  N N   . ARG A 1 112 ? 15.859  7.309   -9.899  1.00 18.47 ? 112 ARG A N   1 
ATOM   813  C CA  . ARG A 1 112 ? 16.022  6.447   -11.065 1.00 18.41 ? 112 ARG A CA  1 
ATOM   814  C C   . ARG A 1 112 ? 15.015  5.304   -11.220 1.00 18.08 ? 112 ARG A C   1 
ATOM   815  O O   . ARG A 1 112 ? 14.916  4.727   -12.297 1.00 20.75 ? 112 ARG A O   1 
ATOM   816  C CB  . ARG A 1 112 ? 17.430  5.841   -11.072 1.00 18.28 ? 112 ARG A CB  1 
ATOM   817  C CG  . ARG A 1 112 ? 17.675  4.759   -10.000 1.00 18.99 ? 112 ARG A CG  1 
ATOM   818  C CD  . ARG A 1 112 ? 19.014  4.069   -10.281 1.00 20.71 ? 112 ARG A CD  1 
ATOM   819  N NE  . ARG A 1 112 ? 19.326  2.952   -9.396  1.00 20.91 ? 112 ARG A NE  1 
ATOM   820  C CZ  . ARG A 1 112 ? 19.857  3.065   -8.179  1.00 23.34 ? 112 ARG A CZ  1 
ATOM   821  N NH1 . ARG A 1 112 ? 20.138  4.255   -7.676  1.00 23.31 ? 112 ARG A NH1 1 
ATOM   822  N NH2 . ARG A 1 112 ? 20.131  1.978   -7.472  1.00 22.25 ? 112 ARG A NH2 1 
ATOM   823  N N   . GLN A 1 113 ? 14.280  4.968   -10.169 1.00 17.80 ? 113 GLN A N   1 
ATOM   824  C CA  . GLN A 1 113 ? 13.354  3.836   -10.235 1.00 18.94 ? 113 GLN A CA  1 
ATOM   825  C C   . GLN A 1 113 ? 11.997  4.087   -10.885 1.00 20.63 ? 113 GLN A C   1 
ATOM   826  O O   . GLN A 1 113 ? 11.305  3.133   -11.256 1.00 19.80 ? 113 GLN A O   1 
ATOM   827  C CB  . GLN A 1 113 ? 13.120  3.268   -8.835  1.00 16.86 ? 113 GLN A CB  1 
ATOM   828  C CG  . GLN A 1 113 ? 14.390  2.899   -8.065  1.00 17.63 ? 113 GLN A CG  1 
ATOM   829  C CD  . GLN A 1 113 ? 15.156  1.757   -8.695  1.00 19.15 ? 113 GLN A CD  1 
ATOM   830  O OE1 . GLN A 1 113 ? 14.701  1.134   -9.654  1.00 19.91 ? 113 GLN A OE1 1 
ATOM   831  N NE2 . GLN A 1 113 ? 16.331  1.470   -8.150  1.00 21.67 ? 113 GLN A NE2 1 
ATOM   832  N N   . LEU A 1 114 ? 11.620  5.357   -11.024 1.00 18.31 ? 114 LEU A N   1 
ATOM   833  C CA  . LEU A 1 114 ? 10.322  5.707   -11.598 1.00 19.61 ? 114 LEU A CA  1 
ATOM   834  C C   . LEU A 1 114 ? 10.423  6.884   -12.545 1.00 19.87 ? 114 LEU A C   1 
ATOM   835  O O   . LEU A 1 114 ? 11.295  7.745   -12.398 1.00 21.40 ? 114 LEU A O   1 
ATOM   836  C CB  . LEU A 1 114 ? 9.313   6.054   -10.489 1.00 18.94 ? 114 LEU A CB  1 
ATOM   837  C CG  . LEU A 1 114 ? 9.027   4.990   -9.420  1.00 21.78 ? 114 LEU A CG  1 
ATOM   838  C CD1 . LEU A 1 114 ? 8.061   5.541   -8.389  1.00 23.94 ? 114 LEU A CD1 1 
ATOM   839  C CD2 . LEU A 1 114 ? 8.449   3.753   -10.070 1.00 21.68 ? 114 LEU A CD2 1 
ATOM   840  N N   . GLY A 1 115 ? 9.500   6.931   -13.497 1.00 18.45 ? 115 GLY A N   1 
ATOM   841  C CA  . GLY A 1 115 ? 9.494   8.001   -14.472 1.00 21.64 ? 115 GLY A CA  1 
ATOM   842  C C   . GLY A 1 115 ? 8.251   7.955   -15.335 1.00 21.58 ? 115 GLY A C   1 
ATOM   843  O O   . GLY A 1 115 ? 7.371   7.115   -15.120 1.00 22.07 ? 115 GLY A O   1 
ATOM   844  N N   . PRO A 1 116 ? 8.163   8.843   -16.336 1.00 23.18 ? 116 PRO A N   1 
ATOM   845  C CA  . PRO A 1 116 ? 7.072   9.011   -17.301 1.00 22.46 ? 116 PRO A CA  1 
ATOM   846  C C   . PRO A 1 116 ? 6.509   7.749   -17.959 1.00 21.39 ? 116 PRO A C   1 
ATOM   847  O O   . PRO A 1 116 ? 5.322   7.683   -18.252 1.00 22.01 ? 116 PRO A O   1 
ATOM   848  C CB  . PRO A 1 116 ? 7.673   9.981   -18.328 1.00 21.23 ? 116 PRO A CB  1 
ATOM   849  C CG  . PRO A 1 116 ? 8.562   10.825  -17.490 1.00 22.83 ? 116 PRO A CG  1 
ATOM   850  C CD  . PRO A 1 116 ? 9.244   9.812   -16.609 1.00 21.91 ? 116 PRO A CD  1 
ATOM   851  N N   . HIS A 1 117 ? 7.358   6.758   -18.214 1.00 22.63 ? 117 HIS A N   1 
ATOM   852  C CA  . HIS A 1 117 ? 6.908   5.517   -18.850 1.00 20.46 ? 117 HIS A CA  1 
ATOM   853  C C   . HIS A 1 117 ? 6.204   4.521   -17.916 1.00 21.38 ? 117 HIS A C   1 
ATOM   854  O O   . HIS A 1 117 ? 5.555   3.583   -18.384 1.00 22.20 ? 117 HIS A O   1 
ATOM   855  C CB  . HIS A 1 117 ? 8.102   4.803   -19.492 1.00 23.01 ? 117 HIS A CB  1 
ATOM   856  C CG  . HIS A 1 117 ? 8.803   5.620   -20.529 1.00 23.85 ? 117 HIS A CG  1 
ATOM   857  N ND1 . HIS A 1 117 ? 8.212   5.968   -21.720 1.00 22.41 ? 117 HIS A ND1 1 
ATOM   858  C CD2 . HIS A 1 117 ? 10.029  6.194   -20.534 1.00 24.03 ? 117 HIS A CD2 1 
ATOM   859  C CE1 . HIS A 1 117 ? 9.039   6.730   -22.415 1.00 25.24 ? 117 HIS A CE1 1 
ATOM   860  N NE2 . HIS A 1 117 ? 10.149  6.882   -21.718 1.00 25.15 ? 117 HIS A NE2 1 
ATOM   861  N N   . ASP A 1 118 ? 6.309   4.729   -16.608 1.00 19.56 ? 118 ASP A N   1 
ATOM   862  C CA  . ASP A 1 118 ? 5.728   3.797   -15.641 1.00 21.73 ? 118 ASP A CA  1 
ATOM   863  C C   . ASP A 1 118 ? 4.230   3.851   -15.357 1.00 23.10 ? 118 ASP A C   1 
ATOM   864  O O   . ASP A 1 118 ? 3.619   4.919   -15.349 1.00 24.30 ? 118 ASP A O   1 
ATOM   865  C CB  . ASP A 1 118 ? 6.470   3.921   -14.299 1.00 19.20 ? 118 ASP A CB  1 
ATOM   866  C CG  . ASP A 1 118 ? 7.907   3.408   -14.372 1.00 21.95 ? 118 ASP A CG  1 
ATOM   867  O OD1 . ASP A 1 118 ? 8.094   2.220   -14.711 1.00 22.71 ? 118 ASP A OD1 1 
ATOM   868  O OD2 . ASP A 1 118 ? 8.847   4.180   -14.085 1.00 19.63 ? 118 ASP A OD2 1 
ATOM   869  N N   . VAL A 1 119 ? 3.650   2.671   -15.143 1.00 22.21 ? 119 VAL A N   1 
ATOM   870  C CA  . VAL A 1 119 ? 2.248   2.545   -14.752 1.00 21.09 ? 119 VAL A CA  1 
ATOM   871  C C   . VAL A 1 119 ? 2.436   1.876   -13.392 1.00 20.57 ? 119 VAL A C   1 
ATOM   872  O O   . VAL A 1 119 ? 2.797   0.706   -13.299 1.00 19.66 ? 119 VAL A O   1 
ATOM   873  C CB  . VAL A 1 119 ? 1.440   1.647   -15.716 1.00 20.91 ? 119 VAL A CB  1 
ATOM   874  C CG1 . VAL A 1 119 ? 0.010   1.516   -15.225 1.00 19.69 ? 119 VAL A CG1 1 
ATOM   875  C CG2 . VAL A 1 119 ? 1.453   2.266   -17.124 1.00 21.86 ? 119 VAL A CG2 1 
ATOM   876  N N   . VAL A 1 120 ? 2.227   2.654   -12.339 1.00 19.97 ? 120 VAL A N   1 
ATOM   877  C CA  . VAL A 1 120 ? 2.450   2.197   -10.980 1.00 18.93 ? 120 VAL A CA  1 
ATOM   878  C C   . VAL A 1 120 ? 1.283   1.645   -10.187 1.00 20.33 ? 120 VAL A C   1 
ATOM   879  O O   . VAL A 1 120 ? 0.187   2.204   -10.187 1.00 19.95 ? 120 VAL A O   1 
ATOM   880  C CB  . VAL A 1 120 ? 3.062   3.351   -10.126 1.00 19.56 ? 120 VAL A CB  1 
ATOM   881  C CG1 . VAL A 1 120 ? 3.083   2.968   -8.655  1.00 19.71 ? 120 VAL A CG1 1 
ATOM   882  C CG2 . VAL A 1 120 ? 4.454   3.679   -10.617 1.00 20.11 ? 120 VAL A CG2 1 
ATOM   883  N N   . LEU A 1 121 ? 1.533   0.529   -9.509  1.00 17.89 ? 121 LEU A N   1 
ATOM   884  C CA  . LEU A 1 121 ? 0.542   -0.041  -8.609  1.00 17.87 ? 121 LEU A CA  1 
ATOM   885  C C   . LEU A 1 121 ? 1.121   0.256   -7.226  1.00 18.33 ? 121 LEU A C   1 
ATOM   886  O O   . LEU A 1 121 ? 2.122   -0.332  -6.829  1.00 16.65 ? 121 LEU A O   1 
ATOM   887  C CB  . LEU A 1 121 ? 0.399   -1.554  -8.776  1.00 16.84 ? 121 LEU A CB  1 
ATOM   888  C CG  . LEU A 1 121 ? -0.479  -2.213  -7.699  1.00 18.03 ? 121 LEU A CG  1 
ATOM   889  C CD1 . LEU A 1 121 ? -1.845  -1.492  -7.638  1.00 20.00 ? 121 LEU A CD1 1 
ATOM   890  C CD2 . LEU A 1 121 ? -0.672  -3.697  -8.008  1.00 17.51 ? 121 LEU A CD2 1 
ATOM   891  N N   . LEU A 1 122 ? 0.526   1.204   -6.518  1.00 19.39 ? 122 LEU A N   1 
ATOM   892  C CA  . LEU A 1 122 ? 0.980   1.523   -5.171  1.00 19.35 ? 122 LEU A CA  1 
ATOM   893  C C   . LEU A 1 122 ? 0.356   0.501   -4.236  1.00 19.86 ? 122 LEU A C   1 
ATOM   894  O O   . LEU A 1 122 ? -0.823  0.196   -4.357  1.00 20.43 ? 122 LEU A O   1 
ATOM   895  C CB  . LEU A 1 122 ? 0.502   2.917   -4.756  1.00 23.73 ? 122 LEU A CB  1 
ATOM   896  C CG  . LEU A 1 122 ? 1.282   4.149   -5.192  1.00 25.12 ? 122 LEU A CG  1 
ATOM   897  C CD1 . LEU A 1 122 ? 0.511   5.394   -4.782  1.00 26.41 ? 122 LEU A CD1 1 
ATOM   898  C CD2 . LEU A 1 122 ? 2.657   4.138   -4.547  1.00 28.14 ? 122 LEU A CD2 1 
ATOM   899  N N   . HIS A 1 123 ? 1.136   -0.040  -3.308  1.00 18.81 ? 123 HIS A N   1 
ATOM   900  C CA  . HIS A 1 123 ? 0.570   -0.994  -2.370  1.00 20.62 ? 123 HIS A CA  1 
ATOM   901  C C   . HIS A 1 123 ? 0.861   -0.654  -0.937  1.00 20.68 ? 123 HIS A C   1 
ATOM   902  O O   . HIS A 1 123 ? 2.009   -0.430  -0.562  1.00 22.40 ? 123 HIS A O   1 
ATOM   903  C CB  . HIS A 1 123 ? 1.082   -2.416  -2.590  1.00 19.63 ? 123 HIS A CB  1 
ATOM   904  C CG  . HIS A 1 123 ? 0.585   -3.382  -1.556  1.00 18.48 ? 123 HIS A CG  1 
ATOM   905  N ND1 . HIS A 1 123 ? 1.301   -3.697  -0.421  1.00 21.42 ? 123 HIS A ND1 1 
ATOM   906  C CD2 . HIS A 1 123 ? -0.585  -4.055  -1.458  1.00 16.81 ? 123 HIS A CD2 1 
ATOM   907  C CE1 . HIS A 1 123 ? 0.595   -4.524  0.331   1.00 15.05 ? 123 HIS A CE1 1 
ATOM   908  N NE2 . HIS A 1 123 ? -0.554  -4.757  -0.276  1.00 21.16 ? 123 HIS A NE2 1 
ATOM   909  N N   . ASP A 1 124 ? -0.190  -0.656  -0.130  1.00 24.75 ? 124 ASP A N   1 
ATOM   910  C CA  . ASP A 1 124 ? -0.043  -0.392  1.292   1.00 26.30 ? 124 ASP A CA  1 
ATOM   911  C C   . ASP A 1 124 ? -0.836  -1.471  2.035   1.00 24.67 ? 124 ASP A C   1 
ATOM   912  O O   . ASP A 1 124 ? -1.850  -1.969  1.536   1.00 24.16 ? 124 ASP A O   1 
ATOM   913  C CB  . ASP A 1 124 ? -0.553  1.005   1.622   1.00 32.19 ? 124 ASP A CB  1 
ATOM   914  C CG  . ASP A 1 124 ? 0.055   1.560   2.897   1.00 37.03 ? 124 ASP A CG  1 
ATOM   915  O OD1 . ASP A 1 124 ? 1.240   1.246   3.183   1.00 38.80 ? 124 ASP A OD1 1 
ATOM   916  O OD2 . ASP A 1 124 ? -0.654  2.323   3.593   1.00 39.70 ? 124 ASP A OD2 1 
ATOM   917  N N   . ASP A 1 125 ? -0.363  -1.850  3.215   1.00 21.58 ? 125 ASP A N   1 
ATOM   918  C CA  . ASP A 1 125 ? -1.032  -2.886  3.972   1.00 22.85 ? 125 ASP A CA  1 
ATOM   919  C C   . ASP A 1 125 ? -2.391  -2.426  4.500   1.00 21.71 ? 125 ASP A C   1 
ATOM   920  O O   . ASP A 1 125 ? -3.388  -3.119  4.345   1.00 21.50 ? 125 ASP A O   1 
ATOM   921  C CB  . ASP A 1 125 ? -0.145  -3.361  5.136   1.00 25.33 ? 125 ASP A CB  1 
ATOM   922  C CG  . ASP A 1 125 ? 0.024   -2.309  6.226   1.00 29.02 ? 125 ASP A CG  1 
ATOM   923  O OD1 . ASP A 1 125 ? 0.258   -2.702  7.389   1.00 30.24 ? 125 ASP A OD1 1 
ATOM   924  O OD2 . ASP A 1 125 ? -0.065  -1.097  5.927   1.00 30.26 ? 125 ASP A OD2 1 
ATOM   925  N N   . VAL A 1 126 ? -2.427  -1.240  5.091   1.00 22.21 ? 126 VAL A N   1 
ATOM   926  C CA  . VAL A 1 126 ? -3.662  -0.723  5.679   1.00 24.19 ? 126 VAL A CA  1 
ATOM   927  C C   . VAL A 1 126 ? -3.946  0.716   5.276   1.00 24.71 ? 126 VAL A C   1 
ATOM   928  O O   . VAL A 1 126 ? -3.045  1.558   5.303   1.00 27.07 ? 126 VAL A O   1 
ATOM   929  C CB  . VAL A 1 126 ? -3.586  -0.767  7.232   1.00 23.46 ? 126 VAL A CB  1 
ATOM   930  C CG1 . VAL A 1 126 ? -4.822  -0.089  7.848   1.00 22.26 ? 126 VAL A CG1 1 
ATOM   931  C CG2 . VAL A 1 126 ? -3.470  -2.204  7.713   1.00 22.91 ? 126 VAL A CG2 1 
ATOM   932  N N   . LEU A 1 127 ? -5.190  0.992   4.893   1.00 24.67 ? 127 LEU A N   1 
ATOM   933  C CA  . LEU A 1 127 ? -5.596  2.351   4.539   1.00 25.45 ? 127 LEU A CA  1 
ATOM   934  C C   . LEU A 1 127 ? -6.363  2.896   5.743   1.00 25.62 ? 127 LEU A C   1 
ATOM   935  O O   . LEU A 1 127 ? -7.463  2.433   6.055   1.00 25.09 ? 127 LEU A O   1 
ATOM   936  C CB  . LEU A 1 127 ? -6.498  2.372   3.294   1.00 23.51 ? 127 LEU A CB  1 
ATOM   937  C CG  . LEU A 1 127 ? -7.239  3.689   2.958   1.00 24.74 ? 127 LEU A CG  1 
ATOM   938  C CD1 . LEU A 1 127 ? -6.276  4.867   2.925   1.00 23.60 ? 127 LEU A CD1 1 
ATOM   939  C CD2 . LEU A 1 127 ? -7.948  3.558   1.620   1.00 23.34 ? 127 LEU A CD2 1 
ATOM   940  N N   . ALA A 1 128 ? -5.756  3.856   6.430   1.00 26.79 ? 128 ALA A N   1 
ATOM   941  C CA  . ALA A 1 128 ? -6.374  4.472   7.594   1.00 27.99 ? 128 ALA A CA  1 
ATOM   942  C C   . ALA A 1 128 ? -6.814  5.888   7.232   1.00 28.22 ? 128 ALA A C   1 
ATOM   943  O O   . ALA A 1 128 ? -7.852  6.060   6.596   1.00 27.43 ? 128 ALA A O   1 
ATOM   944  C CB  . ALA A 1 128 ? -5.399  4.491   8.758   1.00 28.18 ? 128 ALA A CB  1 
ATOM   945  N N   . THR A 1 129 ? -6.027  6.894   7.617   1.00 29.38 ? 129 THR A N   1 
ATOM   946  C CA  . THR A 1 129 ? -6.375  8.281   7.313   1.00 30.79 ? 129 THR A CA  1 
ATOM   947  C C   . THR A 1 129 ? -6.077  8.608   5.855   1.00 31.26 ? 129 THR A C   1 
ATOM   948  O O   . THR A 1 129 ? -6.659  9.532   5.284   1.00 31.02 ? 129 THR A O   1 
ATOM   949  C CB  . THR A 1 129 ? -5.598  9.285   8.201   1.00 30.76 ? 129 THR A CB  1 
ATOM   950  O OG1 . THR A 1 129 ? -4.214  9.271   7.847   1.00 31.14 ? 129 THR A OG1 1 
ATOM   951  C CG2 . THR A 1 129 ? -5.731  8.923   9.662   1.00 30.05 ? 129 THR A CG2 1 
ATOM   952  N N   . GLY A 1 130 ? -5.173  7.844   5.252   1.00 30.56 ? 130 GLY A N   1 
ATOM   953  C CA  . GLY A 1 130 ? -4.830  8.075   3.862   1.00 29.99 ? 130 GLY A CA  1 
ATOM   954  C C   . GLY A 1 130 ? -3.721  9.092   3.674   1.00 29.23 ? 130 GLY A C   1 
ATOM   955  O O   . GLY A 1 130 ? -3.375  9.423   2.543   1.00 30.40 ? 130 GLY A O   1 
ATOM   956  N N   . GLY A 1 131 ? -3.159  9.587   4.774   1.00 29.50 ? 131 GLY A N   1 
ATOM   957  C CA  . GLY A 1 131 ? -2.085  10.564  4.684   1.00 29.49 ? 131 GLY A CA  1 
ATOM   958  C C   . GLY A 1 131 ? -0.840  10.005  4.024   1.00 32.10 ? 131 GLY A C   1 
ATOM   959  O O   . GLY A 1 131 ? -0.181  10.687  3.233   1.00 31.96 ? 131 GLY A O   1 
ATOM   960  N N   . THR A 1 132 ? -0.512  8.758   4.345   1.00 32.23 ? 132 THR A N   1 
ATOM   961  C CA  . THR A 1 132 ? 0.665   8.118   3.769   1.00 32.57 ? 132 THR A CA  1 
ATOM   962  C C   . THR A 1 132 ? 0.480   7.898   2.264   1.00 31.81 ? 132 THR A C   1 
ATOM   963  O O   . THR A 1 132 ? 1.391   8.146   1.477   1.00 32.80 ? 132 THR A O   1 
ATOM   964  C CB  . THR A 1 132 ? 0.953   6.758   4.447   1.00 34.27 ? 132 THR A CB  1 
ATOM   965  O OG1 . THR A 1 132 ? 1.045   6.929   5.866   1.00 35.50 ? 132 THR A OG1 1 
ATOM   966  C CG2 . THR A 1 132 ? 2.267   6.188   3.949   1.00 34.66 ? 132 THR A CG2 1 
ATOM   967  N N   . LEU A 1 133 ? -0.694  7.419   1.867   1.00 30.61 ? 133 LEU A N   1 
ATOM   968  C CA  . LEU A 1 133 ? -0.964  7.181   0.457   1.00 29.72 ? 133 LEU A CA  1 
ATOM   969  C C   . LEU A 1 133 ? -0.953  8.469   -0.355  1.00 30.05 ? 133 LEU A C   1 
ATOM   970  O O   . LEU A 1 133 ? -0.384  8.520   -1.442  1.00 29.47 ? 133 LEU A O   1 
ATOM   971  C CB  . LEU A 1 133 ? -2.307  6.478   0.277   1.00 28.96 ? 133 LEU A CB  1 
ATOM   972  C CG  . LEU A 1 133 ? -2.251  4.952   0.258   1.00 32.00 ? 133 LEU A CG  1 
ATOM   973  C CD1 . LEU A 1 133 ? -3.660  4.385   0.321   1.00 32.68 ? 133 LEU A CD1 1 
ATOM   974  C CD2 . LEU A 1 133 ? -1.535  4.490   -1.012  1.00 31.08 ? 133 LEU A CD2 1 
ATOM   975  N N   . LEU A 1 134 ? -1.583  9.512   0.172   1.00 30.38 ? 134 LEU A N   1 
ATOM   976  C CA  . LEU A 1 134 ? -1.625  10.782  -0.537  1.00 32.05 ? 134 LEU A CA  1 
ATOM   977  C C   . LEU A 1 134 ? -0.191  11.249  -0.771  1.00 31.80 ? 134 LEU A C   1 
ATOM   978  O O   . LEU A 1 134 ? 0.156   11.710  -1.854  1.00 32.46 ? 134 LEU A O   1 
ATOM   979  C CB  . LEU A 1 134 ? -2.399  11.808  0.285   1.00 35.11 ? 134 LEU A CB  1 
ATOM   980  C CG  . LEU A 1 134 ? -2.981  13.005  -0.462  1.00 37.78 ? 134 LEU A CG  1 
ATOM   981  C CD1 . LEU A 1 134 ? -4.033  12.531  -1.450  1.00 36.99 ? 134 LEU A CD1 1 
ATOM   982  C CD2 . LEU A 1 134 ? -3.595  13.973  0.552   1.00 39.37 ? 134 LEU A CD2 1 
ATOM   983  N N   . ALA A 1 135 ? 0.650   11.108  0.245   1.00 31.22 ? 135 ALA A N   1 
ATOM   984  C CA  . ALA A 1 135 ? 2.039   11.514  0.115   1.00 31.88 ? 135 ALA A CA  1 
ATOM   985  C C   . ALA A 1 135 ? 2.774   10.649  -0.906  1.00 32.67 ? 135 ALA A C   1 
ATOM   986  O O   . ALA A 1 135 ? 3.633   11.143  -1.635  1.00 31.86 ? 135 ALA A O   1 
ATOM   987  C CB  . ALA A 1 135 ? 2.735   11.427  1.457   1.00 33.28 ? 135 ALA A CB  1 
ATOM   988  N N   . ALA A 1 136 ? 2.433   9.360   -0.950  1.00 30.99 ? 136 ALA A N   1 
ATOM   989  C CA  . ALA A 1 136 ? 3.077   8.425   -1.870  1.00 29.99 ? 136 ALA A CA  1 
ATOM   990  C C   . ALA A 1 136 ? 2.770   8.751   -3.329  1.00 29.25 ? 136 ALA A C   1 
ATOM   991  O O   . ALA A 1 136 ? 3.646   8.649   -4.189  1.00 28.16 ? 136 ALA A O   1 
ATOM   992  C CB  . ALA A 1 136 ? 2.649   6.988   -1.546  1.00 28.95 ? 136 ALA A CB  1 
ATOM   993  N N   . ILE A 1 137 ? 1.523   9.129   -3.601  1.00 28.85 ? 137 ILE A N   1 
ATOM   994  C CA  . ILE A 1 137 ? 1.107   9.490   -4.951  1.00 30.24 ? 137 ILE A CA  1 
ATOM   995  C C   . ILE A 1 137 ? 1.911   10.711  -5.367  1.00 31.80 ? 137 ILE A C   1 
ATOM   996  O O   . ILE A 1 137 ? 2.423   10.789  -6.484  1.00 31.42 ? 137 ILE A O   1 
ATOM   997  C CB  . ILE A 1 137 ? -0.394  9.855   -4.999  1.00 30.60 ? 137 ILE A CB  1 
ATOM   998  C CG1 . ILE A 1 137 ? -1.227  8.670   -4.511  1.00 30.52 ? 137 ILE A CG1 1 
ATOM   999  C CG2 . ILE A 1 137 ? -0.798  10.259  -6.428  1.00 27.71 ? 137 ILE A CG2 1 
ATOM   1000 C CD1 . ILE A 1 137 ? -2.678  9.007   -4.235  1.00 28.92 ? 137 ILE A CD1 1 
ATOM   1001 N N   . GLU A 1 138 ? 2.029   11.663  -4.447  1.00 32.99 ? 138 GLU A N   1 
ATOM   1002 C CA  . GLU A 1 138 ? 2.773   12.881  -4.711  1.00 34.29 ? 138 GLU A CA  1 
ATOM   1003 C C   . GLU A 1 138 ? 4.205   12.556  -5.101  1.00 33.67 ? 138 GLU A C   1 
ATOM   1004 O O   . GLU A 1 138 ? 4.710   13.068  -6.100  1.00 32.85 ? 138 GLU A O   1 
ATOM   1005 C CB  . GLU A 1 138 ? 2.745   13.791  -3.477  1.00 37.45 ? 138 GLU A CB  1 
ATOM   1006 C CG  . GLU A 1 138 ? 1.343   14.286  -3.133  1.00 42.62 ? 138 GLU A CG  1 
ATOM   1007 C CD  . GLU A 1 138 ? 1.281   15.074  -1.829  1.00 46.77 ? 138 GLU A CD  1 
ATOM   1008 O OE1 . GLU A 1 138 ? 0.185   15.586  -1.505  1.00 46.57 ? 138 GLU A OE1 1 
ATOM   1009 O OE2 . GLU A 1 138 ? 2.317   15.176  -1.127  1.00 47.80 ? 138 GLU A OE2 1 
ATOM   1010 N N   . LEU A 1 139 ? 4.856   11.697  -4.320  1.00 32.72 ? 139 LEU A N   1 
ATOM   1011 C CA  . LEU A 1 139 ? 6.232   11.308  -4.605  1.00 31.62 ? 139 LEU A CA  1 
ATOM   1012 C C   . LEU A 1 139 ? 6.370   10.701  -5.995  1.00 31.43 ? 139 LEU A C   1 
ATOM   1013 O O   . LEU A 1 139 ? 7.288   11.042  -6.744  1.00 31.59 ? 139 LEU A O   1 
ATOM   1014 C CB  . LEU A 1 139 ? 6.741   10.288  -3.585  1.00 32.41 ? 139 LEU A CB  1 
ATOM   1015 C CG  . LEU A 1 139 ? 7.558   10.740  -2.376  1.00 33.54 ? 139 LEU A CG  1 
ATOM   1016 C CD1 . LEU A 1 139 ? 8.140   9.514   -1.704  1.00 32.53 ? 139 LEU A CD1 1 
ATOM   1017 C CD2 . LEU A 1 139 ? 8.685   11.666  -2.808  1.00 33.93 ? 139 LEU A CD2 1 
ATOM   1018 N N   . CYS A 1 140 ? 5.472   9.780   -6.330  1.00 29.47 ? 140 CYS A N   1 
ATOM   1019 C CA  . CYS A 1 140 ? 5.521   9.134   -7.632  1.00 28.13 ? 140 CYS A CA  1 
ATOM   1020 C C   . CYS A 1 140 ? 5.397   10.170  -8.739  1.00 28.41 ? 140 CYS A C   1 
ATOM   1021 O O   . CYS A 1 140 ? 6.113   10.124  -9.737  1.00 26.77 ? 140 CYS A O   1 
ATOM   1022 C CB  . CYS A 1 140 ? 4.401   8.096   -7.759  1.00 28.01 ? 140 CYS A CB  1 
ATOM   1023 S SG  . CYS A 1 140 ? 4.632   6.626   -6.727  1.00 25.66 ? 140 CYS A SG  1 
ATOM   1024 N N   . GLU A 1 141 ? 4.489   11.119  -8.554  1.00 29.36 ? 141 GLU A N   1 
ATOM   1025 C CA  . GLU A 1 141 ? 4.296   12.152  -9.557  1.00 29.43 ? 141 GLU A CA  1 
ATOM   1026 C C   . GLU A 1 141 ? 5.511   13.075  -9.675  1.00 29.54 ? 141 GLU A C   1 
ATOM   1027 O O   . GLU A 1 141 ? 5.874   13.483  -10.783 1.00 29.95 ? 141 GLU A O   1 
ATOM   1028 C CB  . GLU A 1 141 ? 3.006   12.924  -9.258  1.00 30.99 ? 141 GLU A CB  1 
ATOM   1029 C CG  . GLU A 1 141 ? 1.773   12.037  -9.425  1.00 31.24 ? 141 GLU A CG  1 
ATOM   1030 C CD  . GLU A 1 141 ? 0.459   12.690  -9.010  1.00 35.61 ? 141 GLU A CD  1 
ATOM   1031 O OE1 . GLU A 1 141 ? -0.608  12.118  -9.334  1.00 35.31 ? 141 GLU A OE1 1 
ATOM   1032 O OE2 . GLU A 1 141 ? 0.483   13.760  -8.364  1.00 34.08 ? 141 GLU A OE2 1 
ATOM   1033 N N   . THR A 1 142 ? 6.161   13.390  -8.558  1.00 27.90 ? 142 THR A N   1 
ATOM   1034 C CA  . THR A 1 142 ? 7.338   14.249  -8.631  1.00 29.44 ? 142 THR A CA  1 
ATOM   1035 C C   . THR A 1 142 ? 8.467   13.523  -9.363  1.00 29.32 ? 142 THR A C   1 
ATOM   1036 O O   . THR A 1 142 ? 9.300   14.158  -10.009 1.00 28.11 ? 142 THR A O   1 
ATOM   1037 C CB  . THR A 1 142 ? 7.834   14.671  -7.241  1.00 30.64 ? 142 THR A CB  1 
ATOM   1038 O OG1 . THR A 1 142 ? 8.163   13.508  -6.481  1.00 35.22 ? 142 THR A OG1 1 
ATOM   1039 C CG2 . THR A 1 142 ? 6.759   15.460  -6.505  1.00 28.64 ? 142 THR A CG2 1 
ATOM   1040 N N   . ALA A 1 143 ? 8.480   12.191  -9.267  1.00 28.61 ? 143 ALA A N   1 
ATOM   1041 C CA  . ALA A 1 143 ? 9.495   11.368  -9.930  1.00 26.61 ? 143 ALA A CA  1 
ATOM   1042 C C   . ALA A 1 143 ? 9.202   11.237  -11.421 1.00 27.49 ? 143 ALA A C   1 
ATOM   1043 O O   . ALA A 1 143 ? 10.008  10.676  -12.185 1.00 27.17 ? 143 ALA A O   1 
ATOM   1044 C CB  . ALA A 1 143 ? 9.549   9.979   -9.296  1.00 26.84 ? 143 ALA A CB  1 
ATOM   1045 N N   . GLY A 1 144 ? 8.039   11.732  -11.835 1.00 25.52 ? 144 GLY A N   1 
ATOM   1046 C CA  . GLY A 1 144 ? 7.695   11.688  -13.243 1.00 25.12 ? 144 GLY A CA  1 
ATOM   1047 C C   . GLY A 1 144 ? 6.530   10.813  -13.661 1.00 23.91 ? 144 GLY A C   1 
ATOM   1048 O O   . GLY A 1 144 ? 6.154   10.827  -14.837 1.00 25.96 ? 144 GLY A O   1 
ATOM   1049 N N   . VAL A 1 145 ? 5.951   10.052  -12.734 1.00 22.68 ? 145 VAL A N   1 
ATOM   1050 C CA  . VAL A 1 145 ? 4.824   9.192   -13.099 1.00 21.95 ? 145 VAL A CA  1 
ATOM   1051 C C   . VAL A 1 145 ? 3.591   10.048  -13.362 1.00 24.52 ? 145 VAL A C   1 
ATOM   1052 O O   . VAL A 1 145 ? 3.300   10.970  -12.597 1.00 23.59 ? 145 VAL A O   1 
ATOM   1053 C CB  . VAL A 1 145 ? 4.493   8.176   -11.981 1.00 21.00 ? 145 VAL A CB  1 
ATOM   1054 C CG1 . VAL A 1 145 ? 3.365   7.252   -12.426 1.00 17.89 ? 145 VAL A CG1 1 
ATOM   1055 C CG2 . VAL A 1 145 ? 5.734   7.369   -11.625 1.00 20.22 ? 145 VAL A CG2 1 
ATOM   1056 N N   . LYS A 1 146 ? 2.867   9.743   -14.436 1.00 24.42 ? 146 LYS A N   1 
ATOM   1057 C CA  . LYS A 1 146 ? 1.671   10.507  -14.777 1.00 26.25 ? 146 LYS A CA  1 
ATOM   1058 C C   . LYS A 1 146 ? 0.484   10.163  -13.876 1.00 25.58 ? 146 LYS A C   1 
ATOM   1059 O O   . LYS A 1 146 ? 0.247   8.997   -13.560 1.00 24.24 ? 146 LYS A O   1 
ATOM   1060 C CB  . LYS A 1 146 ? 1.299   10.266  -16.241 1.00 27.42 ? 146 LYS A CB  1 
ATOM   1061 C CG  . LYS A 1 146 ? 2.370   10.677  -17.226 1.00 29.30 ? 146 LYS A CG  1 
ATOM   1062 C CD  . LYS A 1 146 ? 1.944   10.322  -18.639 1.00 32.11 ? 146 LYS A CD  1 
ATOM   1063 C CE  . LYS A 1 146 ? 3.008   10.647  -19.675 1.00 34.90 ? 146 LYS A CE  1 
ATOM   1064 N NZ  . LYS A 1 146 ? 2.590   10.144  -21.022 1.00 36.21 ? 146 LYS A NZ  1 
ATOM   1065 N N   . PRO A 1 147 ? -0.290  11.184  -13.457 1.00 25.15 ? 147 PRO A N   1 
ATOM   1066 C CA  . PRO A 1 147 ? -1.444  10.951  -12.590 1.00 26.29 ? 147 PRO A CA  1 
ATOM   1067 C C   . PRO A 1 147 ? -2.358  9.821   -13.051 1.00 25.38 ? 147 PRO A C   1 
ATOM   1068 O O   . PRO A 1 147 ? -2.758  8.980   -12.250 1.00 24.22 ? 147 PRO A O   1 
ATOM   1069 C CB  . PRO A 1 147 ? -2.152  12.310  -12.584 1.00 27.17 ? 147 PRO A CB  1 
ATOM   1070 C CG  . PRO A 1 147 ? -1.011  13.266  -12.696 1.00 26.41 ? 147 PRO A CG  1 
ATOM   1071 C CD  . PRO A 1 147 ? -0.162  12.618  -13.775 1.00 25.99 ? 147 PRO A CD  1 
ATOM   1072 N N   . GLU A 1 148 ? -2.667  9.780   -14.342 1.00 24.33 ? 148 GLU A N   1 
ATOM   1073 C CA  . GLU A 1 148 ? -3.554  8.738   -14.850 1.00 26.08 ? 148 GLU A CA  1 
ATOM   1074 C C   . GLU A 1 148 ? -2.897  7.358   -14.887 1.00 24.32 ? 148 GLU A C   1 
ATOM   1075 O O   . GLU A 1 148 ? -3.557  6.374   -15.223 1.00 24.86 ? 148 GLU A O   1 
ATOM   1076 C CB  . GLU A 1 148 ? -4.055  9.085   -16.257 1.00 29.76 ? 148 GLU A CB  1 
ATOM   1077 C CG  . GLU A 1 148 ? -3.947  10.556  -16.622 1.00 36.54 ? 148 GLU A CG  1 
ATOM   1078 C CD  . GLU A 1 148 ? -2.536  10.953  -17.018 1.00 39.01 ? 148 GLU A CD  1 
ATOM   1079 O OE1 . GLU A 1 148 ? -2.061  10.490  -18.079 1.00 40.40 ? 148 GLU A OE1 1 
ATOM   1080 O OE2 . GLU A 1 148 ? -1.903  11.724  -16.269 1.00 40.27 ? 148 GLU A OE2 1 
ATOM   1081 N N   . ASN A 1 149 ? -1.611  7.284   -14.550 1.00 22.74 ? 149 ASN A N   1 
ATOM   1082 C CA  . ASN A 1 149 ? -0.911  5.997   -14.566 1.00 23.53 ? 149 ASN A CA  1 
ATOM   1083 C C   . ASN A 1 149 ? -0.594  5.449   -13.177 1.00 23.13 ? 149 ASN A C   1 
ATOM   1084 O O   . ASN A 1 149 ? 0.354   4.677   -12.998 1.00 22.24 ? 149 ASN A O   1 
ATOM   1085 C CB  . ASN A 1 149 ? 0.382   6.083   -15.395 1.00 22.76 ? 149 ASN A CB  1 
ATOM   1086 C CG  . ASN A 1 149 ? 0.114   6.193   -16.892 1.00 23.86 ? 149 ASN A CG  1 
ATOM   1087 O OD1 . ASN A 1 149 ? -0.858  5.634   -17.402 1.00 25.41 ? 149 ASN A OD1 1 
ATOM   1088 N ND2 . ASN A 1 149 ? 0.988   6.895   -17.603 1.00 22.52 ? 149 ASN A ND2 1 
ATOM   1089 N N   . ILE A 1 150 ? -1.405  5.840   -12.198 1.00 23.09 ? 150 ILE A N   1 
ATOM   1090 C CA  . ILE A 1 150 ? -1.223  5.382   -10.830 1.00 22.33 ? 150 ILE A CA  1 
ATOM   1091 C C   . ILE A 1 150 ? -2.466  4.658   -10.351 1.00 22.94 ? 150 ILE A C   1 
ATOM   1092 O O   . ILE A 1 150 ? -3.585  5.173   -10.470 1.00 21.59 ? 150 ILE A O   1 
ATOM   1093 C CB  . ILE A 1 150 ? -0.955  6.566   -9.876  1.00 22.35 ? 150 ILE A CB  1 
ATOM   1094 C CG1 . ILE A 1 150 ? 0.313   7.306   -10.313 1.00 22.13 ? 150 ILE A CG1 1 
ATOM   1095 C CG2 . ILE A 1 150 ? -0.820  6.066   -8.442  1.00 19.96 ? 150 ILE A CG2 1 
ATOM   1096 C CD1 . ILE A 1 150 ? 0.615   8.524   -9.488  1.00 23.35 ? 150 ILE A CD1 1 
ATOM   1097 N N   . TYR A 1 151 ? -2.258  3.459   -9.816  1.00 21.90 ? 151 TYR A N   1 
ATOM   1098 C CA  . TYR A 1 151 ? -3.337  2.636   -9.281  1.00 21.81 ? 151 TYR A CA  1 
ATOM   1099 C C   . TYR A 1 151 ? -2.983  2.321   -7.839  1.00 22.57 ? 151 TYR A C   1 
ATOM   1100 O O   . TYR A 1 151 ? -1.805  2.255   -7.488  1.00 21.47 ? 151 TYR A O   1 
ATOM   1101 C CB  . TYR A 1 151 ? -3.466  1.329   -10.062 1.00 22.17 ? 151 TYR A CB  1 
ATOM   1102 C CG  . TYR A 1 151 ? -3.880  1.519   -11.490 1.00 23.15 ? 151 TYR A CG  1 
ATOM   1103 C CD1 . TYR A 1 151 ? -2.982  2.008   -12.441 1.00 23.40 ? 151 TYR A CD1 1 
ATOM   1104 C CD2 . TYR A 1 151 ? -5.177  1.229   -11.897 1.00 23.74 ? 151 TYR A CD2 1 
ATOM   1105 C CE1 . TYR A 1 151 ? -3.372  2.200   -13.771 1.00 23.37 ? 151 TYR A CE1 1 
ATOM   1106 C CE2 . TYR A 1 151 ? -5.575  1.418   -13.224 1.00 25.72 ? 151 TYR A CE2 1 
ATOM   1107 C CZ  . TYR A 1 151 ? -4.674  1.902   -14.150 1.00 25.63 ? 151 TYR A CZ  1 
ATOM   1108 O OH  . TYR A 1 151 ? -5.084  2.094   -15.454 1.00 30.28 ? 151 TYR A OH  1 
ATOM   1109 N N   . ILE A 1 152 ? -3.991  2.131   -6.995  1.00 21.45 ? 152 ILE A N   1 
ATOM   1110 C CA  . ILE A 1 152 ? -3.723  1.852   -5.597  1.00 22.12 ? 152 ILE A CA  1 
ATOM   1111 C C   . ILE A 1 152 ? -4.370  0.578   -5.088  1.00 22.48 ? 152 ILE A C   1 
ATOM   1112 O O   . ILE A 1 152 ? -5.546  0.300   -5.357  1.00 20.37 ? 152 ILE A O   1 
ATOM   1113 C CB  . ILE A 1 152 ? -4.200  3.013   -4.688  1.00 23.84 ? 152 ILE A CB  1 
ATOM   1114 C CG1 . ILE A 1 152 ? -3.443  4.298   -5.025  1.00 25.57 ? 152 ILE A CG1 1 
ATOM   1115 C CG2 . ILE A 1 152 ? -3.962  2.656   -3.218  1.00 22.65 ? 152 ILE A CG2 1 
ATOM   1116 C CD1 . ILE A 1 152 ? -3.987  5.517   -4.278  1.00 25.94 ? 152 ILE A CD1 1 
ATOM   1117 N N   . ASN A 1 153 ? -3.591  -0.205  -4.351  1.00 22.28 ? 153 ASN A N   1 
ATOM   1118 C CA  . ASN A 1 153 ? -4.113  -1.430  -3.764  1.00 22.04 ? 153 ASN A CA  1 
ATOM   1119 C C   . ASN A 1 153 ? -3.732  -1.491  -2.304  1.00 22.08 ? 153 ASN A C   1 
ATOM   1120 O O   . ASN A 1 153 ? -2.582  -1.227  -1.951  1.00 22.20 ? 153 ASN A O   1 
ATOM   1121 C CB  . ASN A 1 153 ? -3.546  -2.674  -4.442  1.00 23.19 ? 153 ASN A CB  1 
ATOM   1122 C CG  . ASN A 1 153 ? -3.945  -3.952  -3.720  1.00 24.31 ? 153 ASN A CG  1 
ATOM   1123 O OD1 . ASN A 1 153 ? -5.110  -4.356  -3.750  1.00 24.26 ? 153 ASN A OD1 1 
ATOM   1124 N ND2 . ASN A 1 153 ? -2.983  -4.579  -3.047  1.00 19.91 ? 153 ASN A ND2 1 
ATOM   1125 N N   . VAL A 1 154 ? -4.697  -1.821  -1.454  1.00 22.06 ? 154 VAL A N   1 
ATOM   1126 C CA  . VAL A 1 154 ? -4.420  -1.987  -0.034  1.00 23.39 ? 154 VAL A CA  1 
ATOM   1127 C C   . VAL A 1 154 ? -4.994  -3.329  0.400   1.00 21.56 ? 154 VAL A C   1 
ATOM   1128 O O   . VAL A 1 154 ? -5.987  -3.808  -0.156  1.00 20.88 ? 154 VAL A O   1 
ATOM   1129 C CB  . VAL A 1 154 ? -5.021  -0.865  0.837   1.00 25.59 ? 154 VAL A CB  1 
ATOM   1130 C CG1 . VAL A 1 154 ? -4.368  0.462   0.489   1.00 27.29 ? 154 VAL A CG1 1 
ATOM   1131 C CG2 . VAL A 1 154 ? -6.521  -0.805  0.658   1.00 27.66 ? 154 VAL A CG2 1 
ATOM   1132 N N   . LEU A 1 155 ? -4.357  -3.955  1.377   1.00 20.96 ? 155 LEU A N   1 
ATOM   1133 C CA  . LEU A 1 155 ? -4.842  -5.241  1.842   1.00 22.79 ? 155 LEU A CA  1 
ATOM   1134 C C   . LEU A 1 155 ? -6.094  -5.063  2.698   1.00 22.62 ? 155 LEU A C   1 
ATOM   1135 O O   . LEU A 1 155 ? -7.099  -5.755  2.502   1.00 24.89 ? 155 LEU A O   1 
ATOM   1136 C CB  . LEU A 1 155 ? -3.738  -5.950  2.641   1.00 20.61 ? 155 LEU A CB  1 
ATOM   1137 C CG  . LEU A 1 155 ? -4.030  -7.305  3.296   1.00 24.96 ? 155 LEU A CG  1 
ATOM   1138 C CD1 . LEU A 1 155 ? -4.901  -8.161  2.410   1.00 25.15 ? 155 LEU A CD1 1 
ATOM   1139 C CD2 . LEU A 1 155 ? -2.711  -8.006  3.573   1.00 22.81 ? 155 LEU A CD2 1 
ATOM   1140 N N   . TYR A 1 156 ? -6.045  -4.094  3.609   1.00 23.12 ? 156 TYR A N   1 
ATOM   1141 C CA  . TYR A 1 156 ? -7.150  -3.852  4.541   1.00 24.28 ? 156 TYR A CA  1 
ATOM   1142 C C   . TYR A 1 156 ? -7.556  -2.372  4.611   1.00 24.23 ? 156 TYR A C   1 
ATOM   1143 O O   . TYR A 1 156 ? -6.715  -1.507  4.841   1.00 23.35 ? 156 TYR A O   1 
ATOM   1144 C CB  . TYR A 1 156 ? -6.717  -4.334  5.925   1.00 24.38 ? 156 TYR A CB  1 
ATOM   1145 C CG  . TYR A 1 156 ? -7.793  -4.314  6.980   1.00 23.32 ? 156 TYR A CG  1 
ATOM   1146 C CD1 . TYR A 1 156 ? -8.642  -5.398  7.158   1.00 24.02 ? 156 TYR A CD1 1 
ATOM   1147 C CD2 . TYR A 1 156 ? -7.930  -3.221  7.834   1.00 25.05 ? 156 TYR A CD2 1 
ATOM   1148 C CE1 . TYR A 1 156 ? -9.608  -5.403  8.182   1.00 25.73 ? 156 TYR A CE1 1 
ATOM   1149 C CE2 . TYR A 1 156 ? -8.892  -3.208  8.853   1.00 25.55 ? 156 TYR A CE2 1 
ATOM   1150 C CZ  . TYR A 1 156 ? -9.722  -4.301  9.023   1.00 24.59 ? 156 TYR A CZ  1 
ATOM   1151 O OH  . TYR A 1 156 ? -10.646 -4.298  10.042  1.00 26.64 ? 156 TYR A OH  1 
ATOM   1152 N N   . GLU A 1 157 ? -8.848  -2.092  4.436   1.00 24.92 ? 157 GLU A N   1 
ATOM   1153 C CA  . GLU A 1 157 ? -9.363  -0.716  4.472   1.00 24.32 ? 157 GLU A CA  1 
ATOM   1154 C C   . GLU A 1 157 ? -10.275 -0.453  5.675   1.00 27.46 ? 157 GLU A C   1 
ATOM   1155 O O   . GLU A 1 157 ? -11.273 -1.152  5.866   1.00 26.10 ? 157 GLU A O   1 
ATOM   1156 C CB  . GLU A 1 157 ? -10.150 -0.414  3.193   1.00 25.39 ? 157 GLU A CB  1 
ATOM   1157 C CG  . GLU A 1 157 ? -10.700 1.025   3.120   1.00 25.48 ? 157 GLU A CG  1 
ATOM   1158 C CD  . GLU A 1 157 ? -11.553 1.284   1.891   1.00 26.86 ? 157 GLU A CD  1 
ATOM   1159 O OE1 . GLU A 1 157 ? -11.892 2.461   1.632   1.00 29.53 ? 157 GLU A OE1 1 
ATOM   1160 O OE2 . GLU A 1 157 ? -11.908 0.317   1.189   1.00 27.22 ? 157 GLU A OE2 1 
ATOM   1161 N N   . ILE A 1 158 ? -9.924  0.546   6.482   1.00 28.48 ? 158 ILE A N   1 
ATOM   1162 C CA  . ILE A 1 158 ? -10.726 0.933   7.644   1.00 32.58 ? 158 ILE A CA  1 
ATOM   1163 C C   . ILE A 1 158 ? -11.610 2.088   7.162   1.00 33.73 ? 158 ILE A C   1 
ATOM   1164 O O   . ILE A 1 158 ? -11.312 3.252   7.407   1.00 33.20 ? 158 ILE A O   1 
ATOM   1165 C CB  . ILE A 1 158 ? -9.834  1.433   8.801   1.00 33.16 ? 158 ILE A CB  1 
ATOM   1166 C CG1 . ILE A 1 158 ? -8.840  0.341   9.206   1.00 33.41 ? 158 ILE A CG1 1 
ATOM   1167 C CG2 . ILE A 1 158 ? -10.696 1.810   9.998   1.00 36.14 ? 158 ILE A CG2 1 
ATOM   1168 C CD1 . ILE A 1 158 ? -7.811  0.778   10.221  1.00 32.00 ? 158 ILE A CD1 1 
ATOM   1169 N N   . GLU A 1 159 ? -12.689 1.751   6.462   1.00 36.70 ? 159 GLU A N   1 
ATOM   1170 C CA  . GLU A 1 159 ? -13.605 2.743   5.902   1.00 39.73 ? 159 GLU A CA  1 
ATOM   1171 C C   . GLU A 1 159 ? -14.041 3.860   6.845   1.00 40.56 ? 159 GLU A C   1 
ATOM   1172 O O   . GLU A 1 159 ? -14.261 4.984   6.407   1.00 40.12 ? 159 GLU A O   1 
ATOM   1173 C CB  . GLU A 1 159 ? -14.850 2.050   5.335   1.00 42.41 ? 159 GLU A CB  1 
ATOM   1174 C CG  . GLU A 1 159 ? -14.560 1.074   4.196   1.00 46.49 ? 159 GLU A CG  1 
ATOM   1175 C CD  . GLU A 1 159 ? -15.811 0.403   3.660   1.00 48.57 ? 159 GLU A CD  1 
ATOM   1176 O OE1 . GLU A 1 159 ? -16.617 -0.091  4.477   1.00 50.11 ? 159 GLU A OE1 1 
ATOM   1177 O OE2 . GLU A 1 159 ? -15.983 0.362   2.422   1.00 49.14 ? 159 GLU A OE2 1 
ATOM   1178 N N   . ALA A 1 160 ? -14.159 3.557   8.134   1.00 41.57 ? 160 ALA A N   1 
ATOM   1179 C CA  . ALA A 1 160 ? -14.591 4.550   9.115   1.00 42.37 ? 160 ALA A CA  1 
ATOM   1180 C C   . ALA A 1 160 ? -13.790 5.844   9.087   1.00 42.21 ? 160 ALA A C   1 
ATOM   1181 O O   . ALA A 1 160 ? -14.336 6.913   9.347   1.00 41.98 ? 160 ALA A O   1 
ATOM   1182 C CB  . ALA A 1 160 ? -14.552 3.955   10.515  1.00 43.93 ? 160 ALA A CB  1 
ATOM   1183 N N   . LEU A 1 161 ? -12.501 5.749   8.773   1.00 41.22 ? 161 LEU A N   1 
ATOM   1184 C CA  . LEU A 1 161 ? -11.640 6.924   8.733   1.00 40.40 ? 161 LEU A CA  1 
ATOM   1185 C C   . LEU A 1 161 ? -11.683 7.664   7.397   1.00 40.07 ? 161 LEU A C   1 
ATOM   1186 O O   . LEU A 1 161 ? -10.896 8.579   7.171   1.00 39.73 ? 161 LEU A O   1 
ATOM   1187 C CB  . LEU A 1 161 ? -10.200 6.520   9.052   1.00 40.73 ? 161 LEU A CB  1 
ATOM   1188 C CG  . LEU A 1 161 ? -9.977  5.764   10.366  1.00 41.38 ? 161 LEU A CG  1 
ATOM   1189 C CD1 . LEU A 1 161 ? -8.512  5.367   10.482  1.00 40.85 ? 161 LEU A CD1 1 
ATOM   1190 C CD2 . LEU A 1 161 ? -10.391 6.638   11.548  1.00 41.69 ? 161 LEU A CD2 1 
ATOM   1191 N N   . LYS A 1 162 ? -12.608 7.266   6.525   1.00 39.90 ? 162 LYS A N   1 
ATOM   1192 C CA  . LYS A 1 162 ? -12.783 7.869   5.200   1.00 40.25 ? 162 LYS A CA  1 
ATOM   1193 C C   . LYS A 1 162 ? -11.484 8.250   4.487   1.00 39.91 ? 162 LYS A C   1 
ATOM   1194 O O   . LYS A 1 162 ? -11.380 9.324   3.892   1.00 39.04 ? 162 LYS A O   1 
ATOM   1195 C CB  . LYS A 1 162 ? -13.709 9.097   5.284   1.00 42.29 ? 162 LYS A CB  1 
ATOM   1196 C CG  . LYS A 1 162 ? -13.239 10.203  6.221   1.00 46.13 ? 162 LYS A CG  1 
ATOM   1197 C CD  . LYS A 1 162 ? -14.256 11.361  6.336   1.00 49.35 ? 162 LYS A CD  1 
ATOM   1198 C CE  . LYS A 1 162 ? -14.230 12.321  5.132   1.00 50.13 ? 162 LYS A CE  1 
ATOM   1199 N NZ  . LYS A 1 162 ? -14.750 11.729  3.859   1.00 52.13 ? 162 LYS A NZ  1 
ATOM   1200 N N   . GLY A 1 163 ? -10.496 7.357   4.536   1.00 37.90 ? 163 GLY A N   1 
ATOM   1201 C CA  . GLY A 1 163 ? -9.232  7.627   3.875   1.00 33.92 ? 163 GLY A CA  1 
ATOM   1202 C C   . GLY A 1 163 ? -9.425  7.614   2.373   1.00 32.31 ? 163 GLY A C   1 
ATOM   1203 O O   . GLY A 1 163 ? -8.728  8.314   1.642   1.00 32.59 ? 163 GLY A O   1 
ATOM   1204 N N   . ARG A 1 164 ? -10.387 6.822   1.913   1.00 32.26 ? 164 ARG A N   1 
ATOM   1205 C CA  . ARG A 1 164 ? -10.674 6.715   0.489   1.00 33.76 ? 164 ARG A CA  1 
ATOM   1206 C C   . ARG A 1 164 ? -10.997 8.073   -0.142  1.00 34.54 ? 164 ARG A C   1 
ATOM   1207 O O   . ARG A 1 164 ? -10.477 8.404   -1.216  1.00 32.34 ? 164 ARG A O   1 
ATOM   1208 C CB  . ARG A 1 164 ? -11.830 5.732   0.265   1.00 33.68 ? 164 ARG A CB  1 
ATOM   1209 C CG  . ARG A 1 164 ? -12.226 5.532   -1.194  1.00 35.05 ? 164 ARG A CG  1 
ATOM   1210 C CD  . ARG A 1 164 ? -13.326 4.483   -1.322  1.00 33.98 ? 164 ARG A CD  1 
ATOM   1211 N NE  . ARG A 1 164 ? -12.844 3.128   -1.064  1.00 34.52 ? 164 ARG A NE  1 
ATOM   1212 C CZ  . ARG A 1 164 ? -12.293 2.336   -1.982  1.00 36.57 ? 164 ARG A CZ  1 
ATOM   1213 N NH1 . ARG A 1 164 ? -12.153 2.757   -3.233  1.00 34.30 ? 164 ARG A NH1 1 
ATOM   1214 N NH2 . ARG A 1 164 ? -11.878 1.118   -1.649  1.00 36.12 ? 164 ARG A NH2 1 
ATOM   1215 N N   . GLU A 1 165 ? -11.856 8.857   0.510   1.00 35.89 ? 165 GLU A N   1 
ATOM   1216 C CA  . GLU A 1 165 ? -12.208 10.176  -0.026  1.00 37.20 ? 165 GLU A CA  1 
ATOM   1217 C C   . GLU A 1 165 ? -10.997 11.106  0.016   1.00 35.77 ? 165 GLU A C   1 
ATOM   1218 O O   . GLU A 1 165 ? -10.777 11.898  -0.898  1.00 36.30 ? 165 GLU A O   1 
ATOM   1219 C CB  . GLU A 1 165 ? -13.368 10.797  0.760   1.00 40.05 ? 165 GLU A CB  1 
ATOM   1220 C CG  . GLU A 1 165 ? -13.828 12.134  0.175   1.00 46.68 ? 165 GLU A CG  1 
ATOM   1221 C CD  . GLU A 1 165 ? -15.032 12.716  0.893   1.00 50.38 ? 165 GLU A CD  1 
ATOM   1222 O OE1 . GLU A 1 165 ? -16.109 12.081  0.865   1.00 53.05 ? 165 GLU A OE1 1 
ATOM   1223 O OE2 . GLU A 1 165 ? -14.902 13.809  1.485   1.00 53.45 ? 165 GLU A OE2 1 
ATOM   1224 N N   . LYS A 1 166 ? -10.214 11.008  1.084   1.00 36.05 ? 166 LYS A N   1 
ATOM   1225 C CA  . LYS A 1 166 ? -9.008  11.819  1.237   1.00 36.93 ? 166 LYS A CA  1 
ATOM   1226 C C   . LYS A 1 166 ? -8.066  11.545  0.058   1.00 36.10 ? 166 LYS A C   1 
ATOM   1227 O O   . LYS A 1 166 ? -7.592  12.464  -0.608  1.00 36.15 ? 166 LYS A O   1 
ATOM   1228 C CB  . LYS A 1 166 ? -8.302  11.457  2.550   1.00 38.56 ? 166 LYS A CB  1 
ATOM   1229 C CG  . LYS A 1 166 ? -7.002  12.208  2.819   1.00 42.70 ? 166 LYS A CG  1 
ATOM   1230 C CD  . LYS A 1 166 ? -7.240  13.565  3.470   1.00 46.61 ? 166 LYS A CD  1 
ATOM   1231 C CE  . LYS A 1 166 ? -7.765  13.413  4.899   1.00 48.80 ? 166 LYS A CE  1 
ATOM   1232 N NZ  . LYS A 1 166 ? -8.084  14.725  5.546   1.00 50.29 ? 166 LYS A NZ  1 
ATOM   1233 N N   . VAL A 1 167 ? -7.805  10.268  -0.195  1.00 35.26 ? 167 VAL A N   1 
ATOM   1234 C CA  . VAL A 1 167 ? -6.913  9.875   -1.279  1.00 34.47 ? 167 VAL A CA  1 
ATOM   1235 C C   . VAL A 1 167 ? -7.530  10.153  -2.645  1.00 32.49 ? 167 VAL A C   1 
ATOM   1236 O O   . VAL A 1 167 ? -6.814  10.351  -3.633  1.00 32.46 ? 167 VAL A O   1 
ATOM   1237 C CB  . VAL A 1 167 ? -6.543  8.365   -1.165  1.00 34.65 ? 167 VAL A CB  1 
ATOM   1238 C CG1 . VAL A 1 167 ? -5.691  7.938   -2.347  1.00 34.62 ? 167 VAL A CG1 1 
ATOM   1239 C CG2 . VAL A 1 167 ? -5.782  8.119   0.136   1.00 32.87 ? 167 VAL A CG2 1 
ATOM   1240 N N   . GLY A 1 168 ? -8.859  10.187  -2.686  1.00 31.48 ? 168 GLY A N   1 
ATOM   1241 C CA  . GLY A 1 168 ? -9.580  10.435  -3.929  1.00 31.97 ? 168 GLY A CA  1 
ATOM   1242 C C   . GLY A 1 168 ? -9.288  11.769  -4.598  1.00 32.60 ? 168 GLY A C   1 
ATOM   1243 O O   . GLY A 1 168 ? -9.667  11.991  -5.754  1.00 30.50 ? 168 GLY A O   1 
ATOM   1244 N N   . GLN A 1 169 ? -8.631  12.669  -3.874  1.00 32.92 ? 169 GLN A N   1 
ATOM   1245 C CA  . GLN A 1 169 ? -8.283  13.972  -4.433  1.00 34.53 ? 169 GLN A CA  1 
ATOM   1246 C C   . GLN A 1 169 ? -7.146  13.832  -5.449  1.00 35.31 ? 169 GLN A C   1 
ATOM   1247 O O   . GLN A 1 169 ? -7.014  14.651  -6.367  1.00 34.45 ? 169 GLN A O   1 
ATOM   1248 C CB  . GLN A 1 169 ? -7.860  14.936  -3.314  1.00 33.24 ? 169 GLN A CB  1 
ATOM   1249 C CG  . GLN A 1 169 ? -9.017  15.484  -2.490  1.00 32.98 ? 169 GLN A CG  1 
ATOM   1250 C CD  . GLN A 1 169 ? -10.016 16.240  -3.347  1.00 31.04 ? 169 GLN A CD  1 
ATOM   1251 O OE1 . GLN A 1 169 ? -9.658  17.187  -4.049  1.00 30.91 ? 169 GLN A OE1 1 
ATOM   1252 N NE2 . GLN A 1 169 ? -11.270 15.822  -3.302  1.00 31.43 ? 169 GLN A NE2 1 
ATOM   1253 N N   . LYS A 1 170 ? -6.338  12.785  -5.279  1.00 34.64 ? 170 LYS A N   1 
ATOM   1254 C CA  . LYS A 1 170 ? -5.193  12.516  -6.146  1.00 34.19 ? 170 LYS A CA  1 
ATOM   1255 C C   . LYS A 1 170 ? -5.340  11.230  -6.964  1.00 34.31 ? 170 LYS A C   1 
ATOM   1256 O O   . LYS A 1 170 ? -4.823  11.134  -8.078  1.00 31.27 ? 170 LYS A O   1 
ATOM   1257 C CB  . LYS A 1 170 ? -3.919  12.408  -5.303  1.00 36.48 ? 170 LYS A CB  1 
ATOM   1258 C CG  . LYS A 1 170 ? -3.485  13.684  -4.606  1.00 39.07 ? 170 LYS A CG  1 
ATOM   1259 C CD  . LYS A 1 170 ? -2.755  14.616  -5.551  1.00 42.64 ? 170 LYS A CD  1 
ATOM   1260 C CE  . LYS A 1 170 ? -2.257  15.845  -4.812  1.00 44.15 ? 170 LYS A CE  1 
ATOM   1261 N NZ  . LYS A 1 170 ? -1.428  15.457  -3.621  1.00 47.10 ? 170 LYS A NZ  1 
ATOM   1262 N N   . CYS A 1 171 ? -6.028  10.238  -6.401  1.00 33.66 ? 171 CYS A N   1 
ATOM   1263 C CA  . CYS A 1 171 ? -6.212  8.963   -7.090  1.00 33.53 ? 171 CYS A CA  1 
ATOM   1264 C C   . CYS A 1 171 ? -7.504  8.266   -6.668  1.00 34.11 ? 171 CYS A C   1 
ATOM   1265 O O   . CYS A 1 171 ? -7.724  8.019   -5.486  1.00 34.92 ? 171 CYS A O   1 
ATOM   1266 C CB  . CYS A 1 171 ? -5.007  8.048   -6.817  1.00 32.78 ? 171 CYS A CB  1 
ATOM   1267 S SG  . CYS A 1 171 ? -5.031  6.515   -7.772  1.00 31.95 ? 171 CYS A SG  1 
ATOM   1268 N N   . THR A 1 172 ? -8.353  7.943   -7.641  1.00 33.91 ? 172 THR A N   1 
ATOM   1269 C CA  . THR A 1 172 ? -9.626  7.292   -7.355  1.00 35.45 ? 172 THR A CA  1 
ATOM   1270 C C   . THR A 1 172 ? -9.666  5.823   -7.786  1.00 36.10 ? 172 THR A C   1 
ATOM   1271 O O   . THR A 1 172 ? -10.726 5.190   -7.763  1.00 37.05 ? 172 THR A O   1 
ATOM   1272 C CB  . THR A 1 172 ? -10.793 8.029   -8.042  1.00 35.54 ? 172 THR A CB  1 
ATOM   1273 O OG1 . THR A 1 172 ? -10.617 7.982   -9.463  1.00 37.26 ? 172 THR A OG1 1 
ATOM   1274 C CG2 . THR A 1 172 ? -10.842 9.476   -7.586  1.00 37.63 ? 172 THR A CG2 1 
ATOM   1275 N N   . ARG A 1 173 ? -8.521  5.293   -8.205  1.00 34.79 ? 173 ARG A N   1 
ATOM   1276 C CA  . ARG A 1 173 ? -8.435  3.894   -8.607  1.00 33.99 ? 173 ARG A CA  1 
ATOM   1277 C C   . ARG A 1 173 ? -7.883  3.182   -7.377  1.00 33.45 ? 173 ARG A C   1 
ATOM   1278 O O   . ARG A 1 173 ? -6.686  2.898   -7.293  1.00 30.95 ? 173 ARG A O   1 
ATOM   1279 C CB  . ARG A 1 173 ? -7.478  3.733   -9.788  1.00 35.66 ? 173 ARG A CB  1 
ATOM   1280 C CG  . ARG A 1 173 ? -7.775  4.667   -10.939 1.00 38.03 ? 173 ARG A CG  1 
ATOM   1281 C CD  . ARG A 1 173 ? -6.821  4.452   -12.088 1.00 39.61 ? 173 ARG A CD  1 
ATOM   1282 N NE  . ARG A 1 173 ? -6.919  5.534   -13.058 1.00 43.68 ? 173 ARG A NE  1 
ATOM   1283 C CZ  . ARG A 1 173 ? -6.258  6.685   -12.963 1.00 45.43 ? 173 ARG A CZ  1 
ATOM   1284 N NH1 . ARG A 1 173 ? -5.438  6.906   -11.940 1.00 42.18 ? 173 ARG A NH1 1 
ATOM   1285 N NH2 . ARG A 1 173 ? -6.425  7.622   -13.891 1.00 48.00 ? 173 ARG A NH2 1 
ATOM   1286 N N   . LEU A 1 174 ? -8.766  2.913   -6.419  1.00 31.17 ? 174 LEU A N   1 
ATOM   1287 C CA  . LEU A 1 174 ? -8.369  2.286   -5.170  1.00 31.70 ? 174 LEU A CA  1 
ATOM   1288 C C   . LEU A 1 174 ? -9.084  0.972   -4.900  1.00 31.38 ? 174 LEU A C   1 
ATOM   1289 O O   . LEU A 1 174 ? -10.298 0.948   -4.702  1.00 31.41 ? 174 LEU A O   1 
ATOM   1290 C CB  . LEU A 1 174 ? -8.613  3.275   -4.027  1.00 32.27 ? 174 LEU A CB  1 
ATOM   1291 C CG  . LEU A 1 174 ? -8.495  2.879   -2.551  1.00 36.14 ? 174 LEU A CG  1 
ATOM   1292 C CD1 . LEU A 1 174 ? -7.267  2.025   -2.296  1.00 36.88 ? 174 LEU A CD1 1 
ATOM   1293 C CD2 . LEU A 1 174 ? -8.441  4.165   -1.721  1.00 38.09 ? 174 LEU A CD2 1 
ATOM   1294 N N   . PHE A 1 175 ? -8.320  -0.117  -4.889  1.00 27.99 ? 175 PHE A N   1 
ATOM   1295 C CA  . PHE A 1 175 ? -8.876  -1.440  -4.639  1.00 28.29 ? 175 PHE A CA  1 
ATOM   1296 C C   . PHE A 1 175 ? -8.368  -2.028  -3.329  1.00 27.31 ? 175 PHE A C   1 
ATOM   1297 O O   . PHE A 1 175 ? -7.169  -2.267  -3.166  1.00 26.78 ? 175 PHE A O   1 
ATOM   1298 C CB  . PHE A 1 175 ? -8.531  -2.385  -5.798  1.00 27.61 ? 175 PHE A CB  1 
ATOM   1299 C CG  . PHE A 1 175 ? -8.843  -3.834  -5.518  1.00 28.73 ? 175 PHE A CG  1 
ATOM   1300 C CD1 . PHE A 1 175 ? -10.104 -4.220  -5.067  1.00 29.41 ? 175 PHE A CD1 1 
ATOM   1301 C CD2 . PHE A 1 175 ? -7.880  -4.818  -5.725  1.00 27.68 ? 175 PHE A CD2 1 
ATOM   1302 C CE1 . PHE A 1 175 ? -10.397 -5.562  -4.823  1.00 28.93 ? 175 PHE A CE1 1 
ATOM   1303 C CE2 . PHE A 1 175 ? -8.167  -6.162  -5.484  1.00 27.84 ? 175 PHE A CE2 1 
ATOM   1304 C CZ  . PHE A 1 175 ? -9.426  -6.531  -5.034  1.00 29.44 ? 175 PHE A CZ  1 
ATOM   1305 N N   . SER A 1 176 ? -9.289  -2.249  -2.395  1.00 25.55 ? 176 SER A N   1 
ATOM   1306 C CA  . SER A 1 176 ? -8.953  -2.832  -1.104  1.00 24.46 ? 176 SER A CA  1 
ATOM   1307 C C   . SER A 1 176 ? -9.437  -4.279  -1.118  1.00 24.21 ? 176 SER A C   1 
ATOM   1308 O O   . SER A 1 176 ? -10.539 -4.569  -1.570  1.00 24.52 ? 176 SER A O   1 
ATOM   1309 C CB  . SER A 1 176 ? -9.623  -2.057  0.026   1.00 26.54 ? 176 SER A CB  1 
ATOM   1310 O OG  . SER A 1 176 ? -11.018 -1.951  -0.185  1.00 29.34 ? 176 SER A OG  1 
ATOM   1311 N N   . VAL A 1 177 ? -8.609  -5.195  -0.636  1.00 21.99 ? 177 VAL A N   1 
ATOM   1312 C CA  . VAL A 1 177 ? -8.999  -6.593  -0.634  1.00 21.81 ? 177 VAL A CA  1 
ATOM   1313 C C   . VAL A 1 177 ? -10.025 -6.889  0.446   1.00 22.47 ? 177 VAL A C   1 
ATOM   1314 O O   . VAL A 1 177 ? -11.005 -7.609  0.221   1.00 22.60 ? 177 VAL A O   1 
ATOM   1315 C CB  . VAL A 1 177 ? -7.789  -7.511  -0.417  1.00 21.42 ? 177 VAL A CB  1 
ATOM   1316 C CG1 . VAL A 1 177 ? -8.253  -8.955  -0.332  1.00 22.02 ? 177 VAL A CG1 1 
ATOM   1317 C CG2 . VAL A 1 177 ? -6.795  -7.335  -1.567  1.00 21.37 ? 177 VAL A CG2 1 
ATOM   1318 N N   . ILE A 1 178 ? -9.790  -6.316  1.614   1.00 20.58 ? 178 ILE A N   1 
ATOM   1319 C CA  . ILE A 1 178 ? -10.648 -6.526  2.761   1.00 25.33 ? 178 ILE A CA  1 
ATOM   1320 C C   . ILE A 1 178 ? -11.036 -5.185  3.358   1.00 26.83 ? 178 ILE A C   1 
ATOM   1321 O O   . ILE A 1 178 ? -10.235 -4.250  3.376   1.00 26.60 ? 178 ILE A O   1 
ATOM   1322 C CB  . ILE A 1 178 ? -9.911  -7.348  3.840   1.00 23.48 ? 178 ILE A CB  1 
ATOM   1323 C CG1 . ILE A 1 178 ? -9.505  -8.709  3.267   1.00 25.19 ? 178 ILE A CG1 1 
ATOM   1324 C CG2 . ILE A 1 178 ? -10.777 -7.478  5.099   1.00 23.26 ? 178 ILE A CG2 1 
ATOM   1325 C CD1 . ILE A 1 178 ? -8.702  -9.556  4.243   1.00 23.75 ? 178 ILE A CD1 1 
ATOM   1326 N N   . ARG A 1 179 ? -12.274 -5.100  3.833   1.00 29.30 ? 179 ARG A N   1 
ATOM   1327 C CA  . ARG A 1 179 ? -12.776 -3.880  4.450   1.00 32.33 ? 179 ARG A CA  1 
ATOM   1328 C C   . ARG A 1 179 ? -13.207 -4.254  5.856   1.00 32.29 ? 179 ARG A C   1 
ATOM   1329 O O   . ARG A 1 179 ? -13.747 -5.346  6.079   1.00 31.43 ? 179 ARG A O   1 
ATOM   1330 C CB  . ARG A 1 179 ? -13.963 -3.339  3.648   1.00 36.29 ? 179 ARG A CB  1 
ATOM   1331 C CG  . ARG A 1 179 ? -13.652 -3.171  2.164   1.00 40.39 ? 179 ARG A CG  1 
ATOM   1332 C CD  . ARG A 1 179 ? -14.901 -2.917  1.331   1.00 45.57 ? 179 ARG A CD  1 
ATOM   1333 N NE  . ARG A 1 179 ? -14.605 -2.889  -0.102  1.00 50.62 ? 179 ARG A NE  1 
ATOM   1334 C CZ  . ARG A 1 179 ? -14.286 -3.957  -0.835  1.00 51.93 ? 179 ARG A CZ  1 
ATOM   1335 N NH1 . ARG A 1 179 ? -14.224 -5.160  -0.276  1.00 52.72 ? 179 ARG A NH1 1 
ATOM   1336 N NH2 . ARG A 1 179 ? -14.016 -3.821  -2.129  1.00 52.04 ? 179 ARG A NH2 1 
ATOM   1337 N N   . GLU A 1 180 ? -12.947 -3.367  6.808   1.00 33.56 ? 180 GLU A N   1 
ATOM   1338 C CA  . GLU A 1 180 ? -13.317 -3.626  8.189   1.00 35.33 ? 180 GLU A CA  1 
ATOM   1339 C C   . GLU A 1 180 ? -14.822 -3.858  8.314   1.00 37.08 ? 180 GLU A C   1 
ATOM   1340 O O   . GLU A 1 180 ? -15.629 -3.156  7.696   1.00 35.45 ? 180 GLU A O   1 
ATOM   1341 C CB  . GLU A 1 180 ? -12.894 -2.459  9.089   1.00 37.58 ? 180 GLU A CB  1 
ATOM   1342 C CG  . GLU A 1 180 ? -13.341 -2.613  10.538  1.00 37.98 ? 180 GLU A CG  1 
ATOM   1343 C CD  . GLU A 1 180 ? -12.746 -1.564  11.458  1.00 40.68 ? 180 GLU A CD  1 
ATOM   1344 O OE1 . GLU A 1 180 ? -12.686 -0.384  11.061  1.00 42.69 ? 180 GLU A OE1 1 
ATOM   1345 O OE2 . GLU A 1 180 ? -12.349 -1.916  12.588  1.00 42.89 ? 180 GLU A OE2 1 
ATOM   1346 N N   . HIS A 1 181 ? -15.187 -4.865  9.103   1.00 37.68 ? 181 HIS A N   1 
ATOM   1347 C CA  . HIS A 1 181 ? -16.589 -5.188  9.332   1.00 39.75 ? 181 HIS A CA  1 
ATOM   1348 C C   . HIS A 1 181 ? -17.275 -4.040  10.071  1.00 41.24 ? 181 HIS A C   1 
ATOM   1349 O O   . HIS A 1 181 ? -16.659 -3.353  10.897  1.00 39.61 ? 181 HIS A O   1 
ATOM   1350 C CB  . HIS A 1 181 ? -16.717 -6.449  10.190  1.00 39.54 ? 181 HIS A CB  1 
ATOM   1351 C CG  . HIS A 1 181 ? -16.516 -7.729  9.441   1.00 40.52 ? 181 HIS A CG  1 
ATOM   1352 N ND1 . HIS A 1 181 ? -15.843 -8.804  9.980   1.00 41.48 ? 181 HIS A ND1 1 
ATOM   1353 C CD2 . HIS A 1 181 ? -16.935 -8.124  8.216   1.00 40.80 ? 181 HIS A CD2 1 
ATOM   1354 C CE1 . HIS A 1 181 ? -15.857 -9.807  9.120   1.00 40.46 ? 181 HIS A CE1 1 
ATOM   1355 N NE2 . HIS A 1 181 ? -16.514 -9.420  8.042   1.00 40.87 ? 181 HIS A NE2 1 
ATOM   1356 N N   . HIS A 1 182 ? -18.552 -3.832  9.774   1.00 43.52 ? 182 HIS A N   1 
ATOM   1357 C CA  . HIS A 1 182 ? -19.305 -2.800  10.465  1.00 45.29 ? 182 HIS A CA  1 
ATOM   1358 C C   . HIS A 1 182 ? -19.913 -3.446  11.706  1.00 46.37 ? 182 HIS A C   1 
ATOM   1359 O O   . HIS A 1 182 ? -19.551 -3.020  12.828  1.00 47.02 ? 182 HIS A O   1 
ATOM   1360 C CB  . HIS A 1 182 ? -20.410 -2.228  9.573   1.00 45.61 ? 182 HIS A CB  1 
ATOM   1361 C CG  . HIS A 1 182 ? -19.901 -1.380  8.451   1.00 45.73 ? 182 HIS A CG  1 
ATOM   1362 N ND1 . HIS A 1 182 ? -19.451 -1.909  7.260   1.00 46.05 ? 182 HIS A ND1 1 
ATOM   1363 C CD2 . HIS A 1 182 ? -19.751 -0.038  8.348   1.00 45.68 ? 182 HIS A CD2 1 
ATOM   1364 C CE1 . HIS A 1 182 ? -19.045 -0.929  6.471   1.00 45.56 ? 182 HIS A CE1 1 
ATOM   1365 N NE2 . HIS A 1 182 ? -19.216 0.216   7.108   1.00 45.93 ? 182 HIS A NE2 1 
HETATM 1366 S S   . SO4 B 2 .   ? -2.412  6.113   7.013   1.00 41.34 ? 301 SO4 A S   1 
HETATM 1367 O O1  . SO4 B 2 .   ? -3.058  6.772   8.351   1.00 40.02 ? 301 SO4 A O1  1 
HETATM 1368 O O2  . SO4 B 2 .   ? -1.450  5.149   7.504   1.00 38.85 ? 301 SO4 A O2  1 
HETATM 1369 O O3  . SO4 B 2 .   ? -3.360  5.584   6.267   1.00 35.41 ? 301 SO4 A O3  1 
HETATM 1370 O O4  . SO4 B 2 .   ? -1.697  7.216   6.421   1.00 42.88 ? 301 SO4 A O4  1 
HETATM 1371 S S   . SO4 C 2 .   ? 10.478  2.090   6.178   1.00 57.80 ? 302 SO4 A S   1 
HETATM 1372 O O1  . SO4 C 2 .   ? 11.032  3.604   6.263   1.00 58.07 ? 302 SO4 A O1  1 
HETATM 1373 O O2  . SO4 C 2 .   ? 9.259   2.102   6.968   1.00 58.08 ? 302 SO4 A O2  1 
HETATM 1374 O O3  . SO4 C 2 .   ? 10.279  1.755   4.931   1.00 58.36 ? 302 SO4 A O3  1 
HETATM 1375 O O4  . SO4 C 2 .   ? 11.494  1.337   6.869   1.00 57.95 ? 302 SO4 A O4  1 
HETATM 1376 S S   . SO4 D 2 .   ? -12.668 -6.705  11.361  1.00 40.31 ? 303 SO4 A S   1 
HETATM 1377 O O1  . SO4 D 2 .   ? -14.008 -5.874  11.739  1.00 44.57 ? 303 SO4 A O1  1 
HETATM 1378 O O2  . SO4 D 2 .   ? -12.990 -8.086  11.630  1.00 43.68 ? 303 SO4 A O2  1 
HETATM 1379 O O3  . SO4 D 2 .   ? -12.361 -6.485  10.114  1.00 41.94 ? 303 SO4 A O3  1 
HETATM 1380 O O4  . SO4 D 2 .   ? -11.716 -6.255  12.336  1.00 40.83 ? 303 SO4 A O4  1 
HETATM 1381 N N1  . 9DA E 3 .   ? -3.634  -0.630  12.153  1.00 40.09 ? 201 9DA A N1  1 
HETATM 1382 C C2  . 9DA E 3 .   ? -2.601  -1.274  11.484  1.00 40.94 ? 201 9DA A C2  1 
HETATM 1383 N N3  . 9DA E 3 .   ? -1.718  -0.596  10.730  1.00 42.18 ? 201 9DA A N3  1 
HETATM 1384 C C4  . 9DA E 3 .   ? -1.950  0.761   10.701  1.00 42.15 ? 201 9DA A C4  1 
HETATM 1385 C C5  . 9DA E 3 .   ? -2.961  1.463   11.345  1.00 42.45 ? 201 9DA A C5  1 
HETATM 1386 C C6  . 9DA E 3 .   ? -3.905  0.753   12.149  1.00 41.79 ? 201 9DA A C6  1 
HETATM 1387 N N6  . 9DA E 3 .   ? -4.879  1.171   12.808  1.00 41.03 ? 201 9DA A N6  1 
HETATM 1388 N N7  . 9DA E 3 .   ? -2.822  2.803   11.044  1.00 42.28 ? 201 9DA A N7  1 
HETATM 1389 C C8  . 9DA E 3 .   ? -1.747  2.913   10.232  1.00 42.79 ? 201 9DA A C8  1 
HETATM 1390 C C9  . 9DA E 3 .   ? -1.177  1.681   9.994   1.00 43.27 ? 201 9DA A C9  1 
HETATM 1391 O O   . HOH F 4 .   ? 3.473   7.604   -16.268 1.00 20.96 ? 401 HOH A O   1 
HETATM 1392 O O   . HOH F 4 .   ? 2.484   -5.840  2.645   1.00 25.86 ? 402 HOH A O   1 
HETATM 1393 O O   . HOH F 4 .   ? 4.915   -5.616  4.829   1.00 24.79 ? 403 HOH A O   1 
HETATM 1394 O O   . HOH F 4 .   ? -6.522  0.059   -8.427  1.00 30.51 ? 404 HOH A O   1 
HETATM 1395 O O   . HOH F 4 .   ? -11.761 4.379   3.202   1.00 28.15 ? 405 HOH A O   1 
HETATM 1396 O O   . HOH F 4 .   ? 13.321  3.846   -4.171  1.00 21.95 ? 406 HOH A O   1 
HETATM 1397 O O   . HOH F 4 .   ? -6.176  -20.346 -0.671  1.00 24.16 ? 407 HOH A O   1 
HETATM 1398 O O   . HOH F 4 .   ? -10.069 4.858   5.579   1.00 35.58 ? 408 HOH A O   1 
HETATM 1399 O O   . HOH F 4 .   ? 9.226   -3.611  -14.293 1.00 24.97 ? 409 HOH A O   1 
HETATM 1400 O O   . HOH F 4 .   ? -1.407  -14.893 -8.468  1.00 30.68 ? 410 HOH A O   1 
HETATM 1401 O O   . HOH F 4 .   ? 4.056   2.161   -20.090 1.00 22.10 ? 411 HOH A O   1 
HETATM 1402 O O   . HOH F 4 .   ? -2.271  -22.477 4.946   1.00 19.69 ? 412 HOH A O   1 
HETATM 1403 O O   . HOH F 4 .   ? -14.083 7.772   2.207   1.00 34.55 ? 413 HOH A O   1 
HETATM 1404 O O   . HOH F 4 .   ? -0.376  -6.111  10.740  1.00 28.36 ? 414 HOH A O   1 
HETATM 1405 O O   . HOH F 4 .   ? -10.082 -25.787 -4.541  1.00 42.14 ? 415 HOH A O   1 
HETATM 1406 O O   . HOH F 4 .   ? 5.875   12.885  -16.530 1.00 38.13 ? 416 HOH A O   1 
HETATM 1407 O O   . HOH F 4 .   ? -3.236  -11.699 12.272  1.00 28.55 ? 417 HOH A O   1 
HETATM 1408 O O   . HOH F 4 .   ? 9.924   6.190   -17.001 1.00 25.51 ? 418 HOH A O   1 
HETATM 1409 O O   . HOH F 4 .   ? 18.260  7.160   -7.918  1.00 25.08 ? 419 HOH A O   1 
HETATM 1410 O O   . HOH F 4 .   ? 13.685  0.264   -4.166  1.00 35.66 ? 420 HOH A O   1 
HETATM 1411 O O   . HOH F 4 .   ? -12.529 -18.910 8.416   1.00 24.61 ? 421 HOH A O   1 
HETATM 1412 O O   . HOH F 4 .   ? 13.914  -1.397  -6.249  1.00 29.02 ? 422 HOH A O   1 
HETATM 1413 O O   . HOH F 4 .   ? -6.591  -23.866 2.579   1.00 24.70 ? 423 HOH A O   1 
HETATM 1414 O O   . HOH F 4 .   ? -2.655  5.695   3.780   1.00 35.58 ? 424 HOH A O   1 
HETATM 1415 O O   . HOH F 4 .   ? 1.447   -6.159  12.559  1.00 39.08 ? 426 HOH A O   1 
HETATM 1416 O O   . HOH F 4 .   ? -9.967  -18.304 8.930   1.00 25.00 ? 427 HOH A O   1 
HETATM 1417 O O   . HOH F 4 .   ? -9.919  7.084   -3.733  1.00 38.56 ? 428 HOH A O   1 
HETATM 1418 O O   . HOH F 4 .   ? -8.320  -14.414 14.217  1.00 37.64 ? 429 HOH A O   1 
HETATM 1419 O O   . HOH F 4 .   ? -8.491  12.368  -8.294  1.00 40.66 ? 430 HOH A O   1 
HETATM 1420 O O   . HOH F 4 .   ? 2.312   0.153   -19.440 1.00 29.96 ? 431 HOH A O   1 
HETATM 1421 O O   . HOH F 4 .   ? -11.257 -12.262 -7.892  1.00 43.77 ? 432 HOH A O   1 
HETATM 1422 O O   . HOH F 4 .   ? 1.426   -5.850  -16.018 1.00 36.09 ? 433 HOH A O   1 
HETATM 1423 O O   . HOH F 4 .   ? 17.570  0.718   1.357   1.00 40.69 ? 434 HOH A O   1 
HETATM 1424 O O   . HOH F 4 .   ? 4.669   -4.190  -17.730 1.00 32.89 ? 435 HOH A O   1 
HETATM 1425 O O   . HOH F 4 .   ? -14.502 -21.098 6.064   1.00 32.21 ? 436 HOH A O   1 
HETATM 1426 O O   . HOH F 4 .   ? -9.032  -9.372  17.334  1.00 35.28 ? 437 HOH A O   1 
HETATM 1427 O O   . HOH F 4 .   ? -11.789 -24.532 -1.908  1.00 33.93 ? 438 HOH A O   1 
HETATM 1428 O O   . HOH F 4 .   ? -0.807  -9.822  17.861  1.00 28.83 ? 439 HOH A O   1 
HETATM 1429 O O   . HOH F 4 .   ? 7.746   -7.140  -16.877 1.00 33.97 ? 440 HOH A O   1 
HETATM 1430 O O   . HOH F 4 .   ? -3.195  3.664   -17.122 1.00 40.79 ? 441 HOH A O   1 
HETATM 1431 O O   . HOH F 4 .   ? 19.967  9.145   -0.424  1.00 34.59 ? 442 HOH A O   1 
HETATM 1432 O O   . HOH F 4 .   ? -12.296 -1.472  -3.158  1.00 37.40 ? 443 HOH A O   1 
HETATM 1433 O O   . HOH F 4 .   ? 3.007   -8.139  -16.341 1.00 41.84 ? 444 HOH A O   1 
HETATM 1434 O O   . HOH F 4 .   ? -14.096 -7.666  3.254   1.00 39.10 ? 445 HOH A O   1 
HETATM 1435 O O   . HOH F 4 .   ? 8.250   -11.777 -11.998 1.00 43.05 ? 446 HOH A O   1 
HETATM 1436 O O   . HOH F 4 .   ? 22.247  8.023   -7.165  1.00 38.28 ? 447 HOH A O   1 
HETATM 1437 O O   . HOH F 4 .   ? 12.072  0.077   -15.469 1.00 28.12 ? 448 HOH A O   1 
HETATM 1438 O O   . HOH F 4 .   ? -11.194 -15.710 -2.228  1.00 36.20 ? 449 HOH A O   1 
HETATM 1439 O O   . HOH F 4 .   ? 6.106   0.959   8.053   1.00 34.72 ? 450 HOH A O   1 
HETATM 1440 O O   . HOH F 4 .   ? -11.862 -15.129 13.549  1.00 38.84 ? 451 HOH A O   1 
HETATM 1441 O O   . HOH F 4 .   ? 0.885   -5.276  8.241   1.00 36.87 ? 452 HOH A O   1 
HETATM 1442 O O   . HOH F 4 .   ? 9.385   -9.307  -10.485 1.00 36.12 ? 453 HOH A O   1 
HETATM 1443 O O   . HOH F 4 .   ? -4.010  13.455  -15.859 1.00 41.06 ? 454 HOH A O   1 
HETATM 1444 O O   . HOH F 4 .   ? -11.827 5.485   -4.895  1.00 42.57 ? 455 HOH A O   1 
HETATM 1445 O O   . HOH F 4 .   ? 7.308   15.801  -12.134 1.00 45.00 ? 456 HOH A O   1 
HETATM 1446 O O   . HOH F 4 .   ? -4.945  -17.188 14.711  1.00 39.51 ? 457 HOH A O   1 
HETATM 1447 O O   . HOH F 4 .   ? -6.147  -19.696 -3.009  1.00 31.66 ? 458 HOH A O   1 
HETATM 1448 O O   . HOH F 4 .   ? -8.408  -18.673 -3.376  1.00 40.42 ? 459 HOH A O   1 
HETATM 1449 O O   . HOH F 4 .   ? -8.839  -15.569 -4.079  1.00 34.00 ? 460 HOH A O   1 
HETATM 1450 O O   . HOH F 4 .   ? -14.598 -14.690 0.274   1.00 33.21 ? 461 HOH A O   1 
HETATM 1451 O O   . HOH F 4 .   ? -14.156 -10.664 4.103   1.00 32.75 ? 462 HOH A O   1 
HETATM 1452 O O   . HOH F 4 .   ? -16.183 -7.392  5.176   1.00 34.74 ? 463 HOH A O   1 
HETATM 1453 O O   . HOH F 4 .   ? -7.615  -17.367 13.544  0.50 49.84 ? 464 HOH A O   1 
HETATM 1454 O O   . HOH F 4 .   ? -6.959  -9.637  20.389  1.00 43.84 ? 465 HOH A O   1 
HETATM 1455 O O   . HOH F 4 .   ? 0.303   -20.193 10.473  1.00 34.37 ? 466 HOH A O   1 
HETATM 1456 O O   . HOH F 4 .   ? -10.195 -9.821  -7.897  1.00 41.21 ? 467 HOH A O   1 
HETATM 1457 O O   . HOH F 4 .   ? -11.656 -7.683  -8.430  1.00 36.04 ? 468 HOH A O   1 
HETATM 1458 O O   . HOH F 4 .   ? 4.977   -7.167  -17.650 1.00 37.27 ? 469 HOH A O   1 
HETATM 1459 O O   . HOH F 4 .   ? -14.569 5.213   2.997   1.00 37.58 ? 470 HOH A O   1 
HETATM 1460 O O   . HOH F 4 .   ? 9.387   1.442   -17.675 1.00 41.83 ? 471 HOH A O   1 
HETATM 1461 O O   . HOH F 4 .   ? 7.706   -9.983  -0.737  0.50 43.43 ? 472 HOH A O   1 
HETATM 1462 O O   . HOH F 4 .   ? 23.590  5.882   -6.652  1.00 37.32 ? 473 HOH A O   1 
HETATM 1463 O O   . HOH F 4 .   ? 23.245  11.042  -5.002  1.00 48.96 ? 474 HOH A O   1 
HETATM 1464 O O   . HOH F 4 .   ? 3.937   -5.654  8.396   1.00 39.96 ? 475 HOH A O   1 
HETATM 1465 O O   . HOH F 4 .   ? -8.890  -0.609  -9.705  1.00 33.99 ? 476 HOH A O   1 
HETATM 1466 O O   . HOH F 4 .   ? -3.066  -21.910 -3.065  1.00 34.99 ? 477 HOH A O   1 
HETATM 1467 O O   . HOH F 4 .   ? -3.907  -22.761 -0.843  1.00 36.52 ? 478 HOH A O   1 
HETATM 1468 O O   . HOH F 4 .   ? 23.849  8.486   -1.051  1.00 38.15 ? 479 HOH A O   1 
HETATM 1469 O O   . HOH F 4 .   ? 12.551  1.012   -11.497 1.00 35.31 ? 480 HOH A O   1 
HETATM 1470 O O   . HOH F 4 .   ? 5.203   5.542   -22.352 1.00 31.76 ? 481 HOH A O   1 
HETATM 1471 O O   . HOH F 4 .   ? -11.245 -0.482  -8.604  1.00 44.87 ? 482 HOH A O   1 
HETATM 1472 O O   . HOH F 4 .   ? -2.375  8.928   -20.097 1.00 40.72 ? 483 HOH A O   1 
HETATM 1473 O O   . HOH F 4 .   ? -11.930 -10.458 11.636  1.00 40.31 ? 484 HOH A O   1 
HETATM 1474 O O   . HOH F 4 .   ? -1.744  -24.747 3.249   1.00 32.83 ? 485 HOH A O   1 
HETATM 1475 O O   . HOH F 4 .   ? -0.601  -6.325  -14.505 1.00 33.77 ? 486 HOH A O   1 
HETATM 1476 O O   . HOH F 4 .   ? -12.292 -8.726  -1.989  1.00 40.36 ? 487 HOH A O   1 
HETATM 1477 O O   . HOH F 4 .   ? -13.523 -7.018  -3.197  1.00 39.07 ? 488 HOH A O   1 
HETATM 1478 O O   . HOH F 4 .   ? -14.869 -0.729  6.710   1.00 38.87 ? 489 HOH A O   1 
HETATM 1479 O O   . HOH F 4 .   ? -15.007 1.030   8.998   1.00 41.04 ? 490 HOH A O   1 
# 
loop_
_pdbx_poly_seq_scheme.asym_id 
_pdbx_poly_seq_scheme.entity_id 
_pdbx_poly_seq_scheme.seq_id 
_pdbx_poly_seq_scheme.mon_id 
_pdbx_poly_seq_scheme.ndb_seq_num 
_pdbx_poly_seq_scheme.pdb_seq_num 
_pdbx_poly_seq_scheme.auth_seq_num 
_pdbx_poly_seq_scheme.pdb_mon_id 
_pdbx_poly_seq_scheme.auth_mon_id 
_pdbx_poly_seq_scheme.pdb_strand_id 
_pdbx_poly_seq_scheme.pdb_ins_code 
_pdbx_poly_seq_scheme.hetero 
A 1 1   MET 1   1   ?   ?   ?   A . n 
A 1 2   THR 2   2   2   THR THR A . n 
A 1 3   MET 3   3   3   MET MET A . n 
A 1 4   SER 4   4   4   SER SER A . n 
A 1 5   VAL 5   5   5   VAL VAL A . n 
A 1 6   ALA 6   6   6   ALA ALA A . n 
A 1 7   ASP 7   7   7   ASP ASP A . n 
A 1 8   ALA 8   8   8   ALA ALA A . n 
A 1 9   HIS 9   9   9   HIS HIS A . n 
A 1 10  ALA 10  10  10  ALA ALA A . n 
A 1 11  LEU 11  11  11  LEU LEU A . n 
A 1 12  ILE 12  12  12  ILE ILE A . n 
A 1 13  LYS 13  13  13  LYS LYS A . n 
A 1 14  THR 14  14  14  THR THR A . n 
A 1 15  ILE 15  15  15  ILE ILE A . n 
A 1 16  PRO 16  16  16  PRO PRO A . n 
A 1 17  ASP 17  17  17  ASP ASP A . n 
A 1 18  PHE 18  18  18  PHE PHE A . n 
A 1 19  PRO 19  19  19  PRO PRO A . n 
A 1 20  THR 20  20  20  THR THR A . n 
A 1 21  LYS 21  21  21  LYS LYS A . n 
A 1 22  GLY 22  22  22  GLY GLY A . n 
A 1 23  ILE 23  23  23  ILE ILE A . n 
A 1 24  ALA 24  24  24  ALA ALA A . n 
A 1 25  PHE 25  25  25  PHE PHE A . n 
A 1 26  LYS 26  26  26  LYS LYS A . n 
A 1 27  ASP 27  27  27  ASP ASP A . n 
A 1 28  LEU 28  28  28  LEU LEU A . n 
A 1 29  SER 29  29  29  SER SER A . n 
A 1 30  ASP 30  30  30  ASP ASP A . n 
A 1 31  ILE 31  31  31  ILE ILE A . n 
A 1 32  LEU 32  32  32  LEU LEU A . n 
A 1 33  SER 33  33  33  SER SER A . n 
A 1 34  THR 34  34  34  THR THR A . n 
A 1 35  PRO 35  35  35  PRO PRO A . n 
A 1 36  ALA 36  36  36  ALA ALA A . n 
A 1 37  ALA 37  37  37  ALA ALA A . n 
A 1 38  LEU 38  38  38  LEU LEU A . n 
A 1 39  ASP 39  39  39  ASP ASP A . n 
A 1 40  ALA 40  40  40  ALA ALA A . n 
A 1 41  VAL 41  41  41  VAL VAL A . n 
A 1 42  ARG 42  42  42  ARG ARG A . n 
A 1 43  LYS 43  43  43  LYS LYS A . n 
A 1 44  GLU 44  44  44  GLU GLU A . n 
A 1 45  VAL 45  45  45  VAL VAL A . n 
A 1 46  THR 46  46  46  THR THR A . n 
A 1 47  ALA 47  47  47  ALA ALA A . n 
A 1 48  HIS 48  48  48  HIS HIS A . n 
A 1 49  TYR 49  49  49  TYR TYR A . n 
A 1 50  LYS 50  50  50  LYS LYS A . n 
A 1 51  ASP 51  51  51  ASP ASP A . n 
A 1 52  VAL 52  52  52  VAL VAL A . n 
A 1 53  PRO 53  53  53  PRO PRO A . n 
A 1 54  ILE 54  54  54  ILE ILE A . n 
A 1 55  THR 55  55  55  THR THR A . n 
A 1 56  LYS 56  56  56  LYS LYS A . n 
A 1 57  VAL 57  57  57  VAL VAL A . n 
A 1 58  VAL 58  58  58  VAL VAL A . n 
A 1 59  GLY 59  59  59  GLY GLY A . n 
A 1 60  ILE 60  60  60  ILE ILE A . n 
A 1 61  GLU 61  61  61  GLU GLU A . n 
A 1 62  SER 62  62  62  SER SER A . n 
A 1 63  ARG 63  63  63  ARG ARG A . n 
A 1 64  GLY 64  64  64  GLY GLY A . n 
A 1 65  PHE 65  65  65  PHE PHE A . n 
A 1 66  ILE 66  66  66  ILE ILE A . n 
A 1 67  LEU 67  67  67  LEU LEU A . n 
A 1 68  GLY 68  68  68  GLY GLY A . n 
A 1 69  GLY 69  69  69  GLY GLY A . n 
A 1 70  ILE 70  70  70  ILE ILE A . n 
A 1 71  VAL 71  71  71  VAL VAL A . n 
A 1 72  ALA 72  72  72  ALA ALA A . n 
A 1 73  ASN 73  73  73  ASN ASN A . n 
A 1 74  SER 74  74  74  SER SER A . n 
A 1 75  LEU 75  75  75  LEU LEU A . n 
A 1 76  GLY 76  76  76  GLY GLY A . n 
A 1 77  VAL 77  77  77  VAL VAL A . n 
A 1 78  GLY 78  78  78  GLY GLY A . n 
A 1 79  PHE 79  79  79  PHE PHE A . n 
A 1 80  VAL 80  80  80  VAL VAL A . n 
A 1 81  ALA 81  81  81  ALA ALA A . n 
A 1 82  LEU 82  82  82  LEU LEU A . n 
A 1 83  ARG 83  83  83  ARG ARG A . n 
A 1 84  LYS 84  84  84  LYS LYS A . n 
A 1 85  ALA 85  85  85  ALA ALA A . n 
A 1 86  GLY 86  86  86  GLY GLY A . n 
A 1 87  LYS 87  87  87  LYS LYS A . n 
A 1 88  LEU 88  88  88  LEU LEU A . n 
A 1 89  PRO 89  89  89  PRO PRO A . n 
A 1 90  GLY 90  90  90  GLY GLY A . n 
A 1 91  ASP 91  91  91  ASP ASP A . n 
A 1 92  VAL 92  92  92  VAL VAL A . n 
A 1 93  CYS 93  93  93  CYS CYS A . n 
A 1 94  LYS 94  94  94  LYS LYS A . n 
A 1 95  CYS 95  95  95  CYS CYS A . n 
A 1 96  THR 96  96  96  THR THR A . n 
A 1 97  PHE 97  97  97  PHE PHE A . n 
A 1 98  ASP 98  98  98  ASP ASP A . n 
A 1 99  MET 99  99  99  MET MET A . n 
A 1 100 GLU 100 100 100 GLU GLU A . n 
A 1 101 TYR 101 101 101 TYR TYR A . n 
A 1 102 GLN 102 102 102 GLN ALA A . n 
A 1 103 LYS 103 103 103 LYS ALA A . n 
A 1 104 GLY 104 104 104 GLY GLY A . n 
A 1 105 VAL 105 105 105 VAL ALA A . n 
A 1 106 THR 106 106 106 THR THR A . n 
A 1 107 ILE 107 107 107 ILE ILE A . n 
A 1 108 GLU 108 108 108 GLU GLU A . n 
A 1 109 VAL 109 109 109 VAL VAL A . n 
A 1 110 GLN 110 110 110 GLN GLN A . n 
A 1 111 LYS 111 111 111 LYS LYS A . n 
A 1 112 ARG 112 112 112 ARG ARG A . n 
A 1 113 GLN 113 113 113 GLN GLN A . n 
A 1 114 LEU 114 114 114 LEU LEU A . n 
A 1 115 GLY 115 115 115 GLY GLY A . n 
A 1 116 PRO 116 116 116 PRO PRO A . n 
A 1 117 HIS 117 117 117 HIS HIS A . n 
A 1 118 ASP 118 118 118 ASP ASP A . n 
A 1 119 VAL 119 119 119 VAL VAL A . n 
A 1 120 VAL 120 120 120 VAL VAL A . n 
A 1 121 LEU 121 121 121 LEU LEU A . n 
A 1 122 LEU 122 122 122 LEU LEU A . n 
A 1 123 HIS 123 123 123 HIS HIS A . n 
A 1 124 ASP 124 124 124 ASP ASP A . n 
A 1 125 ASP 125 125 125 ASP ASP A . n 
A 1 126 VAL 126 126 126 VAL VAL A . n 
A 1 127 LEU 127 127 127 LEU LEU A . n 
A 1 128 ALA 128 128 128 ALA ALA A . n 
A 1 129 THR 129 129 129 THR THR A . n 
A 1 130 GLY 130 130 130 GLY GLY A . n 
A 1 131 GLY 131 131 131 GLY GLY A . n 
A 1 132 THR 132 132 132 THR THR A . n 
A 1 133 LEU 133 133 133 LEU LEU A . n 
A 1 134 LEU 134 134 134 LEU LEU A . n 
A 1 135 ALA 135 135 135 ALA ALA A . n 
A 1 136 ALA 136 136 136 ALA ALA A . n 
A 1 137 ILE 137 137 137 ILE ILE A . n 
A 1 138 GLU 138 138 138 GLU GLU A . n 
A 1 139 LEU 139 139 139 LEU LEU A . n 
A 1 140 CYS 140 140 140 CYS CYS A . n 
A 1 141 GLU 141 141 141 GLU GLU A . n 
A 1 142 THR 142 142 142 THR THR A . n 
A 1 143 ALA 143 143 143 ALA ALA A . n 
A 1 144 GLY 144 144 144 GLY GLY A . n 
A 1 145 VAL 145 145 145 VAL VAL A . n 
A 1 146 LYS 146 146 146 LYS LYS A . n 
A 1 147 PRO 147 147 147 PRO PRO A . n 
A 1 148 GLU 148 148 148 GLU GLU A . n 
A 1 149 ASN 149 149 149 ASN ASN A . n 
A 1 150 ILE 150 150 150 ILE ILE A . n 
A 1 151 TYR 151 151 151 TYR TYR A . n 
A 1 152 ILE 152 152 152 ILE ILE A . n 
A 1 153 ASN 153 153 153 ASN ASN A . n 
A 1 154 VAL 154 154 154 VAL VAL A . n 
A 1 155 LEU 155 155 155 LEU LEU A . n 
A 1 156 TYR 156 156 156 TYR TYR A . n 
A 1 157 GLU 157 157 157 GLU GLU A . n 
A 1 158 ILE 158 158 158 ILE ILE A . n 
A 1 159 GLU 159 159 159 GLU GLU A . n 
A 1 160 ALA 160 160 160 ALA ALA A . n 
A 1 161 LEU 161 161 161 LEU LEU A . n 
A 1 162 LYS 162 162 162 LYS LYS A . n 
A 1 163 GLY 163 163 163 GLY GLY A . n 
A 1 164 ARG 164 164 164 ARG ARG A . n 
A 1 165 GLU 165 165 165 GLU GLU A . n 
A 1 166 LYS 166 166 166 LYS LYS A . n 
A 1 167 VAL 167 167 167 VAL VAL A . n 
A 1 168 GLY 168 168 168 GLY GLY A . n 
A 1 169 GLN 169 169 169 GLN GLN A . n 
A 1 170 LYS 170 170 170 LYS LYS A . n 
A 1 171 CYS 171 171 171 CYS CYS A . n 
A 1 172 THR 172 172 172 THR THR A . n 
A 1 173 ARG 173 173 173 ARG ARG A . n 
A 1 174 LEU 174 174 174 LEU LEU A . n 
A 1 175 PHE 175 175 175 PHE PHE A . n 
A 1 176 SER 176 176 176 SER SER A . n 
A 1 177 VAL 177 177 177 VAL VAL A . n 
A 1 178 ILE 178 178 178 ILE ILE A . n 
A 1 179 ARG 179 179 179 ARG ARG A . n 
A 1 180 GLU 180 180 180 GLU GLU A . n 
A 1 181 HIS 181 181 181 HIS HIS A . n 
A 1 182 HIS 182 182 182 HIS HIS A . n 
A 1 183 HIS 183 183 ?   ?   ?   A . n 
A 1 184 HIS 184 184 ?   ?   ?   A . n 
A 1 185 HIS 185 185 ?   ?   ?   A . n 
A 1 186 HIS 186 186 ?   ?   ?   A . n 
# 
loop_
_pdbx_nonpoly_scheme.asym_id 
_pdbx_nonpoly_scheme.entity_id 
_pdbx_nonpoly_scheme.mon_id 
_pdbx_nonpoly_scheme.ndb_seq_num 
_pdbx_nonpoly_scheme.pdb_seq_num 
_pdbx_nonpoly_scheme.auth_seq_num 
_pdbx_nonpoly_scheme.pdb_mon_id 
_pdbx_nonpoly_scheme.auth_mon_id 
_pdbx_nonpoly_scheme.pdb_strand_id 
_pdbx_nonpoly_scheme.pdb_ins_code 
B 2 SO4 1  301 301 SO4 SO4 A . 
C 2 SO4 1  302 302 SO4 SO4 A . 
D 2 SO4 1  303 303 SO4 SO4 A . 
E 3 9DA 1  201 201 9DA 9DA A . 
F 4 HOH 1  401 401 HOH HOH A . 
F 4 HOH 2  402 402 HOH HOH A . 
F 4 HOH 3  403 403 HOH HOH A . 
F 4 HOH 4  404 404 HOH HOH A . 
F 4 HOH 5  405 405 HOH HOH A . 
F 4 HOH 6  406 406 HOH HOH A . 
F 4 HOH 7  407 407 HOH HOH A . 
F 4 HOH 8  408 408 HOH HOH A . 
F 4 HOH 9  409 409 HOH HOH A . 
F 4 HOH 10 410 410 HOH HOH A . 
F 4 HOH 11 411 411 HOH HOH A . 
F 4 HOH 12 412 412 HOH HOH A . 
F 4 HOH 13 413 413 HOH HOH A . 
F 4 HOH 14 414 414 HOH HOH A . 
F 4 HOH 15 415 415 HOH HOH A . 
F 4 HOH 16 416 416 HOH HOH A . 
F 4 HOH 17 417 417 HOH HOH A . 
F 4 HOH 18 418 418 HOH HOH A . 
F 4 HOH 19 419 419 HOH HOH A . 
F 4 HOH 20 420 420 HOH HOH A . 
F 4 HOH 21 421 421 HOH HOH A . 
F 4 HOH 22 422 422 HOH HOH A . 
F 4 HOH 23 423 423 HOH HOH A . 
F 4 HOH 24 424 424 HOH HOH A . 
F 4 HOH 25 426 426 HOH HOH A . 
F 4 HOH 26 427 427 HOH HOH A . 
F 4 HOH 27 428 428 HOH HOH A . 
F 4 HOH 28 429 429 HOH HOH A . 
F 4 HOH 29 430 430 HOH HOH A . 
F 4 HOH 30 431 431 HOH HOH A . 
F 4 HOH 31 432 432 HOH HOH A . 
F 4 HOH 32 433 433 HOH HOH A . 
F 4 HOH 33 434 434 HOH HOH A . 
F 4 HOH 34 435 435 HOH HOH A . 
F 4 HOH 35 436 436 HOH HOH A . 
F 4 HOH 36 437 437 HOH HOH A . 
F 4 HOH 37 438 438 HOH HOH A . 
F 4 HOH 38 439 439 HOH HOH A . 
F 4 HOH 39 440 440 HOH HOH A . 
F 4 HOH 40 441 441 HOH HOH A . 
F 4 HOH 41 442 442 HOH HOH A . 
F 4 HOH 42 443 443 HOH HOH A . 
F 4 HOH 43 444 444 HOH HOH A . 
F 4 HOH 44 445 445 HOH HOH A . 
F 4 HOH 45 446 446 HOH HOH A . 
F 4 HOH 46 447 447 HOH HOH A . 
F 4 HOH 47 448 448 HOH HOH A . 
F 4 HOH 48 449 449 HOH HOH A . 
F 4 HOH 49 450 450 HOH HOH A . 
F 4 HOH 50 451 451 HOH HOH A . 
F 4 HOH 51 452 452 HOH HOH A . 
F 4 HOH 52 453 453 HOH HOH A . 
F 4 HOH 53 454 454 HOH HOH A . 
F 4 HOH 54 455 455 HOH HOH A . 
F 4 HOH 55 456 456 HOH HOH A . 
F 4 HOH 56 457 457 HOH HOH A . 
F 4 HOH 57 458 458 HOH HOH A . 
F 4 HOH 58 459 459 HOH HOH A . 
F 4 HOH 59 460 460 HOH HOH A . 
F 4 HOH 60 461 461 HOH HOH A . 
F 4 HOH 61 462 462 HOH HOH A . 
F 4 HOH 62 463 463 HOH HOH A . 
F 4 HOH 63 464 464 HOH HOH A . 
F 4 HOH 64 465 465 HOH HOH A . 
F 4 HOH 65 466 466 HOH HOH A . 
F 4 HOH 66 467 467 HOH HOH A . 
F 4 HOH 67 468 468 HOH HOH A . 
F 4 HOH 68 469 469 HOH HOH A . 
F 4 HOH 69 470 470 HOH HOH A . 
F 4 HOH 70 471 471 HOH HOH A . 
F 4 HOH 71 472 472 HOH HOH A . 
F 4 HOH 72 473 473 HOH HOH A . 
F 4 HOH 73 474 474 HOH HOH A . 
F 4 HOH 74 475 475 HOH HOH A . 
F 4 HOH 75 476 476 HOH HOH A . 
F 4 HOH 76 477 477 HOH HOH A . 
F 4 HOH 77 478 478 HOH HOH A . 
F 4 HOH 78 479 479 HOH HOH A . 
F 4 HOH 79 480 480 HOH HOH A . 
F 4 HOH 80 481 481 HOH HOH A . 
F 4 HOH 81 482 482 HOH HOH A . 
F 4 HOH 82 483 483 HOH HOH A . 
F 4 HOH 83 484 484 HOH HOH A . 
F 4 HOH 84 485 485 HOH HOH A . 
F 4 HOH 85 486 486 HOH HOH A . 
F 4 HOH 86 487 487 HOH HOH A . 
F 4 HOH 87 488 488 HOH HOH A . 
F 4 HOH 88 489 489 HOH HOH A . 
F 4 HOH 89 490 490 HOH HOH A . 
# 
_pdbx_struct_assembly.id                   1 
_pdbx_struct_assembly.details              author_and_software_defined_assembly 
_pdbx_struct_assembly.method_details       PISA,PQS 
_pdbx_struct_assembly.oligomeric_details   dimeric 
_pdbx_struct_assembly.oligomeric_count     2 
# 
_pdbx_struct_assembly_gen.assembly_id       1 
_pdbx_struct_assembly_gen.oper_expression   1,2 
_pdbx_struct_assembly_gen.asym_id_list      A,B,C,D,E,F 
# 
loop_
_pdbx_struct_assembly_prop.biol_id 
_pdbx_struct_assembly_prop.type 
_pdbx_struct_assembly_prop.value 
_pdbx_struct_assembly_prop.details 
1 'ABSA (A^2)' 4750  ? 
1 MORE         -111  ? 
1 'SSA (A^2)'  14650 ? 
# 
loop_
_pdbx_struct_oper_list.id 
_pdbx_struct_oper_list.type 
_pdbx_struct_oper_list.name 
_pdbx_struct_oper_list.symmetry_operation 
_pdbx_struct_oper_list.matrix[1][1] 
_pdbx_struct_oper_list.matrix[1][2] 
_pdbx_struct_oper_list.matrix[1][3] 
_pdbx_struct_oper_list.vector[1] 
_pdbx_struct_oper_list.matrix[2][1] 
_pdbx_struct_oper_list.matrix[2][2] 
_pdbx_struct_oper_list.matrix[2][3] 
_pdbx_struct_oper_list.vector[2] 
_pdbx_struct_oper_list.matrix[3][1] 
_pdbx_struct_oper_list.matrix[3][2] 
_pdbx_struct_oper_list.matrix[3][3] 
_pdbx_struct_oper_list.vector[3] 
1 'identity operation'         1_555 x,y,z             1.0000000000  0.0000000000 0.0000000000 0.0000000000  0.0000000000 1.0000000000  0.0000000000 0.0000000000   0.0000000000 0.0000000000 1.0000000000  0.0000000000 
2 'crystal symmetry operation' 5_675 x-y+1,-y+2,-z+2/3 -0.8548971118 0.3677895285 0.3658986074 18.1009457126 0.3677895285 -0.0677708834 0.9274362351 -12.7248601604 0.3658986074 0.9274362351 -0.0773320048 5.6124040241 
# 
loop_
_pdbx_struct_special_symmetry.id 
_pdbx_struct_special_symmetry.PDB_model_num 
_pdbx_struct_special_symmetry.auth_asym_id 
_pdbx_struct_special_symmetry.auth_comp_id 
_pdbx_struct_special_symmetry.auth_seq_id 
_pdbx_struct_special_symmetry.PDB_ins_code 
_pdbx_struct_special_symmetry.label_asym_id 
_pdbx_struct_special_symmetry.label_comp_id 
_pdbx_struct_special_symmetry.label_seq_id 
1 1 A HOH 464 ? F HOH . 
2 1 A HOH 472 ? F HOH . 
# 
loop_
_pdbx_audit_revision_history.ordinal 
_pdbx_audit_revision_history.data_content_type 
_pdbx_audit_revision_history.major_revision 
_pdbx_audit_revision_history.minor_revision 
_pdbx_audit_revision_history.revision_date 
1 'Structure model' 1 0 2002-11-27 
2 'Structure model' 1 1 2008-04-28 
3 'Structure model' 1 2 2011-07-13 
4 'Structure model' 1 3 2023-08-16 
# 
_pdbx_audit_revision_details.ordinal             1 
_pdbx_audit_revision_details.revision_ordinal    1 
_pdbx_audit_revision_details.data_content_type   'Structure model' 
_pdbx_audit_revision_details.provider            repository 
_pdbx_audit_revision_details.type                'Initial release' 
_pdbx_audit_revision_details.description         ? 
_pdbx_audit_revision_details.details             ? 
# 
loop_
_pdbx_audit_revision_group.ordinal 
_pdbx_audit_revision_group.revision_ordinal 
_pdbx_audit_revision_group.data_content_type 
_pdbx_audit_revision_group.group 
1 2 'Structure model' 'Version format compliance' 
2 3 'Structure model' 'Derived calculations'      
3 3 'Structure model' 'Version format compliance' 
4 4 'Structure model' 'Data collection'           
5 4 'Structure model' 'Database references'       
6 4 'Structure model' 'Derived calculations'      
7 4 'Structure model' 'Refinement description'    
# 
loop_
_pdbx_audit_revision_category.ordinal 
_pdbx_audit_revision_category.revision_ordinal 
_pdbx_audit_revision_category.data_content_type 
_pdbx_audit_revision_category.category 
1 4 'Structure model' chem_comp_atom                
2 4 'Structure model' chem_comp_bond                
3 4 'Structure model' database_2                    
4 4 'Structure model' pdbx_initial_refinement_model 
5 4 'Structure model' struct_ref_seq_dif            
6 4 'Structure model' struct_site                   
# 
loop_
_pdbx_audit_revision_item.ordinal 
_pdbx_audit_revision_item.revision_ordinal 
_pdbx_audit_revision_item.data_content_type 
_pdbx_audit_revision_item.item 
1 4 'Structure model' '_database_2.pdbx_DOI'                
2 4 'Structure model' '_database_2.pdbx_database_accession' 
3 4 'Structure model' '_struct_ref_seq_dif.details'         
4 4 'Structure model' '_struct_site.pdbx_auth_asym_id'      
5 4 'Structure model' '_struct_site.pdbx_auth_comp_id'      
6 4 'Structure model' '_struct_site.pdbx_auth_seq_id'       
# 
loop_
_software.name 
_software.classification 
_software.version 
_software.citation_id 
_software.pdbx_ordinal 
DENZO     'data reduction' .   ? 1 
SCALEPACK 'data scaling'   .   ? 2 
AMoRE     phasing          .   ? 3 
CNS       refinement       1.0 ? 4 
# 
loop_
_pdbx_validate_torsion.id 
_pdbx_validate_torsion.PDB_model_num 
_pdbx_validate_torsion.auth_comp_id 
_pdbx_validate_torsion.auth_asym_id 
_pdbx_validate_torsion.auth_seq_id 
_pdbx_validate_torsion.PDB_ins_code 
_pdbx_validate_torsion.label_alt_id 
_pdbx_validate_torsion.phi 
_pdbx_validate_torsion.psi 
1 1 GLU A 61  ? ? 64.82   171.43  
2 1 ALA A 128 ? ? -107.77 -100.29 
3 1 LYS A 162 ? ? 38.60   43.78   
# 
loop_
_pdbx_unobs_or_zero_occ_atoms.id 
_pdbx_unobs_or_zero_occ_atoms.PDB_model_num 
_pdbx_unobs_or_zero_occ_atoms.polymer_flag 
_pdbx_unobs_or_zero_occ_atoms.occupancy_flag 
_pdbx_unobs_or_zero_occ_atoms.auth_asym_id 
_pdbx_unobs_or_zero_occ_atoms.auth_comp_id 
_pdbx_unobs_or_zero_occ_atoms.auth_seq_id 
_pdbx_unobs_or_zero_occ_atoms.PDB_ins_code 
_pdbx_unobs_or_zero_occ_atoms.auth_atom_id 
_pdbx_unobs_or_zero_occ_atoms.label_alt_id 
_pdbx_unobs_or_zero_occ_atoms.label_asym_id 
_pdbx_unobs_or_zero_occ_atoms.label_comp_id 
_pdbx_unobs_or_zero_occ_atoms.label_seq_id 
_pdbx_unobs_or_zero_occ_atoms.label_atom_id 
1  1 Y 1 A GLN 102 ? CG  ? A GLN 102 CG  
2  1 Y 1 A GLN 102 ? CD  ? A GLN 102 CD  
3  1 Y 1 A GLN 102 ? OE1 ? A GLN 102 OE1 
4  1 Y 1 A GLN 102 ? NE2 ? A GLN 102 NE2 
5  1 Y 1 A LYS 103 ? CG  ? A LYS 103 CG  
6  1 Y 1 A LYS 103 ? CD  ? A LYS 103 CD  
7  1 Y 1 A LYS 103 ? CE  ? A LYS 103 CE  
8  1 Y 1 A LYS 103 ? NZ  ? A LYS 103 NZ  
9  1 Y 1 A VAL 105 ? CG1 ? A VAL 105 CG1 
10 1 Y 1 A VAL 105 ? CG2 ? A VAL 105 CG2 
# 
loop_
_pdbx_unobs_or_zero_occ_residues.id 
_pdbx_unobs_or_zero_occ_residues.PDB_model_num 
_pdbx_unobs_or_zero_occ_residues.polymer_flag 
_pdbx_unobs_or_zero_occ_residues.occupancy_flag 
_pdbx_unobs_or_zero_occ_residues.auth_asym_id 
_pdbx_unobs_or_zero_occ_residues.auth_comp_id 
_pdbx_unobs_or_zero_occ_residues.auth_seq_id 
_pdbx_unobs_or_zero_occ_residues.PDB_ins_code 
_pdbx_unobs_or_zero_occ_residues.label_asym_id 
_pdbx_unobs_or_zero_occ_residues.label_comp_id 
_pdbx_unobs_or_zero_occ_residues.label_seq_id 
1 1 Y 1 A MET 1   ? A MET 1   
2 1 Y 1 A HIS 183 ? A HIS 183 
3 1 Y 1 A HIS 184 ? A HIS 184 
4 1 Y 1 A HIS 185 ? A HIS 185 
5 1 Y 1 A HIS 186 ? A HIS 186 
# 
loop_
_chem_comp_atom.comp_id 
_chem_comp_atom.atom_id 
_chem_comp_atom.type_symbol 
_chem_comp_atom.pdbx_aromatic_flag 
_chem_comp_atom.pdbx_stereo_config 
_chem_comp_atom.pdbx_ordinal 
9DA N1   N Y N 1   
9DA C2   C Y N 2   
9DA N3   N Y N 3   
9DA C4   C Y N 4   
9DA C5   C Y N 5   
9DA C6   C Y N 6   
9DA N6   N N N 7   
9DA N7   N Y N 8   
9DA C8   C Y N 9   
9DA C9   C Y N 10  
9DA HC2  H N N 11  
9DA HN61 H N N 12  
9DA HN62 H N N 13  
9DA HN7  H N N 14  
9DA HC8  H N N 15  
9DA HC9  H N N 16  
ALA N    N N N 17  
ALA CA   C N S 18  
ALA C    C N N 19  
ALA O    O N N 20  
ALA CB   C N N 21  
ALA OXT  O N N 22  
ALA H    H N N 23  
ALA H2   H N N 24  
ALA HA   H N N 25  
ALA HB1  H N N 26  
ALA HB2  H N N 27  
ALA HB3  H N N 28  
ALA HXT  H N N 29  
ARG N    N N N 30  
ARG CA   C N S 31  
ARG C    C N N 32  
ARG O    O N N 33  
ARG CB   C N N 34  
ARG CG   C N N 35  
ARG CD   C N N 36  
ARG NE   N N N 37  
ARG CZ   C N N 38  
ARG NH1  N N N 39  
ARG NH2  N N N 40  
ARG OXT  O N N 41  
ARG H    H N N 42  
ARG H2   H N N 43  
ARG HA   H N N 44  
ARG HB2  H N N 45  
ARG HB3  H N N 46  
ARG HG2  H N N 47  
ARG HG3  H N N 48  
ARG HD2  H N N 49  
ARG HD3  H N N 50  
ARG HE   H N N 51  
ARG HH11 H N N 52  
ARG HH12 H N N 53  
ARG HH21 H N N 54  
ARG HH22 H N N 55  
ARG HXT  H N N 56  
ASN N    N N N 57  
ASN CA   C N S 58  
ASN C    C N N 59  
ASN O    O N N 60  
ASN CB   C N N 61  
ASN CG   C N N 62  
ASN OD1  O N N 63  
ASN ND2  N N N 64  
ASN OXT  O N N 65  
ASN H    H N N 66  
ASN H2   H N N 67  
ASN HA   H N N 68  
ASN HB2  H N N 69  
ASN HB3  H N N 70  
ASN HD21 H N N 71  
ASN HD22 H N N 72  
ASN HXT  H N N 73  
ASP N    N N N 74  
ASP CA   C N S 75  
ASP C    C N N 76  
ASP O    O N N 77  
ASP CB   C N N 78  
ASP CG   C N N 79  
ASP OD1  O N N 80  
ASP OD2  O N N 81  
ASP OXT  O N N 82  
ASP H    H N N 83  
ASP H2   H N N 84  
ASP HA   H N N 85  
ASP HB2  H N N 86  
ASP HB3  H N N 87  
ASP HD2  H N N 88  
ASP HXT  H N N 89  
CYS N    N N N 90  
CYS CA   C N R 91  
CYS C    C N N 92  
CYS O    O N N 93  
CYS CB   C N N 94  
CYS SG   S N N 95  
CYS OXT  O N N 96  
CYS H    H N N 97  
CYS H2   H N N 98  
CYS HA   H N N 99  
CYS HB2  H N N 100 
CYS HB3  H N N 101 
CYS HG   H N N 102 
CYS HXT  H N N 103 
GLN N    N N N 104 
GLN CA   C N S 105 
GLN C    C N N 106 
GLN O    O N N 107 
GLN CB   C N N 108 
GLN CG   C N N 109 
GLN CD   C N N 110 
GLN OE1  O N N 111 
GLN NE2  N N N 112 
GLN OXT  O N N 113 
GLN H    H N N 114 
GLN H2   H N N 115 
GLN HA   H N N 116 
GLN HB2  H N N 117 
GLN HB3  H N N 118 
GLN HG2  H N N 119 
GLN HG3  H N N 120 
GLN HE21 H N N 121 
GLN HE22 H N N 122 
GLN HXT  H N N 123 
GLU N    N N N 124 
GLU CA   C N S 125 
GLU C    C N N 126 
GLU O    O N N 127 
GLU CB   C N N 128 
GLU CG   C N N 129 
GLU CD   C N N 130 
GLU OE1  O N N 131 
GLU OE2  O N N 132 
GLU OXT  O N N 133 
GLU H    H N N 134 
GLU H2   H N N 135 
GLU HA   H N N 136 
GLU HB2  H N N 137 
GLU HB3  H N N 138 
GLU HG2  H N N 139 
GLU HG3  H N N 140 
GLU HE2  H N N 141 
GLU HXT  H N N 142 
GLY N    N N N 143 
GLY CA   C N N 144 
GLY C    C N N 145 
GLY O    O N N 146 
GLY OXT  O N N 147 
GLY H    H N N 148 
GLY H2   H N N 149 
GLY HA2  H N N 150 
GLY HA3  H N N 151 
GLY HXT  H N N 152 
HIS N    N N N 153 
HIS CA   C N S 154 
HIS C    C N N 155 
HIS O    O N N 156 
HIS CB   C N N 157 
HIS CG   C Y N 158 
HIS ND1  N Y N 159 
HIS CD2  C Y N 160 
HIS CE1  C Y N 161 
HIS NE2  N Y N 162 
HIS OXT  O N N 163 
HIS H    H N N 164 
HIS H2   H N N 165 
HIS HA   H N N 166 
HIS HB2  H N N 167 
HIS HB3  H N N 168 
HIS HD1  H N N 169 
HIS HD2  H N N 170 
HIS HE1  H N N 171 
HIS HE2  H N N 172 
HIS HXT  H N N 173 
HOH O    O N N 174 
HOH H1   H N N 175 
HOH H2   H N N 176 
ILE N    N N N 177 
ILE CA   C N S 178 
ILE C    C N N 179 
ILE O    O N N 180 
ILE CB   C N S 181 
ILE CG1  C N N 182 
ILE CG2  C N N 183 
ILE CD1  C N N 184 
ILE OXT  O N N 185 
ILE H    H N N 186 
ILE H2   H N N 187 
ILE HA   H N N 188 
ILE HB   H N N 189 
ILE HG12 H N N 190 
ILE HG13 H N N 191 
ILE HG21 H N N 192 
ILE HG22 H N N 193 
ILE HG23 H N N 194 
ILE HD11 H N N 195 
ILE HD12 H N N 196 
ILE HD13 H N N 197 
ILE HXT  H N N 198 
LEU N    N N N 199 
LEU CA   C N S 200 
LEU C    C N N 201 
LEU O    O N N 202 
LEU CB   C N N 203 
LEU CG   C N N 204 
LEU CD1  C N N 205 
LEU CD2  C N N 206 
LEU OXT  O N N 207 
LEU H    H N N 208 
LEU H2   H N N 209 
LEU HA   H N N 210 
LEU HB2  H N N 211 
LEU HB3  H N N 212 
LEU HG   H N N 213 
LEU HD11 H N N 214 
LEU HD12 H N N 215 
LEU HD13 H N N 216 
LEU HD21 H N N 217 
LEU HD22 H N N 218 
LEU HD23 H N N 219 
LEU HXT  H N N 220 
LYS N    N N N 221 
LYS CA   C N S 222 
LYS C    C N N 223 
LYS O    O N N 224 
LYS CB   C N N 225 
LYS CG   C N N 226 
LYS CD   C N N 227 
LYS CE   C N N 228 
LYS NZ   N N N 229 
LYS OXT  O N N 230 
LYS H    H N N 231 
LYS H2   H N N 232 
LYS HA   H N N 233 
LYS HB2  H N N 234 
LYS HB3  H N N 235 
LYS HG2  H N N 236 
LYS HG3  H N N 237 
LYS HD2  H N N 238 
LYS HD3  H N N 239 
LYS HE2  H N N 240 
LYS HE3  H N N 241 
LYS HZ1  H N N 242 
LYS HZ2  H N N 243 
LYS HZ3  H N N 244 
LYS HXT  H N N 245 
MET N    N N N 246 
MET CA   C N S 247 
MET C    C N N 248 
MET O    O N N 249 
MET CB   C N N 250 
MET CG   C N N 251 
MET SD   S N N 252 
MET CE   C N N 253 
MET OXT  O N N 254 
MET H    H N N 255 
MET H2   H N N 256 
MET HA   H N N 257 
MET HB2  H N N 258 
MET HB3  H N N 259 
MET HG2  H N N 260 
MET HG3  H N N 261 
MET HE1  H N N 262 
MET HE2  H N N 263 
MET HE3  H N N 264 
MET HXT  H N N 265 
PHE N    N N N 266 
PHE CA   C N S 267 
PHE C    C N N 268 
PHE O    O N N 269 
PHE CB   C N N 270 
PHE CG   C Y N 271 
PHE CD1  C Y N 272 
PHE CD2  C Y N 273 
PHE CE1  C Y N 274 
PHE CE2  C Y N 275 
PHE CZ   C Y N 276 
PHE OXT  O N N 277 
PHE H    H N N 278 
PHE H2   H N N 279 
PHE HA   H N N 280 
PHE HB2  H N N 281 
PHE HB3  H N N 282 
PHE HD1  H N N 283 
PHE HD2  H N N 284 
PHE HE1  H N N 285 
PHE HE2  H N N 286 
PHE HZ   H N N 287 
PHE HXT  H N N 288 
PRO N    N N N 289 
PRO CA   C N S 290 
PRO C    C N N 291 
PRO O    O N N 292 
PRO CB   C N N 293 
PRO CG   C N N 294 
PRO CD   C N N 295 
PRO OXT  O N N 296 
PRO H    H N N 297 
PRO HA   H N N 298 
PRO HB2  H N N 299 
PRO HB3  H N N 300 
PRO HG2  H N N 301 
PRO HG3  H N N 302 
PRO HD2  H N N 303 
PRO HD3  H N N 304 
PRO HXT  H N N 305 
SER N    N N N 306 
SER CA   C N S 307 
SER C    C N N 308 
SER O    O N N 309 
SER CB   C N N 310 
SER OG   O N N 311 
SER OXT  O N N 312 
SER H    H N N 313 
SER H2   H N N 314 
SER HA   H N N 315 
SER HB2  H N N 316 
SER HB3  H N N 317 
SER HG   H N N 318 
SER HXT  H N N 319 
SO4 S    S N N 320 
SO4 O1   O N N 321 
SO4 O2   O N N 322 
SO4 O3   O N N 323 
SO4 O4   O N N 324 
THR N    N N N 325 
THR CA   C N S 326 
THR C    C N N 327 
THR O    O N N 328 
THR CB   C N R 329 
THR OG1  O N N 330 
THR CG2  C N N 331 
THR OXT  O N N 332 
THR H    H N N 333 
THR H2   H N N 334 
THR HA   H N N 335 
THR HB   H N N 336 
THR HG1  H N N 337 
THR HG21 H N N 338 
THR HG22 H N N 339 
THR HG23 H N N 340 
THR HXT  H N N 341 
TYR N    N N N 342 
TYR CA   C N S 343 
TYR C    C N N 344 
TYR O    O N N 345 
TYR CB   C N N 346 
TYR CG   C Y N 347 
TYR CD1  C Y N 348 
TYR CD2  C Y N 349 
TYR CE1  C Y N 350 
TYR CE2  C Y N 351 
TYR CZ   C Y N 352 
TYR OH   O N N 353 
TYR OXT  O N N 354 
TYR H    H N N 355 
TYR H2   H N N 356 
TYR HA   H N N 357 
TYR HB2  H N N 358 
TYR HB3  H N N 359 
TYR HD1  H N N 360 
TYR HD2  H N N 361 
TYR HE1  H N N 362 
TYR HE2  H N N 363 
TYR HH   H N N 364 
TYR HXT  H N N 365 
VAL N    N N N 366 
VAL CA   C N S 367 
VAL C    C N N 368 
VAL O    O N N 369 
VAL CB   C N N 370 
VAL CG1  C N N 371 
VAL CG2  C N N 372 
VAL OXT  O N N 373 
VAL H    H N N 374 
VAL H2   H N N 375 
VAL HA   H N N 376 
VAL HB   H N N 377 
VAL HG11 H N N 378 
VAL HG12 H N N 379 
VAL HG13 H N N 380 
VAL HG21 H N N 381 
VAL HG22 H N N 382 
VAL HG23 H N N 383 
VAL HXT  H N N 384 
# 
loop_
_chem_comp_bond.comp_id 
_chem_comp_bond.atom_id_1 
_chem_comp_bond.atom_id_2 
_chem_comp_bond.value_order 
_chem_comp_bond.pdbx_aromatic_flag 
_chem_comp_bond.pdbx_stereo_config 
_chem_comp_bond.pdbx_ordinal 
9DA N1  C2   doub Y N 1   
9DA N1  C6   sing Y N 2   
9DA C2  N3   sing Y N 3   
9DA C2  HC2  sing N N 4   
9DA N3  C4   doub Y N 5   
9DA C4  C5   sing Y N 6   
9DA C4  C9   sing Y N 7   
9DA C5  C6   doub Y N 8   
9DA C5  N7   sing Y N 9   
9DA C6  N6   sing N N 10  
9DA N6  HN61 sing N N 11  
9DA N6  HN62 sing N N 12  
9DA N7  C8   sing Y N 13  
9DA N7  HN7  sing N N 14  
9DA C8  C9   doub Y N 15  
9DA C8  HC8  sing N N 16  
9DA C9  HC9  sing N N 17  
ALA N   CA   sing N N 18  
ALA N   H    sing N N 19  
ALA N   H2   sing N N 20  
ALA CA  C    sing N N 21  
ALA CA  CB   sing N N 22  
ALA CA  HA   sing N N 23  
ALA C   O    doub N N 24  
ALA C   OXT  sing N N 25  
ALA CB  HB1  sing N N 26  
ALA CB  HB2  sing N N 27  
ALA CB  HB3  sing N N 28  
ALA OXT HXT  sing N N 29  
ARG N   CA   sing N N 30  
ARG N   H    sing N N 31  
ARG N   H2   sing N N 32  
ARG CA  C    sing N N 33  
ARG CA  CB   sing N N 34  
ARG CA  HA   sing N N 35  
ARG C   O    doub N N 36  
ARG C   OXT  sing N N 37  
ARG CB  CG   sing N N 38  
ARG CB  HB2  sing N N 39  
ARG CB  HB3  sing N N 40  
ARG CG  CD   sing N N 41  
ARG CG  HG2  sing N N 42  
ARG CG  HG3  sing N N 43  
ARG CD  NE   sing N N 44  
ARG CD  HD2  sing N N 45  
ARG CD  HD3  sing N N 46  
ARG NE  CZ   sing N N 47  
ARG NE  HE   sing N N 48  
ARG CZ  NH1  sing N N 49  
ARG CZ  NH2  doub N N 50  
ARG NH1 HH11 sing N N 51  
ARG NH1 HH12 sing N N 52  
ARG NH2 HH21 sing N N 53  
ARG NH2 HH22 sing N N 54  
ARG OXT HXT  sing N N 55  
ASN N   CA   sing N N 56  
ASN N   H    sing N N 57  
ASN N   H2   sing N N 58  
ASN CA  C    sing N N 59  
ASN CA  CB   sing N N 60  
ASN CA  HA   sing N N 61  
ASN C   O    doub N N 62  
ASN C   OXT  sing N N 63  
ASN CB  CG   sing N N 64  
ASN CB  HB2  sing N N 65  
ASN CB  HB3  sing N N 66  
ASN CG  OD1  doub N N 67  
ASN CG  ND2  sing N N 68  
ASN ND2 HD21 sing N N 69  
ASN ND2 HD22 sing N N 70  
ASN OXT HXT  sing N N 71  
ASP N   CA   sing N N 72  
ASP N   H    sing N N 73  
ASP N   H2   sing N N 74  
ASP CA  C    sing N N 75  
ASP CA  CB   sing N N 76  
ASP CA  HA   sing N N 77  
ASP C   O    doub N N 78  
ASP C   OXT  sing N N 79  
ASP CB  CG   sing N N 80  
ASP CB  HB2  sing N N 81  
ASP CB  HB3  sing N N 82  
ASP CG  OD1  doub N N 83  
ASP CG  OD2  sing N N 84  
ASP OD2 HD2  sing N N 85  
ASP OXT HXT  sing N N 86  
CYS N   CA   sing N N 87  
CYS N   H    sing N N 88  
CYS N   H2   sing N N 89  
CYS CA  C    sing N N 90  
CYS CA  CB   sing N N 91  
CYS CA  HA   sing N N 92  
CYS C   O    doub N N 93  
CYS C   OXT  sing N N 94  
CYS CB  SG   sing N N 95  
CYS CB  HB2  sing N N 96  
CYS CB  HB3  sing N N 97  
CYS SG  HG   sing N N 98  
CYS OXT HXT  sing N N 99  
GLN N   CA   sing N N 100 
GLN N   H    sing N N 101 
GLN N   H2   sing N N 102 
GLN CA  C    sing N N 103 
GLN CA  CB   sing N N 104 
GLN CA  HA   sing N N 105 
GLN C   O    doub N N 106 
GLN C   OXT  sing N N 107 
GLN CB  CG   sing N N 108 
GLN CB  HB2  sing N N 109 
GLN CB  HB3  sing N N 110 
GLN CG  CD   sing N N 111 
GLN CG  HG2  sing N N 112 
GLN CG  HG3  sing N N 113 
GLN CD  OE1  doub N N 114 
GLN CD  NE2  sing N N 115 
GLN NE2 HE21 sing N N 116 
GLN NE2 HE22 sing N N 117 
GLN OXT HXT  sing N N 118 
GLU N   CA   sing N N 119 
GLU N   H    sing N N 120 
GLU N   H2   sing N N 121 
GLU CA  C    sing N N 122 
GLU CA  CB   sing N N 123 
GLU CA  HA   sing N N 124 
GLU C   O    doub N N 125 
GLU C   OXT  sing N N 126 
GLU CB  CG   sing N N 127 
GLU CB  HB2  sing N N 128 
GLU CB  HB3  sing N N 129 
GLU CG  CD   sing N N 130 
GLU CG  HG2  sing N N 131 
GLU CG  HG3  sing N N 132 
GLU CD  OE1  doub N N 133 
GLU CD  OE2  sing N N 134 
GLU OE2 HE2  sing N N 135 
GLU OXT HXT  sing N N 136 
GLY N   CA   sing N N 137 
GLY N   H    sing N N 138 
GLY N   H2   sing N N 139 
GLY CA  C    sing N N 140 
GLY CA  HA2  sing N N 141 
GLY CA  HA3  sing N N 142 
GLY C   O    doub N N 143 
GLY C   OXT  sing N N 144 
GLY OXT HXT  sing N N 145 
HIS N   CA   sing N N 146 
HIS N   H    sing N N 147 
HIS N   H2   sing N N 148 
HIS CA  C    sing N N 149 
HIS CA  CB   sing N N 150 
HIS CA  HA   sing N N 151 
HIS C   O    doub N N 152 
HIS C   OXT  sing N N 153 
HIS CB  CG   sing N N 154 
HIS CB  HB2  sing N N 155 
HIS CB  HB3  sing N N 156 
HIS CG  ND1  sing Y N 157 
HIS CG  CD2  doub Y N 158 
HIS ND1 CE1  doub Y N 159 
HIS ND1 HD1  sing N N 160 
HIS CD2 NE2  sing Y N 161 
HIS CD2 HD2  sing N N 162 
HIS CE1 NE2  sing Y N 163 
HIS CE1 HE1  sing N N 164 
HIS NE2 HE2  sing N N 165 
HIS OXT HXT  sing N N 166 
HOH O   H1   sing N N 167 
HOH O   H2   sing N N 168 
ILE N   CA   sing N N 169 
ILE N   H    sing N N 170 
ILE N   H2   sing N N 171 
ILE CA  C    sing N N 172 
ILE CA  CB   sing N N 173 
ILE CA  HA   sing N N 174 
ILE C   O    doub N N 175 
ILE C   OXT  sing N N 176 
ILE CB  CG1  sing N N 177 
ILE CB  CG2  sing N N 178 
ILE CB  HB   sing N N 179 
ILE CG1 CD1  sing N N 180 
ILE CG1 HG12 sing N N 181 
ILE CG1 HG13 sing N N 182 
ILE CG2 HG21 sing N N 183 
ILE CG2 HG22 sing N N 184 
ILE CG2 HG23 sing N N 185 
ILE CD1 HD11 sing N N 186 
ILE CD1 HD12 sing N N 187 
ILE CD1 HD13 sing N N 188 
ILE OXT HXT  sing N N 189 
LEU N   CA   sing N N 190 
LEU N   H    sing N N 191 
LEU N   H2   sing N N 192 
LEU CA  C    sing N N 193 
LEU CA  CB   sing N N 194 
LEU CA  HA   sing N N 195 
LEU C   O    doub N N 196 
LEU C   OXT  sing N N 197 
LEU CB  CG   sing N N 198 
LEU CB  HB2  sing N N 199 
LEU CB  HB3  sing N N 200 
LEU CG  CD1  sing N N 201 
LEU CG  CD2  sing N N 202 
LEU CG  HG   sing N N 203 
LEU CD1 HD11 sing N N 204 
LEU CD1 HD12 sing N N 205 
LEU CD1 HD13 sing N N 206 
LEU CD2 HD21 sing N N 207 
LEU CD2 HD22 sing N N 208 
LEU CD2 HD23 sing N N 209 
LEU OXT HXT  sing N N 210 
LYS N   CA   sing N N 211 
LYS N   H    sing N N 212 
LYS N   H2   sing N N 213 
LYS CA  C    sing N N 214 
LYS CA  CB   sing N N 215 
LYS CA  HA   sing N N 216 
LYS C   O    doub N N 217 
LYS C   OXT  sing N N 218 
LYS CB  CG   sing N N 219 
LYS CB  HB2  sing N N 220 
LYS CB  HB3  sing N N 221 
LYS CG  CD   sing N N 222 
LYS CG  HG2  sing N N 223 
LYS CG  HG3  sing N N 224 
LYS CD  CE   sing N N 225 
LYS CD  HD2  sing N N 226 
LYS CD  HD3  sing N N 227 
LYS CE  NZ   sing N N 228 
LYS CE  HE2  sing N N 229 
LYS CE  HE3  sing N N 230 
LYS NZ  HZ1  sing N N 231 
LYS NZ  HZ2  sing N N 232 
LYS NZ  HZ3  sing N N 233 
LYS OXT HXT  sing N N 234 
MET N   CA   sing N N 235 
MET N   H    sing N N 236 
MET N   H2   sing N N 237 
MET CA  C    sing N N 238 
MET CA  CB   sing N N 239 
MET CA  HA   sing N N 240 
MET C   O    doub N N 241 
MET C   OXT  sing N N 242 
MET CB  CG   sing N N 243 
MET CB  HB2  sing N N 244 
MET CB  HB3  sing N N 245 
MET CG  SD   sing N N 246 
MET CG  HG2  sing N N 247 
MET CG  HG3  sing N N 248 
MET SD  CE   sing N N 249 
MET CE  HE1  sing N N 250 
MET CE  HE2  sing N N 251 
MET CE  HE3  sing N N 252 
MET OXT HXT  sing N N 253 
PHE N   CA   sing N N 254 
PHE N   H    sing N N 255 
PHE N   H2   sing N N 256 
PHE CA  C    sing N N 257 
PHE CA  CB   sing N N 258 
PHE CA  HA   sing N N 259 
PHE C   O    doub N N 260 
PHE C   OXT  sing N N 261 
PHE CB  CG   sing N N 262 
PHE CB  HB2  sing N N 263 
PHE CB  HB3  sing N N 264 
PHE CG  CD1  doub Y N 265 
PHE CG  CD2  sing Y N 266 
PHE CD1 CE1  sing Y N 267 
PHE CD1 HD1  sing N N 268 
PHE CD2 CE2  doub Y N 269 
PHE CD2 HD2  sing N N 270 
PHE CE1 CZ   doub Y N 271 
PHE CE1 HE1  sing N N 272 
PHE CE2 CZ   sing Y N 273 
PHE CE2 HE2  sing N N 274 
PHE CZ  HZ   sing N N 275 
PHE OXT HXT  sing N N 276 
PRO N   CA   sing N N 277 
PRO N   CD   sing N N 278 
PRO N   H    sing N N 279 
PRO CA  C    sing N N 280 
PRO CA  CB   sing N N 281 
PRO CA  HA   sing N N 282 
PRO C   O    doub N N 283 
PRO C   OXT  sing N N 284 
PRO CB  CG   sing N N 285 
PRO CB  HB2  sing N N 286 
PRO CB  HB3  sing N N 287 
PRO CG  CD   sing N N 288 
PRO CG  HG2  sing N N 289 
PRO CG  HG3  sing N N 290 
PRO CD  HD2  sing N N 291 
PRO CD  HD3  sing N N 292 
PRO OXT HXT  sing N N 293 
SER N   CA   sing N N 294 
SER N   H    sing N N 295 
SER N   H2   sing N N 296 
SER CA  C    sing N N 297 
SER CA  CB   sing N N 298 
SER CA  HA   sing N N 299 
SER C   O    doub N N 300 
SER C   OXT  sing N N 301 
SER CB  OG   sing N N 302 
SER CB  HB2  sing N N 303 
SER CB  HB3  sing N N 304 
SER OG  HG   sing N N 305 
SER OXT HXT  sing N N 306 
SO4 S   O1   doub N N 307 
SO4 S   O2   doub N N 308 
SO4 S   O3   sing N N 309 
SO4 S   O4   sing N N 310 
THR N   CA   sing N N 311 
THR N   H    sing N N 312 
THR N   H2   sing N N 313 
THR CA  C    sing N N 314 
THR CA  CB   sing N N 315 
THR CA  HA   sing N N 316 
THR C   O    doub N N 317 
THR C   OXT  sing N N 318 
THR CB  OG1  sing N N 319 
THR CB  CG2  sing N N 320 
THR CB  HB   sing N N 321 
THR OG1 HG1  sing N N 322 
THR CG2 HG21 sing N N 323 
THR CG2 HG22 sing N N 324 
THR CG2 HG23 sing N N 325 
THR OXT HXT  sing N N 326 
TYR N   CA   sing N N 327 
TYR N   H    sing N N 328 
TYR N   H2   sing N N 329 
TYR CA  C    sing N N 330 
TYR CA  CB   sing N N 331 
TYR CA  HA   sing N N 332 
TYR C   O    doub N N 333 
TYR C   OXT  sing N N 334 
TYR CB  CG   sing N N 335 
TYR CB  HB2  sing N N 336 
TYR CB  HB3  sing N N 337 
TYR CG  CD1  doub Y N 338 
TYR CG  CD2  sing Y N 339 
TYR CD1 CE1  sing Y N 340 
TYR CD1 HD1  sing N N 341 
TYR CD2 CE2  doub Y N 342 
TYR CD2 HD2  sing N N 343 
TYR CE1 CZ   doub Y N 344 
TYR CE1 HE1  sing N N 345 
TYR CE2 CZ   sing Y N 346 
TYR CE2 HE2  sing N N 347 
TYR CZ  OH   sing N N 348 
TYR OH  HH   sing N N 349 
TYR OXT HXT  sing N N 350 
VAL N   CA   sing N N 351 
VAL N   H    sing N N 352 
VAL N   H2   sing N N 353 
VAL CA  C    sing N N 354 
VAL CA  CB   sing N N 355 
VAL CA  HA   sing N N 356 
VAL C   O    doub N N 357 
VAL C   OXT  sing N N 358 
VAL CB  CG1  sing N N 359 
VAL CB  CG2  sing N N 360 
VAL CB  HB   sing N N 361 
VAL CG1 HG11 sing N N 362 
VAL CG1 HG12 sing N N 363 
VAL CG1 HG13 sing N N 364 
VAL CG2 HG21 sing N N 365 
VAL CG2 HG22 sing N N 366 
VAL CG2 HG23 sing N N 367 
VAL OXT HXT  sing N N 368 
# 
loop_
_pdbx_entity_nonpoly.entity_id 
_pdbx_entity_nonpoly.name 
_pdbx_entity_nonpoly.comp_id 
2 'SULFATE ION'  SO4 
3 9-DEAZAADENINE 9DA 
4 water          HOH 
# 
_pdbx_initial_refinement_model.id               1 
_pdbx_initial_refinement_model.entity_id_list   ? 
_pdbx_initial_refinement_model.type             'experimental model' 
_pdbx_initial_refinement_model.source_name      PDB 
_pdbx_initial_refinement_model.accession_code   1G2P 
_pdbx_initial_refinement_model.details          'PDB ENTRY 1G2P' 
# 
